data_3G7M
# 
_entry.id   3G7M 
# 
_audit_conform.dict_name       mmcif_pdbx.dic 
_audit_conform.dict_version    5.398 
_audit_conform.dict_location   http://mmcif.pdb.org/dictionaries/ascii/mmcif_pdbx.dic 
# 
loop_
_database_2.database_id 
_database_2.database_code 
_database_2.pdbx_database_accession 
_database_2.pdbx_DOI 
PDB   3G7M         pdb_00003g7m 10.2210/pdb3g7m/pdb 
RCSB  RCSB051524   ?            ?                   
WWPDB D_1000051524 ?            ?                   
# 
loop_
_pdbx_audit_revision_history.ordinal 
_pdbx_audit_revision_history.data_content_type 
_pdbx_audit_revision_history.major_revision 
_pdbx_audit_revision_history.minor_revision 
_pdbx_audit_revision_history.revision_date 
1 'Structure model' 1 0 2010-03-16 
2 'Structure model' 1 1 2011-07-13 
3 'Structure model' 1 2 2011-07-27 
4 'Structure model' 1 3 2021-11-10 
5 'Structure model' 1 4 2023-11-01 
6 'Structure model' 1 5 2024-10-30 
# 
_pdbx_audit_revision_details.ordinal             1 
_pdbx_audit_revision_details.revision_ordinal    1 
_pdbx_audit_revision_details.data_content_type   'Structure model' 
_pdbx_audit_revision_details.provider            repository 
_pdbx_audit_revision_details.type                'Initial release' 
_pdbx_audit_revision_details.description         ? 
_pdbx_audit_revision_details.details             ? 
# 
loop_
_pdbx_audit_revision_group.ordinal 
_pdbx_audit_revision_group.revision_ordinal 
_pdbx_audit_revision_group.data_content_type 
_pdbx_audit_revision_group.group 
1 2 'Structure model' Advisory                    
2 2 'Structure model' 'Version format compliance' 
3 3 'Structure model' 'Database references'       
4 4 'Structure model' 'Data collection'           
5 4 'Structure model' 'Database references'       
6 4 'Structure model' 'Derived calculations'      
7 5 'Structure model' 'Data collection'           
8 5 'Structure model' 'Refinement description'    
9 6 'Structure model' 'Structure summary'         
# 
loop_
_pdbx_audit_revision_category.ordinal 
_pdbx_audit_revision_category.revision_ordinal 
_pdbx_audit_revision_category.data_content_type 
_pdbx_audit_revision_category.category 
1 4 'Structure model' database_2                    
2 4 'Structure model' diffrn_source                 
3 4 'Structure model' struct_ref_seq_dif            
4 4 'Structure model' struct_site                   
5 5 'Structure model' chem_comp_atom                
6 5 'Structure model' chem_comp_bond                
7 5 'Structure model' pdbx_initial_refinement_model 
8 6 'Structure model' pdbx_entry_details            
9 6 'Structure model' pdbx_modification_feature     
# 
loop_
_pdbx_audit_revision_item.ordinal 
_pdbx_audit_revision_item.revision_ordinal 
_pdbx_audit_revision_item.data_content_type 
_pdbx_audit_revision_item.item 
1 4 'Structure model' '_database_2.pdbx_DOI'                 
2 4 'Structure model' '_database_2.pdbx_database_accession'  
3 4 'Structure model' '_diffrn_source.pdbx_synchrotron_site' 
4 4 'Structure model' '_struct_ref_seq_dif.details'          
5 4 'Structure model' '_struct_site.pdbx_auth_asym_id'       
6 4 'Structure model' '_struct_site.pdbx_auth_comp_id'       
7 4 'Structure model' '_struct_site.pdbx_auth_seq_id'        
# 
_pdbx_database_status.status_code                     REL 
_pdbx_database_status.entry_id                        3G7M 
_pdbx_database_status.recvd_initial_deposition_date   2009-02-10 
_pdbx_database_status.deposit_site                    RCSB 
_pdbx_database_status.process_site                    PDBJ 
_pdbx_database_status.status_code_sf                  REL 
_pdbx_database_status.status_code_mr                  ? 
_pdbx_database_status.SG_entry                        . 
_pdbx_database_status.status_code_cs                  ? 
_pdbx_database_status.pdb_format_compatible           Y 
_pdbx_database_status.status_code_nmr_data            ? 
_pdbx_database_status.methods_development_category    ? 
# 
loop_
_audit_author.name 
_audit_author.pdbx_ordinal 
'Vandermarliere, E.' 1 
'Courtin, C.M.'      2 
'Lammens, W.'        3 
'Schoepe, J.'        4 
'Strelkov, S.V.'     5 
# 
_citation.id                        primary 
_citation.title                     
'Crystal structure of the noncompetitive xylanase inhibitor TLXI, member of the small thaumatin-like protein family.' 
_citation.journal_abbrev            Proteins 
_citation.journal_volume            78 
_citation.page_first                2391 
_citation.page_last                 2394 
_citation.year                      2010 
_citation.journal_id_ASTM           PSFGEY 
_citation.country                   US 
_citation.journal_id_ISSN           0887-3585 
_citation.journal_id_CSD            0867 
_citation.book_publisher            ? 
_citation.pdbx_database_id_PubMed   20544973 
_citation.pdbx_database_id_DOI      10.1002/prot.22737 
# 
loop_
_citation_author.citation_id 
_citation_author.name 
_citation_author.ordinal 
_citation_author.identifier_ORCID 
primary 'Vandermarliere, E.' 1  ? 
primary 'Lammens, W.'        2  ? 
primary 'Schoepe, J.'        3  ? 
primary 'Rombouts, S.'       4  ? 
primary 'Fierens, E.'        5  ? 
primary 'Gebruers, K.'       6  ? 
primary 'Volckaert, G.'      7  ? 
primary 'Rabijns, A.'        8  ? 
primary 'Delcour, J.A.'      9  ? 
primary 'Strelkov, S.V.'     10 ? 
primary 'Courtin, C.M.'      11 ? 
# 
loop_
_entity.id 
_entity.type 
_entity.src_method 
_entity.pdbx_description 
_entity.formula_weight 
_entity.pdbx_number_of_molecules 
_entity.pdbx_ec 
_entity.pdbx_mutation 
_entity.pdbx_fragment 
_entity.details 
1 polymer     man 'Xylanase inhibitor TL-XI' 15576.720 1  ? H22A ? ? 
2 non-polymer syn 'SODIUM ION'               22.990    1  ? ?    ? ? 
3 non-polymer syn GLYCEROL                   92.094    1  ? ?    ? ? 
4 water       nat water                      18.015    27 ? ?    ? ? 
# 
_entity_poly.entity_id                      1 
_entity_poly.type                           'polypeptide(L)' 
_entity_poly.nstd_linkage                   no 
_entity_poly.nstd_monomer                   no 
_entity_poly.pdbx_seq_one_letter_code       
;APLTITNRCHFTVWPAVALVLAQGGGGTELHPGASWSLDTPVIGSQYIWGRTGCSFDRAGKGRCQTGDCGGSSLTCGGNP
AVPTTMAEVSVLQGNYTYGVTSTLKGFNVPMNLKCSSGDALPCRKAGCDVVQPYAKSCSAAGSRLQIVFCP
;
_entity_poly.pdbx_seq_one_letter_code_can   
;APLTITNRCHFTVWPAVALVLAQGGGGTELHPGASWSLDTPVIGSQYIWGRTGCSFDRAGKGRCQTGDCGGSSLTCGGNP
AVPTTMAEVSVLQGNYTYGVTSTLKGFNVPMNLKCSSGDALPCRKAGCDVVQPYAKSCSAAGSRLQIVFCP
;
_entity_poly.pdbx_strand_id                 A 
_entity_poly.pdbx_target_identifier         ? 
# 
loop_
_pdbx_entity_nonpoly.entity_id 
_pdbx_entity_nonpoly.name 
_pdbx_entity_nonpoly.comp_id 
2 'SODIUM ION' NA  
3 GLYCEROL     GOL 
4 water        HOH 
# 
loop_
_entity_poly_seq.entity_id 
_entity_poly_seq.num 
_entity_poly_seq.mon_id 
_entity_poly_seq.hetero 
1 1   ALA n 
1 2   PRO n 
1 3   LEU n 
1 4   THR n 
1 5   ILE n 
1 6   THR n 
1 7   ASN n 
1 8   ARG n 
1 9   CYS n 
1 10  HIS n 
1 11  PHE n 
1 12  THR n 
1 13  VAL n 
1 14  TRP n 
1 15  PRO n 
1 16  ALA n 
1 17  VAL n 
1 18  ALA n 
1 19  LEU n 
1 20  VAL n 
1 21  LEU n 
1 22  ALA n 
1 23  GLN n 
1 24  GLY n 
1 25  GLY n 
1 26  GLY n 
1 27  GLY n 
1 28  THR n 
1 29  GLU n 
1 30  LEU n 
1 31  HIS n 
1 32  PRO n 
1 33  GLY n 
1 34  ALA n 
1 35  SER n 
1 36  TRP n 
1 37  SER n 
1 38  LEU n 
1 39  ASP n 
1 40  THR n 
1 41  PRO n 
1 42  VAL n 
1 43  ILE n 
1 44  GLY n 
1 45  SER n 
1 46  GLN n 
1 47  TYR n 
1 48  ILE n 
1 49  TRP n 
1 50  GLY n 
1 51  ARG n 
1 52  THR n 
1 53  GLY n 
1 54  CYS n 
1 55  SER n 
1 56  PHE n 
1 57  ASP n 
1 58  ARG n 
1 59  ALA n 
1 60  GLY n 
1 61  LYS n 
1 62  GLY n 
1 63  ARG n 
1 64  CYS n 
1 65  GLN n 
1 66  THR n 
1 67  GLY n 
1 68  ASP n 
1 69  CYS n 
1 70  GLY n 
1 71  GLY n 
1 72  SER n 
1 73  SER n 
1 74  LEU n 
1 75  THR n 
1 76  CYS n 
1 77  GLY n 
1 78  GLY n 
1 79  ASN n 
1 80  PRO n 
1 81  ALA n 
1 82  VAL n 
1 83  PRO n 
1 84  THR n 
1 85  THR n 
1 86  MET n 
1 87  ALA n 
1 88  GLU n 
1 89  VAL n 
1 90  SER n 
1 91  VAL n 
1 92  LEU n 
1 93  GLN n 
1 94  GLY n 
1 95  ASN n 
1 96  TYR n 
1 97  THR n 
1 98  TYR n 
1 99  GLY n 
1 100 VAL n 
1 101 THR n 
1 102 SER n 
1 103 THR n 
1 104 LEU n 
1 105 LYS n 
1 106 GLY n 
1 107 PHE n 
1 108 ASN n 
1 109 VAL n 
1 110 PRO n 
1 111 MET n 
1 112 ASN n 
1 113 LEU n 
1 114 LYS n 
1 115 CYS n 
1 116 SER n 
1 117 SER n 
1 118 GLY n 
1 119 ASP n 
1 120 ALA n 
1 121 LEU n 
1 122 PRO n 
1 123 CYS n 
1 124 ARG n 
1 125 LYS n 
1 126 ALA n 
1 127 GLY n 
1 128 CYS n 
1 129 ASP n 
1 130 VAL n 
1 131 VAL n 
1 132 GLN n 
1 133 PRO n 
1 134 TYR n 
1 135 ALA n 
1 136 LYS n 
1 137 SER n 
1 138 CYS n 
1 139 SER n 
1 140 ALA n 
1 141 ALA n 
1 142 GLY n 
1 143 SER n 
1 144 ARG n 
1 145 LEU n 
1 146 GLN n 
1 147 ILE n 
1 148 VAL n 
1 149 PHE n 
1 150 CYS n 
1 151 PRO n 
# 
_entity_src_gen.entity_id                          1 
_entity_src_gen.pdbx_src_id                        1 
_entity_src_gen.pdbx_alt_source_flag               sample 
_entity_src_gen.pdbx_seq_type                      ? 
_entity_src_gen.pdbx_beg_seq_num                   ? 
_entity_src_gen.pdbx_end_seq_num                   ? 
_entity_src_gen.gene_src_common_name               Wheat 
_entity_src_gen.gene_src_genus                     ? 
_entity_src_gen.pdbx_gene_src_gene                 tlxi 
_entity_src_gen.gene_src_species                   ? 
_entity_src_gen.gene_src_strain                    ? 
_entity_src_gen.gene_src_tissue                    ? 
_entity_src_gen.gene_src_tissue_fraction           ? 
_entity_src_gen.gene_src_details                   ? 
_entity_src_gen.pdbx_gene_src_fragment             ? 
_entity_src_gen.pdbx_gene_src_scientific_name      'Triticum aestivum' 
_entity_src_gen.pdbx_gene_src_ncbi_taxonomy_id     4565 
_entity_src_gen.pdbx_gene_src_variant              ? 
_entity_src_gen.pdbx_gene_src_cell_line            ? 
_entity_src_gen.pdbx_gene_src_atcc                 ? 
_entity_src_gen.pdbx_gene_src_organ                ? 
_entity_src_gen.pdbx_gene_src_organelle            ? 
_entity_src_gen.pdbx_gene_src_cell                 ? 
_entity_src_gen.pdbx_gene_src_cellular_location    ? 
_entity_src_gen.host_org_common_name               ? 
_entity_src_gen.pdbx_host_org_scientific_name      'Pichia pastoris' 
_entity_src_gen.pdbx_host_org_ncbi_taxonomy_id     4922 
_entity_src_gen.host_org_genus                     ? 
_entity_src_gen.pdbx_host_org_gene                 ? 
_entity_src_gen.pdbx_host_org_organ                ? 
_entity_src_gen.host_org_species                   ? 
_entity_src_gen.pdbx_host_org_tissue               ? 
_entity_src_gen.pdbx_host_org_tissue_fraction      ? 
_entity_src_gen.pdbx_host_org_strain               X33 
_entity_src_gen.pdbx_host_org_variant              ? 
_entity_src_gen.pdbx_host_org_cell_line            ? 
_entity_src_gen.pdbx_host_org_atcc                 ? 
_entity_src_gen.pdbx_host_org_culture_collection   ? 
_entity_src_gen.pdbx_host_org_cell                 ? 
_entity_src_gen.pdbx_host_org_organelle            ? 
_entity_src_gen.pdbx_host_org_cellular_location    ? 
_entity_src_gen.pdbx_host_org_vector_type          ? 
_entity_src_gen.pdbx_host_org_vector               ? 
_entity_src_gen.host_org_details                   ? 
_entity_src_gen.expression_system_id               ? 
_entity_src_gen.plasmid_name                       ? 
_entity_src_gen.plasmid_details                    ? 
_entity_src_gen.pdbx_description                   ? 
# 
loop_
_chem_comp.id 
_chem_comp.type 
_chem_comp.mon_nstd_flag 
_chem_comp.name 
_chem_comp.pdbx_synonyms 
_chem_comp.formula 
_chem_comp.formula_weight 
ALA 'L-peptide linking' y ALANINE         ?                               'C3 H7 N O2'     89.093  
ARG 'L-peptide linking' y ARGININE        ?                               'C6 H15 N4 O2 1' 175.209 
ASN 'L-peptide linking' y ASPARAGINE      ?                               'C4 H8 N2 O3'    132.118 
ASP 'L-peptide linking' y 'ASPARTIC ACID' ?                               'C4 H7 N O4'     133.103 
CYS 'L-peptide linking' y CYSTEINE        ?                               'C3 H7 N O2 S'   121.158 
GLN 'L-peptide linking' y GLUTAMINE       ?                               'C5 H10 N2 O3'   146.144 
GLU 'L-peptide linking' y 'GLUTAMIC ACID' ?                               'C5 H9 N O4'     147.129 
GLY 'peptide linking'   y GLYCINE         ?                               'C2 H5 N O2'     75.067  
GOL non-polymer         . GLYCEROL        'GLYCERIN; PROPANE-1,2,3-TRIOL' 'C3 H8 O3'       92.094  
HIS 'L-peptide linking' y HISTIDINE       ?                               'C6 H10 N3 O2 1' 156.162 
HOH non-polymer         . WATER           ?                               'H2 O'           18.015  
ILE 'L-peptide linking' y ISOLEUCINE      ?                               'C6 H13 N O2'    131.173 
LEU 'L-peptide linking' y LEUCINE         ?                               'C6 H13 N O2'    131.173 
LYS 'L-peptide linking' y LYSINE          ?                               'C6 H15 N2 O2 1' 147.195 
MET 'L-peptide linking' y METHIONINE      ?                               'C5 H11 N O2 S'  149.211 
NA  non-polymer         . 'SODIUM ION'    ?                               'Na 1'           22.990  
PHE 'L-peptide linking' y PHENYLALANINE   ?                               'C9 H11 N O2'    165.189 
PRO 'L-peptide linking' y PROLINE         ?                               'C5 H9 N O2'     115.130 
SER 'L-peptide linking' y SERINE          ?                               'C3 H7 N O3'     105.093 
THR 'L-peptide linking' y THREONINE       ?                               'C4 H9 N O3'     119.119 
TRP 'L-peptide linking' y TRYPTOPHAN      ?                               'C11 H12 N2 O2'  204.225 
TYR 'L-peptide linking' y TYROSINE        ?                               'C9 H11 N O3'    181.189 
VAL 'L-peptide linking' y VALINE          ?                               'C5 H11 N O2'    117.146 
# 
loop_
_pdbx_poly_seq_scheme.asym_id 
_pdbx_poly_seq_scheme.entity_id 
_pdbx_poly_seq_scheme.seq_id 
_pdbx_poly_seq_scheme.mon_id 
_pdbx_poly_seq_scheme.ndb_seq_num 
_pdbx_poly_seq_scheme.pdb_seq_num 
_pdbx_poly_seq_scheme.auth_seq_num 
_pdbx_poly_seq_scheme.pdb_mon_id 
_pdbx_poly_seq_scheme.auth_mon_id 
_pdbx_poly_seq_scheme.pdb_strand_id 
_pdbx_poly_seq_scheme.pdb_ins_code 
_pdbx_poly_seq_scheme.hetero 
A 1 1   ALA 1   1   1   ALA ALA A . n 
A 1 2   PRO 2   2   2   PRO PRO A . n 
A 1 3   LEU 3   3   3   LEU LEU A . n 
A 1 4   THR 4   4   4   THR THR A . n 
A 1 5   ILE 5   5   5   ILE ILE A . n 
A 1 6   THR 6   6   6   THR THR A . n 
A 1 7   ASN 7   7   7   ASN ASN A . n 
A 1 8   ARG 8   8   8   ARG ARG A . n 
A 1 9   CYS 9   9   9   CYS CYS A . n 
A 1 10  HIS 10  10  10  HIS HIS A . n 
A 1 11  PHE 11  11  11  PHE PHE A . n 
A 1 12  THR 12  12  12  THR THR A . n 
A 1 13  VAL 13  13  13  VAL VAL A . n 
A 1 14  TRP 14  14  14  TRP TRP A . n 
A 1 15  PRO 15  15  15  PRO PRO A . n 
A 1 16  ALA 16  16  16  ALA ALA A . n 
A 1 17  VAL 17  17  17  VAL VAL A . n 
A 1 18  ALA 18  18  18  ALA ALA A . n 
A 1 19  LEU 19  19  19  LEU LEU A . n 
A 1 20  VAL 20  20  20  VAL VAL A . n 
A 1 21  LEU 21  21  21  LEU LEU A . n 
A 1 22  ALA 22  22  22  ALA ALA A . n 
A 1 23  GLN 23  23  23  GLN GLN A . n 
A 1 24  GLY 24  24  24  GLY GLY A . n 
A 1 25  GLY 25  25  25  GLY GLY A . n 
A 1 26  GLY 26  26  26  GLY GLY A . n 
A 1 27  GLY 27  27  27  GLY GLY A . n 
A 1 28  THR 28  28  28  THR THR A . n 
A 1 29  GLU 29  29  29  GLU GLU A . n 
A 1 30  LEU 30  30  30  LEU LEU A . n 
A 1 31  HIS 31  31  31  HIS HIS A . n 
A 1 32  PRO 32  32  32  PRO PRO A . n 
A 1 33  GLY 33  33  33  GLY GLY A . n 
A 1 34  ALA 34  34  34  ALA ALA A . n 
A 1 35  SER 35  35  35  SER SER A . n 
A 1 36  TRP 36  36  36  TRP TRP A . n 
A 1 37  SER 37  37  37  SER SER A . n 
A 1 38  LEU 38  38  38  LEU LEU A . n 
A 1 39  ASP 39  39  39  ASP ASP A . n 
A 1 40  THR 40  40  40  THR THR A . n 
A 1 41  PRO 41  41  41  PRO PRO A . n 
A 1 42  VAL 42  42  42  VAL VAL A . n 
A 1 43  ILE 43  43  43  ILE ILE A . n 
A 1 44  GLY 44  44  44  GLY GLY A . n 
A 1 45  SER 45  45  45  SER SER A . n 
A 1 46  GLN 46  46  46  GLN GLN A . n 
A 1 47  TYR 47  47  47  TYR TYR A . n 
A 1 48  ILE 48  48  48  ILE ILE A . n 
A 1 49  TRP 49  49  49  TRP TRP A . n 
A 1 50  GLY 50  50  50  GLY GLY A . n 
A 1 51  ARG 51  51  51  ARG ARG A . n 
A 1 52  THR 52  52  52  THR THR A . n 
A 1 53  GLY 53  53  53  GLY GLY A . n 
A 1 54  CYS 54  54  54  CYS CYS A . n 
A 1 55  SER 55  55  55  SER SER A . n 
A 1 56  PHE 56  56  56  PHE PHE A . n 
A 1 57  ASP 57  57  57  ASP ASP A . n 
A 1 58  ARG 58  58  58  ARG ARG A . n 
A 1 59  ALA 59  59  59  ALA ALA A . n 
A 1 60  GLY 60  60  60  GLY GLY A . n 
A 1 61  LYS 61  61  61  LYS LYS A . n 
A 1 62  GLY 62  62  62  GLY GLY A . n 
A 1 63  ARG 63  63  63  ARG ARG A . n 
A 1 64  CYS 64  64  64  CYS CYS A . n 
A 1 65  GLN 65  65  65  GLN GLN A . n 
A 1 66  THR 66  66  66  THR THR A . n 
A 1 67  GLY 67  67  67  GLY GLY A . n 
A 1 68  ASP 68  68  68  ASP ASP A . n 
A 1 69  CYS 69  69  69  CYS CYS A . n 
A 1 70  GLY 70  70  70  GLY GLY A . n 
A 1 71  GLY 71  71  71  GLY GLY A . n 
A 1 72  SER 72  72  72  SER SER A . n 
A 1 73  SER 73  73  73  SER SER A . n 
A 1 74  LEU 74  74  74  LEU LEU A . n 
A 1 75  THR 75  75  75  THR THR A . n 
A 1 76  CYS 76  76  76  CYS CYS A . n 
A 1 77  GLY 77  77  77  GLY GLY A . n 
A 1 78  GLY 78  78  78  GLY GLY A . n 
A 1 79  ASN 79  79  79  ASN ASN A . n 
A 1 80  PRO 80  80  80  PRO PRO A . n 
A 1 81  ALA 81  81  81  ALA ALA A . n 
A 1 82  VAL 82  82  82  VAL VAL A . n 
A 1 83  PRO 83  83  83  PRO PRO A . n 
A 1 84  THR 84  84  84  THR THR A . n 
A 1 85  THR 85  85  85  THR THR A . n 
A 1 86  MET 86  86  86  MET MET A . n 
A 1 87  ALA 87  87  87  ALA ALA A . n 
A 1 88  GLU 88  88  88  GLU GLU A . n 
A 1 89  VAL 89  89  89  VAL VAL A . n 
A 1 90  SER 90  90  90  SER SER A . n 
A 1 91  VAL 91  91  91  VAL VAL A . n 
A 1 92  LEU 92  92  92  LEU LEU A . n 
A 1 93  GLN 93  93  93  GLN GLN A . n 
A 1 94  GLY 94  94  94  GLY GLY A . n 
A 1 95  ASN 95  95  95  ASN ASN A . n 
A 1 96  TYR 96  96  96  TYR TYR A . n 
A 1 97  THR 97  97  97  THR THR A . n 
A 1 98  TYR 98  98  98  TYR TYR A . n 
A 1 99  GLY 99  99  99  GLY GLY A . n 
A 1 100 VAL 100 100 100 VAL VAL A . n 
A 1 101 THR 101 101 101 THR THR A . n 
A 1 102 SER 102 102 102 SER SER A . n 
A 1 103 THR 103 103 103 THR THR A . n 
A 1 104 LEU 104 104 104 LEU LEU A . n 
A 1 105 LYS 105 105 105 LYS LYS A . n 
A 1 106 GLY 106 106 106 GLY GLY A . n 
A 1 107 PHE 107 107 107 PHE PHE A . n 
A 1 108 ASN 108 108 108 ASN ASN A . n 
A 1 109 VAL 109 109 109 VAL VAL A . n 
A 1 110 PRO 110 110 110 PRO PRO A . n 
A 1 111 MET 111 111 111 MET MET A . n 
A 1 112 ASN 112 112 112 ASN ASN A . n 
A 1 113 LEU 113 113 113 LEU LEU A . n 
A 1 114 LYS 114 114 114 LYS LYS A . n 
A 1 115 CYS 115 115 115 CYS CYS A . n 
A 1 116 SER 116 116 116 SER SER A . n 
A 1 117 SER 117 117 117 SER SER A . n 
A 1 118 GLY 118 118 118 GLY GLY A . n 
A 1 119 ASP 119 119 119 ASP ASP A . n 
A 1 120 ALA 120 120 120 ALA ALA A . n 
A 1 121 LEU 121 121 121 LEU LEU A . n 
A 1 122 PRO 122 122 122 PRO PRO A . n 
A 1 123 CYS 123 123 123 CYS CYS A . n 
A 1 124 ARG 124 124 124 ARG ARG A . n 
A 1 125 LYS 125 125 125 LYS LYS A . n 
A 1 126 ALA 126 126 126 ALA ALA A . n 
A 1 127 GLY 127 127 127 GLY GLY A . n 
A 1 128 CYS 128 128 128 CYS CYS A . n 
A 1 129 ASP 129 129 129 ASP ASP A . n 
A 1 130 VAL 130 130 130 VAL VAL A . n 
A 1 131 VAL 131 131 131 VAL VAL A . n 
A 1 132 GLN 132 132 132 GLN GLN A . n 
A 1 133 PRO 133 133 133 PRO PRO A . n 
A 1 134 TYR 134 134 134 TYR TYR A . n 
A 1 135 ALA 135 135 135 ALA ALA A . n 
A 1 136 LYS 136 136 136 LYS LYS A . n 
A 1 137 SER 137 137 137 SER SER A . n 
A 1 138 CYS 138 138 138 CYS CYS A . n 
A 1 139 SER 139 139 139 SER SER A . n 
A 1 140 ALA 140 140 140 ALA ALA A . n 
A 1 141 ALA 141 141 141 ALA ALA A . n 
A 1 142 GLY 142 142 142 GLY GLY A . n 
A 1 143 SER 143 143 143 SER SER A . n 
A 1 144 ARG 144 144 144 ARG ARG A . n 
A 1 145 LEU 145 145 145 LEU LEU A . n 
A 1 146 GLN 146 146 146 GLN GLN A . n 
A 1 147 ILE 147 147 147 ILE ILE A . n 
A 1 148 VAL 148 148 148 VAL VAL A . n 
A 1 149 PHE 149 149 149 PHE PHE A . n 
A 1 150 CYS 150 150 150 CYS CYS A . n 
A 1 151 PRO 151 151 151 PRO PRO A . n 
# 
loop_
_pdbx_nonpoly_scheme.asym_id 
_pdbx_nonpoly_scheme.entity_id 
_pdbx_nonpoly_scheme.mon_id 
_pdbx_nonpoly_scheme.ndb_seq_num 
_pdbx_nonpoly_scheme.pdb_seq_num 
_pdbx_nonpoly_scheme.auth_seq_num 
_pdbx_nonpoly_scheme.pdb_mon_id 
_pdbx_nonpoly_scheme.auth_mon_id 
_pdbx_nonpoly_scheme.pdb_strand_id 
_pdbx_nonpoly_scheme.pdb_ins_code 
B 2 NA  1  152  1    NA  NA  A . 
C 3 GOL 1  2690 2690 GOL CRY A . 
D 4 HOH 1  153  1    HOH HOH A . 
D 4 HOH 2  154  2    HOH HOH A . 
D 4 HOH 3  155  3    HOH HOH A . 
D 4 HOH 4  156  4    HOH HOH A . 
D 4 HOH 5  157  5    HOH HOH A . 
D 4 HOH 6  158  6    HOH HOH A . 
D 4 HOH 7  159  7    HOH HOH A . 
D 4 HOH 8  160  8    HOH HOH A . 
D 4 HOH 9  161  9    HOH HOH A . 
D 4 HOH 10 162  10   HOH HOH A . 
D 4 HOH 11 163  11   HOH HOH A . 
D 4 HOH 12 164  12   HOH HOH A . 
D 4 HOH 13 165  13   HOH HOH A . 
D 4 HOH 14 166  14   HOH HOH A . 
D 4 HOH 15 167  15   HOH HOH A . 
D 4 HOH 16 168  16   HOH HOH A . 
D 4 HOH 17 169  17   HOH HOH A . 
D 4 HOH 18 170  18   HOH HOH A . 
D 4 HOH 19 171  19   HOH HOH A . 
D 4 HOH 20 172  20   HOH HOH A . 
D 4 HOH 21 173  21   HOH HOH A . 
D 4 HOH 22 174  22   HOH HOH A . 
D 4 HOH 23 175  23   HOH HOH A . 
D 4 HOH 24 176  24   HOH HOH A . 
D 4 HOH 25 177  25   HOH HOH A . 
D 4 HOH 26 178  26   HOH HOH A . 
D 4 HOH 27 179  27   HOH HOH A . 
# 
loop_
_software.name 
_software.classification 
_software.version 
_software.citation_id 
_software.pdbx_ordinal 
MAR345dtb 'data collection' .        ? 1 
PHASER    phasing           .        ? 2 
REFMAC    refinement        5.2.0072 ? 3 
DENZO     'data reduction'  .        ? 4 
SCALEPACK 'data scaling'    .        ? 5 
# 
_cell.entry_id           3G7M 
_cell.length_a           104.019 
_cell.length_b           104.019 
_cell.length_c           30.047 
_cell.angle_alpha        90.00 
_cell.angle_beta         90.00 
_cell.angle_gamma        120.00 
_cell.Z_PDB              6 
_cell.pdbx_unique_axis   ? 
_cell.length_a_esd       ? 
_cell.length_b_esd       ? 
_cell.length_c_esd       ? 
_cell.angle_alpha_esd    ? 
_cell.angle_beta_esd     ? 
_cell.angle_gamma_esd    ? 
# 
_symmetry.entry_id                         3G7M 
_symmetry.space_group_name_H-M             'P 3 2 1' 
_symmetry.pdbx_full_space_group_name_H-M   ? 
_symmetry.cell_setting                     ? 
_symmetry.Int_Tables_number                150 
_symmetry.space_group_name_Hall            ? 
# 
_exptl.entry_id          3G7M 
_exptl.method            'X-RAY DIFFRACTION' 
_exptl.crystals_number   1 
# 
_exptl_crystal.id                    1 
_exptl_crystal.density_meas          ? 
_exptl_crystal.density_Matthews      3.01 
_exptl_crystal.density_percent_sol   59.17 
_exptl_crystal.description           ? 
_exptl_crystal.F_000                 ? 
_exptl_crystal.preparation           ? 
# 
_exptl_crystal_grow.crystal_id      1 
_exptl_crystal_grow.method          'VAPOR DIFFUSION, HANGING DROP' 
_exptl_crystal_grow.temp            277 
_exptl_crystal_grow.temp_details    ? 
_exptl_crystal_grow.pH              4.6 
_exptl_crystal_grow.pdbx_details    
'0.2M ammonium sulfate, 0.1M acetate buffer pH 4.6, 25% PEG 4000, VAPOR DIFFUSION, HANGING DROP, temperature 277K' 
_exptl_crystal_grow.pdbx_pH_range   . 
# 
_diffrn.id                     1 
_diffrn.ambient_temp           100 
_diffrn.ambient_temp_details   ? 
_diffrn.crystal_id             1 
# 
_diffrn_detector.diffrn_id              1 
_diffrn_detector.detector               CCD 
_diffrn_detector.type                   'MAR CCD 165 mm' 
_diffrn_detector.pdbx_collection_date   2006-04-04 
_diffrn_detector.details                ? 
# 
_diffrn_radiation.diffrn_id                        1 
_diffrn_radiation.wavelength_id                    1 
_diffrn_radiation.pdbx_monochromatic_or_laue_m_l   M 
_diffrn_radiation.monochromator                    ? 
_diffrn_radiation.pdbx_diffrn_protocol             'SINGLE WAVELENGTH' 
_diffrn_radiation.pdbx_scattering_type             x-ray 
# 
_diffrn_radiation_wavelength.id           1 
_diffrn_radiation_wavelength.wavelength   0.9762 
_diffrn_radiation_wavelength.wt           1.0 
# 
_diffrn_source.diffrn_id                   1 
_diffrn_source.source                      SYNCHROTRON 
_diffrn_source.type                        'EMBL/DESY, HAMBURG BEAMLINE BW7A' 
_diffrn_source.pdbx_synchrotron_site       'EMBL/DESY, HAMBURG' 
_diffrn_source.pdbx_synchrotron_beamline   BW7A 
_diffrn_source.pdbx_wavelength             ? 
_diffrn_source.pdbx_wavelength_list        0.9762 
# 
_reflns.entry_id                     3G7M 
_reflns.observed_criterion_sigma_I   1.0 
_reflns.observed_criterion_sigma_F   1.0 
_reflns.d_resolution_low             30 
_reflns.d_resolution_high            2.9 
_reflns.number_obs                   4255 
_reflns.number_all                   4257 
_reflns.percent_possible_obs         99.9 
_reflns.pdbx_Rmerge_I_obs            ? 
_reflns.pdbx_Rsym_value              0.081 
_reflns.pdbx_netI_over_sigmaI        12.4 
_reflns.B_iso_Wilson_estimate        ? 
_reflns.pdbx_redundancy              1.9 
_reflns.R_free_details               ? 
_reflns.limit_h_max                  ? 
_reflns.limit_h_min                  ? 
_reflns.limit_k_max                  ? 
_reflns.limit_k_min                  ? 
_reflns.limit_l_max                  ? 
_reflns.limit_l_min                  ? 
_reflns.observed_criterion_F_max     ? 
_reflns.observed_criterion_F_min     ? 
_reflns.pdbx_chi_squared             ? 
_reflns.pdbx_scaling_rejects         ? 
_reflns.pdbx_ordinal                 1 
_reflns.pdbx_diffrn_id               1 
# 
_reflns_shell.d_res_high             2.9 
_reflns_shell.d_res_low              3.1 
_reflns_shell.percent_possible_all   98.1 
_reflns_shell.Rmerge_I_obs           ? 
_reflns_shell.pdbx_Rsym_value        0.286 
_reflns_shell.meanI_over_sigI_obs    4.3 
_reflns_shell.pdbx_redundancy        1.6 
_reflns_shell.percent_possible_obs   ? 
_reflns_shell.number_unique_all      204 
_reflns_shell.number_measured_all    ? 
_reflns_shell.number_measured_obs    ? 
_reflns_shell.number_unique_obs      ? 
_reflns_shell.pdbx_chi_squared       ? 
_reflns_shell.pdbx_ordinal           1 
_reflns_shell.pdbx_diffrn_id         1 
# 
_refine.entry_id                                 3G7M 
_refine.ls_number_reflns_obs                     3433 
_refine.ls_number_reflns_all                     4257 
_refine.pdbx_ls_sigma_I                          ? 
_refine.pdbx_ls_sigma_F                          1.0 
_refine.pdbx_data_cutoff_high_absF               ? 
_refine.pdbx_data_cutoff_low_absF                ? 
_refine.pdbx_data_cutoff_high_rms_absF           ? 
_refine.ls_d_res_low                             19.21 
_refine.ls_d_res_high                            2.91 
_refine.ls_percent_reflns_obs                    99.91 
_refine.ls_R_factor_obs                          0.23948 
_refine.ls_R_factor_all                          ? 
_refine.ls_R_factor_R_work                       0.22822 
_refine.ls_R_factor_R_free                       0.28613 
_refine.ls_R_factor_R_free_error                 ? 
_refine.ls_R_factor_R_free_error_details         ? 
_refine.ls_percent_reflns_R_free                 19.3 
_refine.ls_number_reflns_R_free                  819 
_refine.ls_number_parameters                     ? 
_refine.ls_number_restraints                     ? 
_refine.occupancy_min                            ? 
_refine.occupancy_max                            ? 
_refine.correlation_coeff_Fo_to_Fc               0.882 
_refine.correlation_coeff_Fo_to_Fc_free          0.813 
_refine.B_iso_mean                               21.313 
_refine.aniso_B[1][1]                            -0.09 
_refine.aniso_B[2][2]                            -0.09 
_refine.aniso_B[3][3]                            0.14 
_refine.aniso_B[1][2]                            -0.05 
_refine.aniso_B[1][3]                            0.00 
_refine.aniso_B[2][3]                            0.00 
_refine.solvent_model_details                    'BABINET MODEL WITH MASK' 
_refine.solvent_model_param_ksol                 ? 
_refine.solvent_model_param_bsol                 ? 
_refine.pdbx_solvent_vdw_probe_radii             1.40 
_refine.pdbx_solvent_ion_probe_radii             0.80 
_refine.pdbx_solvent_shrinkage_radii             0.80 
_refine.pdbx_ls_cross_valid_method               THROUGHOUT 
_refine.details                                  'HYDROGENS HAVE BEEN ADDED IN THE RIDING POSITIONS' 
_refine.pdbx_starting_model                      1KWN 
_refine.pdbx_method_to_determine_struct          'MOLECULAR REPLACEMENT' 
_refine.pdbx_isotropic_thermal_model             ? 
_refine.pdbx_stereochemistry_target_values       'MAXIMUM LIKELIHOOD' 
_refine.pdbx_stereochem_target_val_spec_case     ? 
_refine.pdbx_R_Free_selection_details            RANDOM 
_refine.pdbx_overall_ESU_R_Free                  0.512 
_refine.overall_SU_ML                            0.384 
_refine.overall_SU_B                             46.856 
_refine.ls_redundancy_reflns_obs                 ? 
_refine.B_iso_min                                ? 
_refine.B_iso_max                                ? 
_refine.overall_SU_R_Cruickshank_DPI             ? 
_refine.overall_SU_R_free                        ? 
_refine.ls_wR_factor_R_free                      ? 
_refine.ls_wR_factor_R_work                      ? 
_refine.overall_FOM_free_R_set                   ? 
_refine.overall_FOM_work_R_set                   ? 
_refine.pdbx_refine_id                           'X-RAY DIFFRACTION' 
_refine.pdbx_overall_phase_error                 ? 
_refine.pdbx_overall_ESU_R                       ? 
_refine.pdbx_TLS_residual_ADP_flag               'LIKELY RESIDUAL' 
_refine.pdbx_diffrn_id                           1 
_refine.pdbx_overall_SU_R_free_Cruickshank_DPI   ? 
_refine.pdbx_overall_SU_R_Blow_DPI               ? 
_refine.pdbx_overall_SU_R_free_Blow_DPI          ? 
# 
_refine_hist.pdbx_refine_id                   'X-RAY DIFFRACTION' 
_refine_hist.cycle_id                         LAST 
_refine_hist.pdbx_number_atoms_protein        1086 
_refine_hist.pdbx_number_atoms_nucleic_acid   0 
_refine_hist.pdbx_number_atoms_ligand         7 
_refine_hist.number_atoms_solvent             27 
_refine_hist.number_atoms_total               1120 
_refine_hist.d_res_high                       2.91 
_refine_hist.d_res_low                        19.21 
# 
loop_
_refine_ls_restr.type 
_refine_ls_restr.dev_ideal 
_refine_ls_restr.dev_ideal_target 
_refine_ls_restr.weight 
_refine_ls_restr.number 
_refine_ls_restr.pdbx_refine_id 
_refine_ls_restr.pdbx_restraint_function 
r_bond_refined_d             0.017  0.022  ? 1126 'X-RAY DIFFRACTION' ? 
r_bond_other_d               ?      ?      ? ?    'X-RAY DIFFRACTION' ? 
r_angle_refined_deg          1.428  1.963  ? 1534 'X-RAY DIFFRACTION' ? 
r_angle_other_deg            ?      ?      ? ?    'X-RAY DIFFRACTION' ? 
r_dihedral_angle_1_deg       6.247  5.000  ? 150  'X-RAY DIFFRACTION' ? 
r_dihedral_angle_2_deg       35.808 23.243 ? 37   'X-RAY DIFFRACTION' ? 
r_dihedral_angle_3_deg       14.770 15.000 ? 161  'X-RAY DIFFRACTION' ? 
r_dihedral_angle_4_deg       11.992 15.000 ? 6    'X-RAY DIFFRACTION' ? 
r_chiral_restr               0.089  0.200  ? 172  'X-RAY DIFFRACTION' ? 
r_gen_planes_refined         0.006  0.021  ? 848  'X-RAY DIFFRACTION' ? 
r_gen_planes_other           ?      ?      ? ?    'X-RAY DIFFRACTION' ? 
r_nbd_refined                ?      ?      ? ?    'X-RAY DIFFRACTION' ? 
r_nbd_other                  ?      ?      ? ?    'X-RAY DIFFRACTION' ? 
r_nbtor_refined              ?      ?      ? ?    'X-RAY DIFFRACTION' ? 
r_nbtor_other                ?      ?      ? ?    'X-RAY DIFFRACTION' ? 
r_xyhbond_nbd_refined        ?      ?      ? ?    'X-RAY DIFFRACTION' ? 
r_xyhbond_nbd_other          ?      ?      ? ?    'X-RAY DIFFRACTION' ? 
r_metal_ion_refined          ?      ?      ? ?    'X-RAY DIFFRACTION' ? 
r_metal_ion_other            ?      ?      ? ?    'X-RAY DIFFRACTION' ? 
r_symmetry_vdw_refined       ?      ?      ? ?    'X-RAY DIFFRACTION' ? 
r_symmetry_vdw_other         ?      ?      ? ?    'X-RAY DIFFRACTION' ? 
r_symmetry_hbond_refined     ?      ?      ? ?    'X-RAY DIFFRACTION' ? 
r_symmetry_hbond_other       ?      ?      ? ?    'X-RAY DIFFRACTION' ? 
r_symmetry_metal_ion_refined ?      ?      ? ?    'X-RAY DIFFRACTION' ? 
r_symmetry_metal_ion_other   ?      ?      ? ?    'X-RAY DIFFRACTION' ? 
r_mcbond_it                  0.420  1.500  ? 744  'X-RAY DIFFRACTION' ? 
r_mcbond_other               ?      ?      ? ?    'X-RAY DIFFRACTION' ? 
r_mcangle_it                 0.766  2.000  ? 1190 'X-RAY DIFFRACTION' ? 
r_scbond_it                  1.179  3.000  ? 382  'X-RAY DIFFRACTION' ? 
r_scangle_it                 1.991  4.500  ? 344  'X-RAY DIFFRACTION' ? 
r_rigid_bond_restr           ?      ?      ? ?    'X-RAY DIFFRACTION' ? 
r_sphericity_free            ?      ?      ? ?    'X-RAY DIFFRACTION' ? 
r_sphericity_bonded          ?      ?      ? ?    'X-RAY DIFFRACTION' ? 
# 
_refine_ls_shell.pdbx_total_number_of_bins_used   20 
_refine_ls_shell.d_res_high                       2.906 
_refine_ls_shell.d_res_low                        2.980 
_refine_ls_shell.number_reflns_R_work             245 
_refine_ls_shell.R_factor_R_work                  0.324 
_refine_ls_shell.percent_reflns_obs               98.69 
_refine_ls_shell.R_factor_R_free                  0.437 
_refine_ls_shell.R_factor_R_free_error            ? 
_refine_ls_shell.percent_reflns_R_free            ? 
_refine_ls_shell.number_reflns_R_free             57 
_refine_ls_shell.number_reflns_all                ? 
_refine_ls_shell.R_factor_all                     ? 
_refine_ls_shell.number_reflns_obs                ? 
_refine_ls_shell.redundancy_reflns_obs            ? 
_refine_ls_shell.pdbx_refine_id                   'X-RAY DIFFRACTION' 
# 
_struct.entry_id                  3G7M 
_struct.title                     'Structure of the thaumatin-like xylanase inhibitor TLXI' 
_struct.pdbx_model_details        ? 
_struct.pdbx_CASP_flag            ? 
_struct.pdbx_model_type_details   ? 
# 
_struct_keywords.entry_id        3G7M 
_struct_keywords.pdbx_keywords   'HYDROLASE INHIBITOR' 
_struct_keywords.text            'beta-sheets, Xylan degradation, HYDROLASE INHIBITOR' 
# 
loop_
_struct_asym.id 
_struct_asym.pdbx_blank_PDB_chainid_flag 
_struct_asym.pdbx_modified 
_struct_asym.entity_id 
_struct_asym.details 
A N N 1 ? 
B N N 2 ? 
C N N 3 ? 
D N N 4 ? 
# 
_struct_ref.id                         1 
_struct_ref.db_name                    UNP 
_struct_ref.db_code                    Q0WX48_WHEAT 
_struct_ref.pdbx_db_accession          Q0WX48 
_struct_ref.entity_id                  1 
_struct_ref.pdbx_seq_one_letter_code   
;APLTITNRCHFTVWPAVALVLHQGGGGTELHPGASWSLDTPVIGSQYIWGRTGCSFDRAGKGRCQTGDCGGSSLTCGGNP
AVPVTMAEVSVLQGNYTYGVTSTLKGFNLPMDLKCSSGDALPCRKAGCDVVQPYAKSCSAAGSRLQIVFCP
;
_struct_ref.pdbx_align_begin           1 
_struct_ref.pdbx_db_isoform            ? 
# 
_struct_ref_seq.align_id                      1 
_struct_ref_seq.ref_id                        1 
_struct_ref_seq.pdbx_PDB_id_code              3G7M 
_struct_ref_seq.pdbx_strand_id                A 
_struct_ref_seq.seq_align_beg                 1 
_struct_ref_seq.pdbx_seq_align_beg_ins_code   ? 
_struct_ref_seq.seq_align_end                 151 
_struct_ref_seq.pdbx_seq_align_end_ins_code   ? 
_struct_ref_seq.pdbx_db_accession             Q0WX48 
_struct_ref_seq.db_align_beg                  1 
_struct_ref_seq.pdbx_db_align_beg_ins_code    ? 
_struct_ref_seq.db_align_end                  151 
_struct_ref_seq.pdbx_db_align_end_ins_code    ? 
_struct_ref_seq.pdbx_auth_seq_align_beg       1 
_struct_ref_seq.pdbx_auth_seq_align_end       151 
# 
loop_
_struct_ref_seq_dif.align_id 
_struct_ref_seq_dif.pdbx_pdb_id_code 
_struct_ref_seq_dif.mon_id 
_struct_ref_seq_dif.pdbx_pdb_strand_id 
_struct_ref_seq_dif.seq_num 
_struct_ref_seq_dif.pdbx_pdb_ins_code 
_struct_ref_seq_dif.pdbx_seq_db_name 
_struct_ref_seq_dif.pdbx_seq_db_accession_code 
_struct_ref_seq_dif.db_mon_id 
_struct_ref_seq_dif.pdbx_seq_db_seq_num 
_struct_ref_seq_dif.details 
_struct_ref_seq_dif.pdbx_auth_seq_num 
_struct_ref_seq_dif.pdbx_ordinal 
1 3G7M ALA A 22  ? UNP Q0WX48 HIS 22  'engineered mutation' 22  1 
1 3G7M THR A 84  ? UNP Q0WX48 VAL 84  'engineered mutation' 84  2 
1 3G7M VAL A 109 ? UNP Q0WX48 LEU 109 'engineered mutation' 109 3 
1 3G7M ASN A 112 ? UNP Q0WX48 ASP 112 'engineered mutation' 112 4 
# 
loop_
_pdbx_struct_assembly.id 
_pdbx_struct_assembly.details 
_pdbx_struct_assembly.method_details 
_pdbx_struct_assembly.oligomeric_details 
_pdbx_struct_assembly.oligomeric_count 
1 author_defined_assembly   ?    monomeric 1 
2 software_defined_assembly PISA dimeric   2 
# 
loop_
_pdbx_struct_assembly_prop.biol_id 
_pdbx_struct_assembly_prop.type 
_pdbx_struct_assembly_prop.value 
_pdbx_struct_assembly_prop.details 
2 'ABSA (A^2)' 2390  ? 
2 MORE         -21   ? 
2 'SSA (A^2)'  13000 ? 
# 
loop_
_pdbx_struct_assembly_gen.assembly_id 
_pdbx_struct_assembly_gen.oper_expression 
_pdbx_struct_assembly_gen.asym_id_list 
1 1   A,B,C,D 
2 1,2 A,B,C,D 
# 
loop_
_pdbx_struct_oper_list.id 
_pdbx_struct_oper_list.type 
_pdbx_struct_oper_list.name 
_pdbx_struct_oper_list.symmetry_operation 
_pdbx_struct_oper_list.matrix[1][1] 
_pdbx_struct_oper_list.matrix[1][2] 
_pdbx_struct_oper_list.matrix[1][3] 
_pdbx_struct_oper_list.vector[1] 
_pdbx_struct_oper_list.matrix[2][1] 
_pdbx_struct_oper_list.matrix[2][2] 
_pdbx_struct_oper_list.matrix[2][3] 
_pdbx_struct_oper_list.vector[2] 
_pdbx_struct_oper_list.matrix[3][1] 
_pdbx_struct_oper_list.matrix[3][2] 
_pdbx_struct_oper_list.matrix[3][3] 
_pdbx_struct_oper_list.vector[3] 
1 'identity operation'         1_555 x,y,z       1.0000000000  0.0000000000 0.0000000000  0.0000000000   0.0000000000 1.0000000000 0.0000000000  0.0000000000  0.0000000000  0.0000000000  1.0000000000  0.0000000000   
2 'crystal symmetry operation' 5_554 x-y,-y,-z-1 -0.9692833581 0.1935062709 -0.1518061091 -20.6679231056 0.1935062709 0.2190355000 -0.9563361192 -6.2977622905 -0.1518061091 -0.9563361192 -0.2497521418 -12.2096910227 
# 
_struct_biol.id        1 
_struct_biol.details   ? 
# 
loop_
_struct_conn.id 
_struct_conn.conn_type_id 
_struct_conn.pdbx_leaving_atom_flag 
_struct_conn.pdbx_PDB_id 
_struct_conn.ptnr1_label_asym_id 
_struct_conn.ptnr1_label_comp_id 
_struct_conn.ptnr1_label_seq_id 
_struct_conn.ptnr1_label_atom_id 
_struct_conn.pdbx_ptnr1_label_alt_id 
_struct_conn.pdbx_ptnr1_PDB_ins_code 
_struct_conn.pdbx_ptnr1_standard_comp_id 
_struct_conn.ptnr1_symmetry 
_struct_conn.ptnr2_label_asym_id 
_struct_conn.ptnr2_label_comp_id 
_struct_conn.ptnr2_label_seq_id 
_struct_conn.ptnr2_label_atom_id 
_struct_conn.pdbx_ptnr2_label_alt_id 
_struct_conn.pdbx_ptnr2_PDB_ins_code 
_struct_conn.ptnr1_auth_asym_id 
_struct_conn.ptnr1_auth_comp_id 
_struct_conn.ptnr1_auth_seq_id 
_struct_conn.ptnr2_auth_asym_id 
_struct_conn.ptnr2_auth_comp_id 
_struct_conn.ptnr2_auth_seq_id 
_struct_conn.ptnr2_symmetry 
_struct_conn.pdbx_ptnr3_label_atom_id 
_struct_conn.pdbx_ptnr3_label_seq_id 
_struct_conn.pdbx_ptnr3_label_comp_id 
_struct_conn.pdbx_ptnr3_label_asym_id 
_struct_conn.pdbx_ptnr3_label_alt_id 
_struct_conn.pdbx_ptnr3_PDB_ins_code 
_struct_conn.details 
_struct_conn.pdbx_dist_value 
_struct_conn.pdbx_value_order 
_struct_conn.pdbx_role 
disulf1 disulf ? ? A CYS 9   SG ? ? ? 1_555 A CYS 150 SG ? ? A CYS 9   A CYS 150 1_555 ? ? ? ? ? ? ? 2.053 ? ? 
disulf2 disulf ? ? A CYS 54  SG ? ? ? 1_555 A CYS 64  SG ? ? A CYS 54  A CYS 64  1_555 ? ? ? ? ? ? ? 2.058 ? ? 
disulf3 disulf ? ? A CYS 69  SG ? ? ? 1_555 A CYS 76  SG ? ? A CYS 69  A CYS 76  1_555 ? ? ? ? ? ? ? 2.055 ? ? 
disulf4 disulf ? ? A CYS 115 SG ? ? ? 1_555 A CYS 138 SG ? ? A CYS 115 A CYS 138 1_555 ? ? ? ? ? ? ? 2.048 ? ? 
disulf5 disulf ? ? A CYS 123 SG ? ? ? 1_555 A CYS 128 SG ? ? A CYS 123 A CYS 128 1_555 ? ? ? ? ? ? ? 2.073 ? ? 
# 
_struct_conn_type.id          disulf 
_struct_conn_type.criteria    ? 
_struct_conn_type.reference   ? 
# 
loop_
_pdbx_modification_feature.ordinal 
_pdbx_modification_feature.label_comp_id 
_pdbx_modification_feature.label_asym_id 
_pdbx_modification_feature.label_seq_id 
_pdbx_modification_feature.label_alt_id 
_pdbx_modification_feature.modified_residue_label_comp_id 
_pdbx_modification_feature.modified_residue_label_asym_id 
_pdbx_modification_feature.modified_residue_label_seq_id 
_pdbx_modification_feature.modified_residue_label_alt_id 
_pdbx_modification_feature.auth_comp_id 
_pdbx_modification_feature.auth_asym_id 
_pdbx_modification_feature.auth_seq_id 
_pdbx_modification_feature.PDB_ins_code 
_pdbx_modification_feature.symmetry 
_pdbx_modification_feature.modified_residue_auth_comp_id 
_pdbx_modification_feature.modified_residue_auth_asym_id 
_pdbx_modification_feature.modified_residue_auth_seq_id 
_pdbx_modification_feature.modified_residue_PDB_ins_code 
_pdbx_modification_feature.modified_residue_symmetry 
_pdbx_modification_feature.comp_id_linking_atom 
_pdbx_modification_feature.modified_residue_id_linking_atom 
_pdbx_modification_feature.modified_residue_id 
_pdbx_modification_feature.ref_pcm_id 
_pdbx_modification_feature.ref_comp_id 
_pdbx_modification_feature.type 
_pdbx_modification_feature.category 
1 CYS A 9   ? CYS A 150 ? CYS A 9   ? 1_555 CYS A 150 ? 1_555 SG SG . . . None 'Disulfide bridge' 
2 CYS A 54  ? CYS A 64  ? CYS A 54  ? 1_555 CYS A 64  ? 1_555 SG SG . . . None 'Disulfide bridge' 
3 CYS A 69  ? CYS A 76  ? CYS A 69  ? 1_555 CYS A 76  ? 1_555 SG SG . . . None 'Disulfide bridge' 
4 CYS A 115 ? CYS A 138 ? CYS A 115 ? 1_555 CYS A 138 ? 1_555 SG SG . . . None 'Disulfide bridge' 
5 CYS A 123 ? CYS A 128 ? CYS A 123 ? 1_555 CYS A 128 ? 1_555 SG SG . . . None 'Disulfide bridge' 
# 
loop_
_struct_mon_prot_cis.pdbx_id 
_struct_mon_prot_cis.label_comp_id 
_struct_mon_prot_cis.label_seq_id 
_struct_mon_prot_cis.label_asym_id 
_struct_mon_prot_cis.label_alt_id 
_struct_mon_prot_cis.pdbx_PDB_ins_code 
_struct_mon_prot_cis.auth_comp_id 
_struct_mon_prot_cis.auth_seq_id 
_struct_mon_prot_cis.auth_asym_id 
_struct_mon_prot_cis.pdbx_label_comp_id_2 
_struct_mon_prot_cis.pdbx_label_seq_id_2 
_struct_mon_prot_cis.pdbx_label_asym_id_2 
_struct_mon_prot_cis.pdbx_PDB_ins_code_2 
_struct_mon_prot_cis.pdbx_auth_comp_id_2 
_struct_mon_prot_cis.pdbx_auth_seq_id_2 
_struct_mon_prot_cis.pdbx_auth_asym_id_2 
_struct_mon_prot_cis.pdbx_PDB_model_num 
_struct_mon_prot_cis.pdbx_omega_angle 
1 ALA 1   A . ? ALA 1   A PRO 2   A ? PRO 2   A 1 -1.93 
2 ALA 59  A . ? ALA 59  A GLY 60  A ? GLY 60  A 1 -1.31 
3 CYS 76  A . ? CYS 76  A GLY 77  A ? GLY 77  A 1 3.26  
4 VAL 82  A . ? VAL 82  A PRO 83  A ? PRO 83  A 1 3.26  
5 GLN 132 A . ? GLN 132 A PRO 133 A ? PRO 133 A 1 8.03  
# 
loop_
_struct_sheet.id 
_struct_sheet.type 
_struct_sheet.number_strands 
_struct_sheet.details 
A ? 5 ? 
B ? 6 ? 
C ? 2 ? 
# 
loop_
_struct_sheet_order.sheet_id 
_struct_sheet_order.range_id_1 
_struct_sheet_order.range_id_2 
_struct_sheet_order.offset 
_struct_sheet_order.sense 
A 1 2 ? anti-parallel 
A 2 3 ? parallel      
A 3 4 ? anti-parallel 
A 4 5 ? anti-parallel 
B 1 2 ? anti-parallel 
B 2 3 ? anti-parallel 
B 3 4 ? anti-parallel 
B 4 5 ? anti-parallel 
B 5 6 ? anti-parallel 
C 1 2 ? anti-parallel 
# 
loop_
_struct_sheet_range.sheet_id 
_struct_sheet_range.id 
_struct_sheet_range.beg_label_comp_id 
_struct_sheet_range.beg_label_asym_id 
_struct_sheet_range.beg_label_seq_id 
_struct_sheet_range.pdbx_beg_PDB_ins_code 
_struct_sheet_range.end_label_comp_id 
_struct_sheet_range.end_label_asym_id 
_struct_sheet_range.end_label_seq_id 
_struct_sheet_range.pdbx_end_PDB_ins_code 
_struct_sheet_range.beg_auth_comp_id 
_struct_sheet_range.beg_auth_asym_id 
_struct_sheet_range.beg_auth_seq_id 
_struct_sheet_range.end_auth_comp_id 
_struct_sheet_range.end_auth_asym_id 
_struct_sheet_range.end_auth_seq_id 
A 1 SER A 35  ? LEU A 38  ? SER A 35  LEU A 38  
A 2 LEU A 3   ? ASN A 7   ? LEU A 3   ASN A 7   
A 3 LEU A 145 ? PHE A 149 ? LEU A 145 PHE A 149 
A 4 MET A 111 ? CYS A 115 ? MET A 111 CYS A 115 
A 5 LEU A 121 ? CYS A 123 ? LEU A 121 CYS A 123 
B 1 GLY A 26  ? GLY A 27  ? GLY A 26  GLY A 27  
B 2 VAL A 13  ? LEU A 19  ? VAL A 13  LEU A 19  
B 3 GLY A 44  ? THR A 52  ? GLY A 44  THR A 52  
B 4 MET A 86  ? VAL A 91  ? MET A 86  VAL A 91  
B 5 ASN A 95  ? THR A 101 ? ASN A 95  THR A 101 
B 6 ALA A 135 ? SER A 139 ? ALA A 135 SER A 139 
C 1 SER A 55  ? PHE A 56  ? SER A 55  PHE A 56  
C 2 GLY A 62  ? ARG A 63  ? GLY A 62  ARG A 63  
# 
loop_
_pdbx_struct_sheet_hbond.sheet_id 
_pdbx_struct_sheet_hbond.range_id_1 
_pdbx_struct_sheet_hbond.range_id_2 
_pdbx_struct_sheet_hbond.range_1_label_atom_id 
_pdbx_struct_sheet_hbond.range_1_label_comp_id 
_pdbx_struct_sheet_hbond.range_1_label_asym_id 
_pdbx_struct_sheet_hbond.range_1_label_seq_id 
_pdbx_struct_sheet_hbond.range_1_PDB_ins_code 
_pdbx_struct_sheet_hbond.range_1_auth_atom_id 
_pdbx_struct_sheet_hbond.range_1_auth_comp_id 
_pdbx_struct_sheet_hbond.range_1_auth_asym_id 
_pdbx_struct_sheet_hbond.range_1_auth_seq_id 
_pdbx_struct_sheet_hbond.range_2_label_atom_id 
_pdbx_struct_sheet_hbond.range_2_label_comp_id 
_pdbx_struct_sheet_hbond.range_2_label_asym_id 
_pdbx_struct_sheet_hbond.range_2_label_seq_id 
_pdbx_struct_sheet_hbond.range_2_PDB_ins_code 
_pdbx_struct_sheet_hbond.range_2_auth_atom_id 
_pdbx_struct_sheet_hbond.range_2_auth_comp_id 
_pdbx_struct_sheet_hbond.range_2_auth_asym_id 
_pdbx_struct_sheet_hbond.range_2_auth_seq_id 
A 1 2 O LEU A 38  ? O LEU A 38  N LEU A 3   ? N LEU A 3   
A 2 3 N THR A 6   ? N THR A 6   O ILE A 147 ? O ILE A 147 
A 3 4 O GLN A 146 ? O GLN A 146 N LYS A 114 ? N LYS A 114 
A 4 5 N MET A 111 ? N MET A 111 O CYS A 123 ? O CYS A 123 
B 1 2 O GLY A 26  ? O GLY A 26  N VAL A 17  ? N VAL A 17  
B 2 3 N ALA A 18  ? N ALA A 18  O TYR A 47  ? O TYR A 47  
B 3 4 N ILE A 48  ? N ILE A 48  O ALA A 87  ? O ALA A 87  
B 4 5 N GLU A 88  ? N GLU A 88  O GLY A 99  ? O GLY A 99  
B 5 6 N TYR A 96  ? N TYR A 96  O CYS A 138 ? O CYS A 138 
C 1 2 N SER A 55  ? N SER A 55  O ARG A 63  ? O ARG A 63  
# 
loop_
_struct_site.id 
_struct_site.pdbx_evidence_code 
_struct_site.pdbx_auth_asym_id 
_struct_site.pdbx_auth_comp_id 
_struct_site.pdbx_auth_seq_id 
_struct_site.pdbx_auth_ins_code 
_struct_site.pdbx_num_residues 
_struct_site.details 
AC1 Software A NA  152  ? 1  'BINDING SITE FOR RESIDUE NA A 152'   
AC2 Software A GOL 2690 ? 10 'BINDING SITE FOR RESIDUE GOL A 2690' 
# 
loop_
_struct_site_gen.id 
_struct_site_gen.site_id 
_struct_site_gen.pdbx_num_res 
_struct_site_gen.label_comp_id 
_struct_site_gen.label_asym_id 
_struct_site_gen.label_seq_id 
_struct_site_gen.pdbx_auth_ins_code 
_struct_site_gen.auth_comp_id 
_struct_site_gen.auth_asym_id 
_struct_site_gen.auth_seq_id 
_struct_site_gen.label_atom_id 
_struct_site_gen.label_alt_id 
_struct_site_gen.symmetry 
_struct_site_gen.details 
1  AC1 1  SER A 72  ? SER A 72  . ? 1_555 ? 
2  AC2 10 VAL A 20  ? VAL A 20  . ? 1_555 ? 
3  AC2 10 LEU A 21  ? LEU A 21  . ? 1_555 ? 
4  AC2 10 GLY A 44  ? GLY A 44  . ? 1_555 ? 
5  AC2 10 SER A 45  ? SER A 45  . ? 1_555 ? 
6  AC2 10 GLU A 88  ? GLU A 88  . ? 5_554 ? 
7  AC2 10 SER A 90  ? SER A 90  . ? 5_554 ? 
8  AC2 10 THR A 97  ? THR A 97  . ? 5_554 ? 
9  AC2 10 GLY A 99  ? GLY A 99  . ? 5_554 ? 
10 AC2 10 GLN A 132 ? GLN A 132 . ? 5_554 ? 
11 AC2 10 ALA A 135 ? ALA A 135 . ? 5_554 ? 
# 
_pdbx_entry_details.entry_id                   3G7M 
_pdbx_entry_details.compound_details           ? 
_pdbx_entry_details.source_details             ? 
_pdbx_entry_details.nonpolymer_details         ? 
_pdbx_entry_details.sequence_details           ? 
_pdbx_entry_details.has_ligand_of_interest     ? 
_pdbx_entry_details.has_protein_modification   Y 
# 
loop_
_pdbx_validate_torsion.id 
_pdbx_validate_torsion.PDB_model_num 
_pdbx_validate_torsion.auth_comp_id 
_pdbx_validate_torsion.auth_asym_id 
_pdbx_validate_torsion.auth_seq_id 
_pdbx_validate_torsion.PDB_ins_code 
_pdbx_validate_torsion.label_alt_id 
_pdbx_validate_torsion.phi 
_pdbx_validate_torsion.psi 
1 1 LEU A 74  ? ? -76.50  43.46  
2 1 CYS A 76  ? ? -129.52 -61.43 
3 1 ASN A 79  ? ? -112.95 74.39  
4 1 GLN A 93  ? ? -44.95  102.68 
5 1 CYS A 123 ? ? -151.65 83.74  
# 
_pdbx_struct_special_symmetry.id              1 
_pdbx_struct_special_symmetry.PDB_model_num   1 
_pdbx_struct_special_symmetry.auth_asym_id    A 
_pdbx_struct_special_symmetry.auth_comp_id    HOH 
_pdbx_struct_special_symmetry.auth_seq_id     161 
_pdbx_struct_special_symmetry.PDB_ins_code    ? 
_pdbx_struct_special_symmetry.label_asym_id   D 
_pdbx_struct_special_symmetry.label_comp_id   HOH 
_pdbx_struct_special_symmetry.label_seq_id    . 
# 
_pdbx_refine_tls.pdbx_refine_id   'X-RAY DIFFRACTION' 
_pdbx_refine_tls.id               1 
_pdbx_refine_tls.details          ? 
_pdbx_refine_tls.method           refined 
_pdbx_refine_tls.origin_x         0.1787 
_pdbx_refine_tls.origin_y         0.1029 
_pdbx_refine_tls.origin_z         0.2340 
_pdbx_refine_tls.T[1][1]          0.0546 
_pdbx_refine_tls.T[2][2]          0.0751 
_pdbx_refine_tls.T[3][3]          0.0610 
_pdbx_refine_tls.T[1][2]          -0.0436 
_pdbx_refine_tls.T[1][3]          0.0051 
_pdbx_refine_tls.T[2][3]          -0.0144 
_pdbx_refine_tls.L[1][1]          2.9697 
_pdbx_refine_tls.L[2][2]          1.4954 
_pdbx_refine_tls.L[3][3]          3.1888 
_pdbx_refine_tls.L[1][2]          -1.1418 
_pdbx_refine_tls.L[1][3]          1.2242 
_pdbx_refine_tls.L[2][3]          -0.0700 
_pdbx_refine_tls.S[1][1]          0.0765 
_pdbx_refine_tls.S[1][2]          0.2382 
_pdbx_refine_tls.S[1][3]          -0.0895 
_pdbx_refine_tls.S[2][1]          -0.1680 
_pdbx_refine_tls.S[2][2]          -0.0390 
_pdbx_refine_tls.S[2][3]          -0.0009 
_pdbx_refine_tls.S[3][1]          -0.0106 
_pdbx_refine_tls.S[3][2]          0.0981 
_pdbx_refine_tls.S[3][3]          -0.0376 
# 
_pdbx_refine_tls_group.pdbx_refine_id      'X-RAY DIFFRACTION' 
_pdbx_refine_tls_group.id                  1 
_pdbx_refine_tls_group.refine_tls_id       1 
_pdbx_refine_tls_group.beg_auth_asym_id    A 
_pdbx_refine_tls_group.beg_auth_seq_id     1 
_pdbx_refine_tls_group.beg_label_asym_id   ? 
_pdbx_refine_tls_group.beg_label_seq_id    ? 
_pdbx_refine_tls_group.end_auth_asym_id    A 
_pdbx_refine_tls_group.end_auth_seq_id     151 
_pdbx_refine_tls_group.end_label_asym_id   ? 
_pdbx_refine_tls_group.end_label_seq_id    ? 
_pdbx_refine_tls_group.selection           ? 
_pdbx_refine_tls_group.selection_details   ? 
# 
loop_
_chem_comp_atom.comp_id 
_chem_comp_atom.atom_id 
_chem_comp_atom.type_symbol 
_chem_comp_atom.pdbx_aromatic_flag 
_chem_comp_atom.pdbx_stereo_config 
_chem_comp_atom.pdbx_ordinal 
ALA N    N  N N 1   
ALA CA   C  N S 2   
ALA C    C  N N 3   
ALA O    O  N N 4   
ALA CB   C  N N 5   
ALA OXT  O  N N 6   
ALA H    H  N N 7   
ALA H2   H  N N 8   
ALA HA   H  N N 9   
ALA HB1  H  N N 10  
ALA HB2  H  N N 11  
ALA HB3  H  N N 12  
ALA HXT  H  N N 13  
ARG N    N  N N 14  
ARG CA   C  N S 15  
ARG C    C  N N 16  
ARG O    O  N N 17  
ARG CB   C  N N 18  
ARG CG   C  N N 19  
ARG CD   C  N N 20  
ARG NE   N  N N 21  
ARG CZ   C  N N 22  
ARG NH1  N  N N 23  
ARG NH2  N  N N 24  
ARG OXT  O  N N 25  
ARG H    H  N N 26  
ARG H2   H  N N 27  
ARG HA   H  N N 28  
ARG HB2  H  N N 29  
ARG HB3  H  N N 30  
ARG HG2  H  N N 31  
ARG HG3  H  N N 32  
ARG HD2  H  N N 33  
ARG HD3  H  N N 34  
ARG HE   H  N N 35  
ARG HH11 H  N N 36  
ARG HH12 H  N N 37  
ARG HH21 H  N N 38  
ARG HH22 H  N N 39  
ARG HXT  H  N N 40  
ASN N    N  N N 41  
ASN CA   C  N S 42  
ASN C    C  N N 43  
ASN O    O  N N 44  
ASN CB   C  N N 45  
ASN CG   C  N N 46  
ASN OD1  O  N N 47  
ASN ND2  N  N N 48  
ASN OXT  O  N N 49  
ASN H    H  N N 50  
ASN H2   H  N N 51  
ASN HA   H  N N 52  
ASN HB2  H  N N 53  
ASN HB3  H  N N 54  
ASN HD21 H  N N 55  
ASN HD22 H  N N 56  
ASN HXT  H  N N 57  
ASP N    N  N N 58  
ASP CA   C  N S 59  
ASP C    C  N N 60  
ASP O    O  N N 61  
ASP CB   C  N N 62  
ASP CG   C  N N 63  
ASP OD1  O  N N 64  
ASP OD2  O  N N 65  
ASP OXT  O  N N 66  
ASP H    H  N N 67  
ASP H2   H  N N 68  
ASP HA   H  N N 69  
ASP HB2  H  N N 70  
ASP HB3  H  N N 71  
ASP HD2  H  N N 72  
ASP HXT  H  N N 73  
CYS N    N  N N 74  
CYS CA   C  N R 75  
CYS C    C  N N 76  
CYS O    O  N N 77  
CYS CB   C  N N 78  
CYS SG   S  N N 79  
CYS OXT  O  N N 80  
CYS H    H  N N 81  
CYS H2   H  N N 82  
CYS HA   H  N N 83  
CYS HB2  H  N N 84  
CYS HB3  H  N N 85  
CYS HG   H  N N 86  
CYS HXT  H  N N 87  
GLN N    N  N N 88  
GLN CA   C  N S 89  
GLN C    C  N N 90  
GLN O    O  N N 91  
GLN CB   C  N N 92  
GLN CG   C  N N 93  
GLN CD   C  N N 94  
GLN OE1  O  N N 95  
GLN NE2  N  N N 96  
GLN OXT  O  N N 97  
GLN H    H  N N 98  
GLN H2   H  N N 99  
GLN HA   H  N N 100 
GLN HB2  H  N N 101 
GLN HB3  H  N N 102 
GLN HG2  H  N N 103 
GLN HG3  H  N N 104 
GLN HE21 H  N N 105 
GLN HE22 H  N N 106 
GLN HXT  H  N N 107 
GLU N    N  N N 108 
GLU CA   C  N S 109 
GLU C    C  N N 110 
GLU O    O  N N 111 
GLU CB   C  N N 112 
GLU CG   C  N N 113 
GLU CD   C  N N 114 
GLU OE1  O  N N 115 
GLU OE2  O  N N 116 
GLU OXT  O  N N 117 
GLU H    H  N N 118 
GLU H2   H  N N 119 
GLU HA   H  N N 120 
GLU HB2  H  N N 121 
GLU HB3  H  N N 122 
GLU HG2  H  N N 123 
GLU HG3  H  N N 124 
GLU HE2  H  N N 125 
GLU HXT  H  N N 126 
GLY N    N  N N 127 
GLY CA   C  N N 128 
GLY C    C  N N 129 
GLY O    O  N N 130 
GLY OXT  O  N N 131 
GLY H    H  N N 132 
GLY H2   H  N N 133 
GLY HA2  H  N N 134 
GLY HA3  H  N N 135 
GLY HXT  H  N N 136 
GOL C1   C  N N 137 
GOL O1   O  N N 138 
GOL C2   C  N N 139 
GOL O2   O  N N 140 
GOL C3   C  N N 141 
GOL O3   O  N N 142 
GOL H11  H  N N 143 
GOL H12  H  N N 144 
GOL HO1  H  N N 145 
GOL H2   H  N N 146 
GOL HO2  H  N N 147 
GOL H31  H  N N 148 
GOL H32  H  N N 149 
GOL HO3  H  N N 150 
HIS N    N  N N 151 
HIS CA   C  N S 152 
HIS C    C  N N 153 
HIS O    O  N N 154 
HIS CB   C  N N 155 
HIS CG   C  Y N 156 
HIS ND1  N  Y N 157 
HIS CD2  C  Y N 158 
HIS CE1  C  Y N 159 
HIS NE2  N  Y N 160 
HIS OXT  O  N N 161 
HIS H    H  N N 162 
HIS H2   H  N N 163 
HIS HA   H  N N 164 
HIS HB2  H  N N 165 
HIS HB3  H  N N 166 
HIS HD1  H  N N 167 
HIS HD2  H  N N 168 
HIS HE1  H  N N 169 
HIS HE2  H  N N 170 
HIS HXT  H  N N 171 
HOH O    O  N N 172 
HOH H1   H  N N 173 
HOH H2   H  N N 174 
ILE N    N  N N 175 
ILE CA   C  N S 176 
ILE C    C  N N 177 
ILE O    O  N N 178 
ILE CB   C  N S 179 
ILE CG1  C  N N 180 
ILE CG2  C  N N 181 
ILE CD1  C  N N 182 
ILE OXT  O  N N 183 
ILE H    H  N N 184 
ILE H2   H  N N 185 
ILE HA   H  N N 186 
ILE HB   H  N N 187 
ILE HG12 H  N N 188 
ILE HG13 H  N N 189 
ILE HG21 H  N N 190 
ILE HG22 H  N N 191 
ILE HG23 H  N N 192 
ILE HD11 H  N N 193 
ILE HD12 H  N N 194 
ILE HD13 H  N N 195 
ILE HXT  H  N N 196 
LEU N    N  N N 197 
LEU CA   C  N S 198 
LEU C    C  N N 199 
LEU O    O  N N 200 
LEU CB   C  N N 201 
LEU CG   C  N N 202 
LEU CD1  C  N N 203 
LEU CD2  C  N N 204 
LEU OXT  O  N N 205 
LEU H    H  N N 206 
LEU H2   H  N N 207 
LEU HA   H  N N 208 
LEU HB2  H  N N 209 
LEU HB3  H  N N 210 
LEU HG   H  N N 211 
LEU HD11 H  N N 212 
LEU HD12 H  N N 213 
LEU HD13 H  N N 214 
LEU HD21 H  N N 215 
LEU HD22 H  N N 216 
LEU HD23 H  N N 217 
LEU HXT  H  N N 218 
LYS N    N  N N 219 
LYS CA   C  N S 220 
LYS C    C  N N 221 
LYS O    O  N N 222 
LYS CB   C  N N 223 
LYS CG   C  N N 224 
LYS CD   C  N N 225 
LYS CE   C  N N 226 
LYS NZ   N  N N 227 
LYS OXT  O  N N 228 
LYS H    H  N N 229 
LYS H2   H  N N 230 
LYS HA   H  N N 231 
LYS HB2  H  N N 232 
LYS HB3  H  N N 233 
LYS HG2  H  N N 234 
LYS HG3  H  N N 235 
LYS HD2  H  N N 236 
LYS HD3  H  N N 237 
LYS HE2  H  N N 238 
LYS HE3  H  N N 239 
LYS HZ1  H  N N 240 
LYS HZ2  H  N N 241 
LYS HZ3  H  N N 242 
LYS HXT  H  N N 243 
MET N    N  N N 244 
MET CA   C  N S 245 
MET C    C  N N 246 
MET O    O  N N 247 
MET CB   C  N N 248 
MET CG   C  N N 249 
MET SD   S  N N 250 
MET CE   C  N N 251 
MET OXT  O  N N 252 
MET H    H  N N 253 
MET H2   H  N N 254 
MET HA   H  N N 255 
MET HB2  H  N N 256 
MET HB3  H  N N 257 
MET HG2  H  N N 258 
MET HG3  H  N N 259 
MET HE1  H  N N 260 
MET HE2  H  N N 261 
MET HE3  H  N N 262 
MET HXT  H  N N 263 
NA  NA   NA N N 264 
PHE N    N  N N 265 
PHE CA   C  N S 266 
PHE C    C  N N 267 
PHE O    O  N N 268 
PHE CB   C  N N 269 
PHE CG   C  Y N 270 
PHE CD1  C  Y N 271 
PHE CD2  C  Y N 272 
PHE CE1  C  Y N 273 
PHE CE2  C  Y N 274 
PHE CZ   C  Y N 275 
PHE OXT  O  N N 276 
PHE H    H  N N 277 
PHE H2   H  N N 278 
PHE HA   H  N N 279 
PHE HB2  H  N N 280 
PHE HB3  H  N N 281 
PHE HD1  H  N N 282 
PHE HD2  H  N N 283 
PHE HE1  H  N N 284 
PHE HE2  H  N N 285 
PHE HZ   H  N N 286 
PHE HXT  H  N N 287 
PRO N    N  N N 288 
PRO CA   C  N S 289 
PRO C    C  N N 290 
PRO O    O  N N 291 
PRO CB   C  N N 292 
PRO CG   C  N N 293 
PRO CD   C  N N 294 
PRO OXT  O  N N 295 
PRO H    H  N N 296 
PRO HA   H  N N 297 
PRO HB2  H  N N 298 
PRO HB3  H  N N 299 
PRO HG2  H  N N 300 
PRO HG3  H  N N 301 
PRO HD2  H  N N 302 
PRO HD3  H  N N 303 
PRO HXT  H  N N 304 
SER N    N  N N 305 
SER CA   C  N S 306 
SER C    C  N N 307 
SER O    O  N N 308 
SER CB   C  N N 309 
SER OG   O  N N 310 
SER OXT  O  N N 311 
SER H    H  N N 312 
SER H2   H  N N 313 
SER HA   H  N N 314 
SER HB2  H  N N 315 
SER HB3  H  N N 316 
SER HG   H  N N 317 
SER HXT  H  N N 318 
THR N    N  N N 319 
THR CA   C  N S 320 
THR C    C  N N 321 
THR O    O  N N 322 
THR CB   C  N R 323 
THR OG1  O  N N 324 
THR CG2  C  N N 325 
THR OXT  O  N N 326 
THR H    H  N N 327 
THR H2   H  N N 328 
THR HA   H  N N 329 
THR HB   H  N N 330 
THR HG1  H  N N 331 
THR HG21 H  N N 332 
THR HG22 H  N N 333 
THR HG23 H  N N 334 
THR HXT  H  N N 335 
TRP N    N  N N 336 
TRP CA   C  N S 337 
TRP C    C  N N 338 
TRP O    O  N N 339 
TRP CB   C  N N 340 
TRP CG   C  Y N 341 
TRP CD1  C  Y N 342 
TRP CD2  C  Y N 343 
TRP NE1  N  Y N 344 
TRP CE2  C  Y N 345 
TRP CE3  C  Y N 346 
TRP CZ2  C  Y N 347 
TRP CZ3  C  Y N 348 
TRP CH2  C  Y N 349 
TRP OXT  O  N N 350 
TRP H    H  N N 351 
TRP H2   H  N N 352 
TRP HA   H  N N 353 
TRP HB2  H  N N 354 
TRP HB3  H  N N 355 
TRP HD1  H  N N 356 
TRP HE1  H  N N 357 
TRP HE3  H  N N 358 
TRP HZ2  H  N N 359 
TRP HZ3  H  N N 360 
TRP HH2  H  N N 361 
TRP HXT  H  N N 362 
TYR N    N  N N 363 
TYR CA   C  N S 364 
TYR C    C  N N 365 
TYR O    O  N N 366 
TYR CB   C  N N 367 
TYR CG   C  Y N 368 
TYR CD1  C  Y N 369 
TYR CD2  C  Y N 370 
TYR CE1  C  Y N 371 
TYR CE2  C  Y N 372 
TYR CZ   C  Y N 373 
TYR OH   O  N N 374 
TYR OXT  O  N N 375 
TYR H    H  N N 376 
TYR H2   H  N N 377 
TYR HA   H  N N 378 
TYR HB2  H  N N 379 
TYR HB3  H  N N 380 
TYR HD1  H  N N 381 
TYR HD2  H  N N 382 
TYR HE1  H  N N 383 
TYR HE2  H  N N 384 
TYR HH   H  N N 385 
TYR HXT  H  N N 386 
VAL N    N  N N 387 
VAL CA   C  N S 388 
VAL C    C  N N 389 
VAL O    O  N N 390 
VAL CB   C  N N 391 
VAL CG1  C  N N 392 
VAL CG2  C  N N 393 
VAL OXT  O  N N 394 
VAL H    H  N N 395 
VAL H2   H  N N 396 
VAL HA   H  N N 397 
VAL HB   H  N N 398 
VAL HG11 H  N N 399 
VAL HG12 H  N N 400 
VAL HG13 H  N N 401 
VAL HG21 H  N N 402 
VAL HG22 H  N N 403 
VAL HG23 H  N N 404 
VAL HXT  H  N N 405 
# 
loop_
_chem_comp_bond.comp_id 
_chem_comp_bond.atom_id_1 
_chem_comp_bond.atom_id_2 
_chem_comp_bond.value_order 
_chem_comp_bond.pdbx_aromatic_flag 
_chem_comp_bond.pdbx_stereo_config 
_chem_comp_bond.pdbx_ordinal 
ALA N   CA   sing N N 1   
ALA N   H    sing N N 2   
ALA N   H2   sing N N 3   
ALA CA  C    sing N N 4   
ALA CA  CB   sing N N 5   
ALA CA  HA   sing N N 6   
ALA C   O    doub N N 7   
ALA C   OXT  sing N N 8   
ALA CB  HB1  sing N N 9   
ALA CB  HB2  sing N N 10  
ALA CB  HB3  sing N N 11  
ALA OXT HXT  sing N N 12  
ARG N   CA   sing N N 13  
ARG N   H    sing N N 14  
ARG N   H2   sing N N 15  
ARG CA  C    sing N N 16  
ARG CA  CB   sing N N 17  
ARG CA  HA   sing N N 18  
ARG C   O    doub N N 19  
ARG C   OXT  sing N N 20  
ARG CB  CG   sing N N 21  
ARG CB  HB2  sing N N 22  
ARG CB  HB3  sing N N 23  
ARG CG  CD   sing N N 24  
ARG CG  HG2  sing N N 25  
ARG CG  HG3  sing N N 26  
ARG CD  NE   sing N N 27  
ARG CD  HD2  sing N N 28  
ARG CD  HD3  sing N N 29  
ARG NE  CZ   sing N N 30  
ARG NE  HE   sing N N 31  
ARG CZ  NH1  sing N N 32  
ARG CZ  NH2  doub N N 33  
ARG NH1 HH11 sing N N 34  
ARG NH1 HH12 sing N N 35  
ARG NH2 HH21 sing N N 36  
ARG NH2 HH22 sing N N 37  
ARG OXT HXT  sing N N 38  
ASN N   CA   sing N N 39  
ASN N   H    sing N N 40  
ASN N   H2   sing N N 41  
ASN CA  C    sing N N 42  
ASN CA  CB   sing N N 43  
ASN CA  HA   sing N N 44  
ASN C   O    doub N N 45  
ASN C   OXT  sing N N 46  
ASN CB  CG   sing N N 47  
ASN CB  HB2  sing N N 48  
ASN CB  HB3  sing N N 49  
ASN CG  OD1  doub N N 50  
ASN CG  ND2  sing N N 51  
ASN ND2 HD21 sing N N 52  
ASN ND2 HD22 sing N N 53  
ASN OXT HXT  sing N N 54  
ASP N   CA   sing N N 55  
ASP N   H    sing N N 56  
ASP N   H2   sing N N 57  
ASP CA  C    sing N N 58  
ASP CA  CB   sing N N 59  
ASP CA  HA   sing N N 60  
ASP C   O    doub N N 61  
ASP C   OXT  sing N N 62  
ASP CB  CG   sing N N 63  
ASP CB  HB2  sing N N 64  
ASP CB  HB3  sing N N 65  
ASP CG  OD1  doub N N 66  
ASP CG  OD2  sing N N 67  
ASP OD2 HD2  sing N N 68  
ASP OXT HXT  sing N N 69  
CYS N   CA   sing N N 70  
CYS N   H    sing N N 71  
CYS N   H2   sing N N 72  
CYS CA  C    sing N N 73  
CYS CA  CB   sing N N 74  
CYS CA  HA   sing N N 75  
CYS C   O    doub N N 76  
CYS C   OXT  sing N N 77  
CYS CB  SG   sing N N 78  
CYS CB  HB2  sing N N 79  
CYS CB  HB3  sing N N 80  
CYS SG  HG   sing N N 81  
CYS OXT HXT  sing N N 82  
GLN N   CA   sing N N 83  
GLN N   H    sing N N 84  
GLN N   H2   sing N N 85  
GLN CA  C    sing N N 86  
GLN CA  CB   sing N N 87  
GLN CA  HA   sing N N 88  
GLN C   O    doub N N 89  
GLN C   OXT  sing N N 90  
GLN CB  CG   sing N N 91  
GLN CB  HB2  sing N N 92  
GLN CB  HB3  sing N N 93  
GLN CG  CD   sing N N 94  
GLN CG  HG2  sing N N 95  
GLN CG  HG3  sing N N 96  
GLN CD  OE1  doub N N 97  
GLN CD  NE2  sing N N 98  
GLN NE2 HE21 sing N N 99  
GLN NE2 HE22 sing N N 100 
GLN OXT HXT  sing N N 101 
GLU N   CA   sing N N 102 
GLU N   H    sing N N 103 
GLU N   H2   sing N N 104 
GLU CA  C    sing N N 105 
GLU CA  CB   sing N N 106 
GLU CA  HA   sing N N 107 
GLU C   O    doub N N 108 
GLU C   OXT  sing N N 109 
GLU CB  CG   sing N N 110 
GLU CB  HB2  sing N N 111 
GLU CB  HB3  sing N N 112 
GLU CG  CD   sing N N 113 
GLU CG  HG2  sing N N 114 
GLU CG  HG3  sing N N 115 
GLU CD  OE1  doub N N 116 
GLU CD  OE2  sing N N 117 
GLU OE2 HE2  sing N N 118 
GLU OXT HXT  sing N N 119 
GLY N   CA   sing N N 120 
GLY N   H    sing N N 121 
GLY N   H2   sing N N 122 
GLY CA  C    sing N N 123 
GLY CA  HA2  sing N N 124 
GLY CA  HA3  sing N N 125 
GLY C   O    doub N N 126 
GLY C   OXT  sing N N 127 
GLY OXT HXT  sing N N 128 
GOL C1  O1   sing N N 129 
GOL C1  C2   sing N N 130 
GOL C1  H11  sing N N 131 
GOL C1  H12  sing N N 132 
GOL O1  HO1  sing N N 133 
GOL C2  O2   sing N N 134 
GOL C2  C3   sing N N 135 
GOL C2  H2   sing N N 136 
GOL O2  HO2  sing N N 137 
GOL C3  O3   sing N N 138 
GOL C3  H31  sing N N 139 
GOL C3  H32  sing N N 140 
GOL O3  HO3  sing N N 141 
HIS N   CA   sing N N 142 
HIS N   H    sing N N 143 
HIS N   H2   sing N N 144 
HIS CA  C    sing N N 145 
HIS CA  CB   sing N N 146 
HIS CA  HA   sing N N 147 
HIS C   O    doub N N 148 
HIS C   OXT  sing N N 149 
HIS CB  CG   sing N N 150 
HIS CB  HB2  sing N N 151 
HIS CB  HB3  sing N N 152 
HIS CG  ND1  sing Y N 153 
HIS CG  CD2  doub Y N 154 
HIS ND1 CE1  doub Y N 155 
HIS ND1 HD1  sing N N 156 
HIS CD2 NE2  sing Y N 157 
HIS CD2 HD2  sing N N 158 
HIS CE1 NE2  sing Y N 159 
HIS CE1 HE1  sing N N 160 
HIS NE2 HE2  sing N N 161 
HIS OXT HXT  sing N N 162 
HOH O   H1   sing N N 163 
HOH O   H2   sing N N 164 
ILE N   CA   sing N N 165 
ILE N   H    sing N N 166 
ILE N   H2   sing N N 167 
ILE CA  C    sing N N 168 
ILE CA  CB   sing N N 169 
ILE CA  HA   sing N N 170 
ILE C   O    doub N N 171 
ILE C   OXT  sing N N 172 
ILE CB  CG1  sing N N 173 
ILE CB  CG2  sing N N 174 
ILE CB  HB   sing N N 175 
ILE CG1 CD1  sing N N 176 
ILE CG1 HG12 sing N N 177 
ILE CG1 HG13 sing N N 178 
ILE CG2 HG21 sing N N 179 
ILE CG2 HG22 sing N N 180 
ILE CG2 HG23 sing N N 181 
ILE CD1 HD11 sing N N 182 
ILE CD1 HD12 sing N N 183 
ILE CD1 HD13 sing N N 184 
ILE OXT HXT  sing N N 185 
LEU N   CA   sing N N 186 
LEU N   H    sing N N 187 
LEU N   H2   sing N N 188 
LEU CA  C    sing N N 189 
LEU CA  CB   sing N N 190 
LEU CA  HA   sing N N 191 
LEU C   O    doub N N 192 
LEU C   OXT  sing N N 193 
LEU CB  CG   sing N N 194 
LEU CB  HB2  sing N N 195 
LEU CB  HB3  sing N N 196 
LEU CG  CD1  sing N N 197 
LEU CG  CD2  sing N N 198 
LEU CG  HG   sing N N 199 
LEU CD1 HD11 sing N N 200 
LEU CD1 HD12 sing N N 201 
LEU CD1 HD13 sing N N 202 
LEU CD2 HD21 sing N N 203 
LEU CD2 HD22 sing N N 204 
LEU CD2 HD23 sing N N 205 
LEU OXT HXT  sing N N 206 
LYS N   CA   sing N N 207 
LYS N   H    sing N N 208 
LYS N   H2   sing N N 209 
LYS CA  C    sing N N 210 
LYS CA  CB   sing N N 211 
LYS CA  HA   sing N N 212 
LYS C   O    doub N N 213 
LYS C   OXT  sing N N 214 
LYS CB  CG   sing N N 215 
LYS CB  HB2  sing N N 216 
LYS CB  HB3  sing N N 217 
LYS CG  CD   sing N N 218 
LYS CG  HG2  sing N N 219 
LYS CG  HG3  sing N N 220 
LYS CD  CE   sing N N 221 
LYS CD  HD2  sing N N 222 
LYS CD  HD3  sing N N 223 
LYS CE  NZ   sing N N 224 
LYS CE  HE2  sing N N 225 
LYS CE  HE3  sing N N 226 
LYS NZ  HZ1  sing N N 227 
LYS NZ  HZ2  sing N N 228 
LYS NZ  HZ3  sing N N 229 
LYS OXT HXT  sing N N 230 
MET N   CA   sing N N 231 
MET N   H    sing N N 232 
MET N   H2   sing N N 233 
MET CA  C    sing N N 234 
MET CA  CB   sing N N 235 
MET CA  HA   sing N N 236 
MET C   O    doub N N 237 
MET C   OXT  sing N N 238 
MET CB  CG   sing N N 239 
MET CB  HB2  sing N N 240 
MET CB  HB3  sing N N 241 
MET CG  SD   sing N N 242 
MET CG  HG2  sing N N 243 
MET CG  HG3  sing N N 244 
MET SD  CE   sing N N 245 
MET CE  HE1  sing N N 246 
MET CE  HE2  sing N N 247 
MET CE  HE3  sing N N 248 
MET OXT HXT  sing N N 249 
PHE N   CA   sing N N 250 
PHE N   H    sing N N 251 
PHE N   H2   sing N N 252 
PHE CA  C    sing N N 253 
PHE CA  CB   sing N N 254 
PHE CA  HA   sing N N 255 
PHE C   O    doub N N 256 
PHE C   OXT  sing N N 257 
PHE CB  CG   sing N N 258 
PHE CB  HB2  sing N N 259 
PHE CB  HB3  sing N N 260 
PHE CG  CD1  doub Y N 261 
PHE CG  CD2  sing Y N 262 
PHE CD1 CE1  sing Y N 263 
PHE CD1 HD1  sing N N 264 
PHE CD2 CE2  doub Y N 265 
PHE CD2 HD2  sing N N 266 
PHE CE1 CZ   doub Y N 267 
PHE CE1 HE1  sing N N 268 
PHE CE2 CZ   sing Y N 269 
PHE CE2 HE2  sing N N 270 
PHE CZ  HZ   sing N N 271 
PHE OXT HXT  sing N N 272 
PRO N   CA   sing N N 273 
PRO N   CD   sing N N 274 
PRO N   H    sing N N 275 
PRO CA  C    sing N N 276 
PRO CA  CB   sing N N 277 
PRO CA  HA   sing N N 278 
PRO C   O    doub N N 279 
PRO C   OXT  sing N N 280 
PRO CB  CG   sing N N 281 
PRO CB  HB2  sing N N 282 
PRO CB  HB3  sing N N 283 
PRO CG  CD   sing N N 284 
PRO CG  HG2  sing N N 285 
PRO CG  HG3  sing N N 286 
PRO CD  HD2  sing N N 287 
PRO CD  HD3  sing N N 288 
PRO OXT HXT  sing N N 289 
SER N   CA   sing N N 290 
SER N   H    sing N N 291 
SER N   H2   sing N N 292 
SER CA  C    sing N N 293 
SER CA  CB   sing N N 294 
SER CA  HA   sing N N 295 
SER C   O    doub N N 296 
SER C   OXT  sing N N 297 
SER CB  OG   sing N N 298 
SER CB  HB2  sing N N 299 
SER CB  HB3  sing N N 300 
SER OG  HG   sing N N 301 
SER OXT HXT  sing N N 302 
THR N   CA   sing N N 303 
THR N   H    sing N N 304 
THR N   H2   sing N N 305 
THR CA  C    sing N N 306 
THR CA  CB   sing N N 307 
THR CA  HA   sing N N 308 
THR C   O    doub N N 309 
THR C   OXT  sing N N 310 
THR CB  OG1  sing N N 311 
THR CB  CG2  sing N N 312 
THR CB  HB   sing N N 313 
THR OG1 HG1  sing N N 314 
THR CG2 HG21 sing N N 315 
THR CG2 HG22 sing N N 316 
THR CG2 HG23 sing N N 317 
THR OXT HXT  sing N N 318 
TRP N   CA   sing N N 319 
TRP N   H    sing N N 320 
TRP N   H2   sing N N 321 
TRP CA  C    sing N N 322 
TRP CA  CB   sing N N 323 
TRP CA  HA   sing N N 324 
TRP C   O    doub N N 325 
TRP C   OXT  sing N N 326 
TRP CB  CG   sing N N 327 
TRP CB  HB2  sing N N 328 
TRP CB  HB3  sing N N 329 
TRP CG  CD1  doub Y N 330 
TRP CG  CD2  sing Y N 331 
TRP CD1 NE1  sing Y N 332 
TRP CD1 HD1  sing N N 333 
TRP CD2 CE2  doub Y N 334 
TRP CD2 CE3  sing Y N 335 
TRP NE1 CE2  sing Y N 336 
TRP NE1 HE1  sing N N 337 
TRP CE2 CZ2  sing Y N 338 
TRP CE3 CZ3  doub Y N 339 
TRP CE3 HE3  sing N N 340 
TRP CZ2 CH2  doub Y N 341 
TRP CZ2 HZ2  sing N N 342 
TRP CZ3 CH2  sing Y N 343 
TRP CZ3 HZ3  sing N N 344 
TRP CH2 HH2  sing N N 345 
TRP OXT HXT  sing N N 346 
TYR N   CA   sing N N 347 
TYR N   H    sing N N 348 
TYR N   H2   sing N N 349 
TYR CA  C    sing N N 350 
TYR CA  CB   sing N N 351 
TYR CA  HA   sing N N 352 
TYR C   O    doub N N 353 
TYR C   OXT  sing N N 354 
TYR CB  CG   sing N N 355 
TYR CB  HB2  sing N N 356 
TYR CB  HB3  sing N N 357 
TYR CG  CD1  doub Y N 358 
TYR CG  CD2  sing Y N 359 
TYR CD1 CE1  sing Y N 360 
TYR CD1 HD1  sing N N 361 
TYR CD2 CE2  doub Y N 362 
TYR CD2 HD2  sing N N 363 
TYR CE1 CZ   doub Y N 364 
TYR CE1 HE1  sing N N 365 
TYR CE2 CZ   sing Y N 366 
TYR CE2 HE2  sing N N 367 
TYR CZ  OH   sing N N 368 
TYR OH  HH   sing N N 369 
TYR OXT HXT  sing N N 370 
VAL N   CA   sing N N 371 
VAL N   H    sing N N 372 
VAL N   H2   sing N N 373 
VAL CA  C    sing N N 374 
VAL CA  CB   sing N N 375 
VAL CA  HA   sing N N 376 
VAL C   O    doub N N 377 
VAL C   OXT  sing N N 378 
VAL CB  CG1  sing N N 379 
VAL CB  CG2  sing N N 380 
VAL CB  HB   sing N N 381 
VAL CG1 HG11 sing N N 382 
VAL CG1 HG12 sing N N 383 
VAL CG1 HG13 sing N N 384 
VAL CG2 HG21 sing N N 385 
VAL CG2 HG22 sing N N 386 
VAL CG2 HG23 sing N N 387 
VAL OXT HXT  sing N N 388 
# 
_pdbx_initial_refinement_model.id               1 
_pdbx_initial_refinement_model.entity_id_list   ? 
_pdbx_initial_refinement_model.type             'experimental model' 
_pdbx_initial_refinement_model.source_name      PDB 
_pdbx_initial_refinement_model.accession_code   1KWN 
_pdbx_initial_refinement_model.details          ? 
# 
_atom_sites.entry_id                    3G7M 
_atom_sites.fract_transf_matrix[1][1]   0.00520768 
_atom_sites.fract_transf_matrix[1][2]   0.00945508 
_atom_sites.fract_transf_matrix[1][3]   -0.00259094 
_atom_sites.fract_transf_matrix[2][1]   0.00803318 
_atom_sites.fract_transf_matrix[2][2]   0.00389891 
_atom_sites.fract_transf_matrix[2][3]   0.00659536 
_atom_sites.fract_transf_matrix[3][1]   0.02259630 
_atom_sites.fract_transf_matrix[3][2]   -0.01720103 
_atom_sites.fract_transf_matrix[3][3]   -0.01735387 
_atom_sites.fract_transf_vector[1]      -0.337801 
_atom_sites.fract_transf_vector[2]      0.135555 
_atom_sites.fract_transf_vector[3]      -0.426595 
# 
loop_
_atom_type.symbol 
C  
N  
NA 
O  
S  
# 
loop_
_atom_site.group_PDB 
_atom_site.id 
_atom_site.type_symbol 
_atom_site.label_atom_id 
_atom_site.label_alt_id 
_atom_site.label_comp_id 
_atom_site.label_asym_id 
_atom_site.label_entity_id 
_atom_site.label_seq_id 
_atom_site.pdbx_PDB_ins_code 
_atom_site.Cartn_x 
_atom_site.Cartn_y 
_atom_site.Cartn_z 
_atom_site.occupancy 
_atom_site.B_iso_or_equiv 
_atom_site.pdbx_formal_charge 
_atom_site.auth_seq_id 
_atom_site.auth_comp_id 
_atom_site.auth_asym_id 
_atom_site.auth_atom_id 
_atom_site.pdbx_PDB_model_num 
ATOM   1    N  N   . ALA A 1 1   ? 9.503   7.851   -7.706  1.00 25.22 ? 1    ALA A N   1 
ATOM   2    C  CA  . ALA A 1 1   ? 9.358   8.280   -9.131  1.00 24.76 ? 1    ALA A CA  1 
ATOM   3    C  C   . ALA A 1 1   ? 9.157   7.026   -10.026 1.00 24.13 ? 1    ALA A C   1 
ATOM   4    O  O   . ALA A 1 1   ? 10.109  6.284   -10.241 1.00 24.21 ? 1    ALA A O   1 
ATOM   5    C  CB  . ALA A 1 1   ? 10.607  9.136   -9.575  1.00 24.46 ? 1    ALA A CB  1 
ATOM   6    N  N   . PRO A 1 2   ? 7.920   6.777   -10.538 1.00 23.49 ? 2    PRO A N   1 
ATOM   7    C  CA  . PRO A 1 2   ? 6.626   7.477   -10.386 1.00 22.79 ? 2    PRO A CA  1 
ATOM   8    C  C   . PRO A 1 2   ? 5.811   7.094   -9.150  1.00 22.18 ? 2    PRO A C   1 
ATOM   9    O  O   . PRO A 1 2   ? 4.999   7.911   -8.673  1.00 22.57 ? 2    PRO A O   1 
ATOM   10   C  CB  . PRO A 1 2   ? 5.857   7.057   -11.643 1.00 22.77 ? 2    PRO A CB  1 
ATOM   11   C  CG  . PRO A 1 2   ? 6.448   5.784   -12.043 1.00 23.35 ? 2    PRO A CG  1 
ATOM   12   C  CD  . PRO A 1 2   ? 7.910   5.918   -11.749 1.00 23.56 ? 2    PRO A CD  1 
ATOM   13   N  N   . LEU A 1 3   ? 5.983   5.866   -8.660  1.00 22.00 ? 3    LEU A N   1 
ATOM   14   C  CA  . LEU A 1 3   ? 5.398   5.448   -7.352  1.00 22.00 ? 3    LEU A CA  1 
ATOM   15   C  C   . LEU A 1 3   ? 6.481   5.129   -6.292  1.00 21.80 ? 3    LEU A C   1 
ATOM   16   O  O   . LEU A 1 3   ? 7.464   4.431   -6.570  1.00 22.00 ? 3    LEU A O   1 
ATOM   17   C  CB  . LEU A 1 3   ? 4.465   4.246   -7.518  1.00 21.78 ? 3    LEU A CB  1 
ATOM   18   C  CG  . LEU A 1 3   ? 3.857   3.661   -6.223  1.00 21.46 ? 3    LEU A CG  1 
ATOM   19   C  CD1 . LEU A 1 3   ? 2.842   4.603   -5.700  1.00 22.00 ? 3    LEU A CD1 1 
ATOM   20   C  CD2 . LEU A 1 3   ? 3.205   2.294   -6.463  1.00 22.00 ? 3    LEU A CD2 1 
ATOM   21   N  N   . THR A 1 4   ? 6.310   5.650   -5.086  1.00 20.79 ? 4    THR A N   1 
ATOM   22   C  CA  . THR A 1 4   ? 7.315   5.460   -4.057  1.00 19.68 ? 4    THR A CA  1 
ATOM   23   C  C   . THR A 1 4   ? 6.586   5.079   -2.792  1.00 19.19 ? 4    THR A C   1 
ATOM   24   O  O   . THR A 1 4   ? 5.675   5.780   -2.371  1.00 19.75 ? 4    THR A O   1 
ATOM   25   C  CB  . THR A 1 4   ? 8.171   6.760   -3.838  1.00 20.04 ? 4    THR A CB  1 
ATOM   26   O  OG1 . THR A 1 4   ? 8.566   7.315   -5.103  1.00 18.82 ? 4    THR A OG1 1 
ATOM   27   C  CG2 . THR A 1 4   ? 9.437   6.488   -2.984  1.00 19.66 ? 4    THR A CG2 1 
ATOM   28   N  N   . ILE A 1 5   ? 6.972   3.963   -2.189  1.00 18.43 ? 5    ILE A N   1 
ATOM   29   C  CA  . ILE A 1 5   ? 6.423   3.554   -0.879  1.00 17.74 ? 5    ILE A CA  1 
ATOM   30   C  C   . ILE A 1 5   ? 7.493   3.673   0.210   1.00 17.31 ? 5    ILE A C   1 
ATOM   31   O  O   . ILE A 1 5   ? 8.524   3.016   0.154   1.00 17.71 ? 5    ILE A O   1 
ATOM   32   C  CB  . ILE A 1 5   ? 5.827   2.128   -0.922  1.00 17.91 ? 5    ILE A CB  1 
ATOM   33   C  CG1 . ILE A 1 5   ? 4.637   2.082   -1.883  1.00 16.72 ? 5    ILE A CG1 1 
ATOM   34   C  CG2 . ILE A 1 5   ? 5.430   1.646   0.466   1.00 17.15 ? 5    ILE A CG2 1 
ATOM   35   C  CD1 . ILE A 1 5   ? 4.416   0.702   -2.465  1.00 16.98 ? 5    ILE A CD1 1 
ATOM   36   N  N   . THR A 1 6   ? 7.241   4.540   1.182   1.00 17.07 ? 6    THR A N   1 
ATOM   37   C  CA  . THR A 1 6   ? 8.222   4.894   2.206   1.00 16.81 ? 6    THR A CA  1 
ATOM   38   C  C   . THR A 1 6   ? 7.781   4.381   3.579   1.00 17.15 ? 6    THR A C   1 
ATOM   39   O  O   . THR A 1 6   ? 6.608   4.487   3.965   1.00 16.71 ? 6    THR A O   1 
ATOM   40   C  CB  . THR A 1 6   ? 8.439   6.420   2.269   1.00 16.28 ? 6    THR A CB  1 
ATOM   41   O  OG1 . THR A 1 6   ? 8.807   6.914   0.965   1.00 16.66 ? 6    THR A OG1 1 
ATOM   42   C  CG2 . THR A 1 6   ? 9.513   6.784   3.273   1.00 15.44 ? 6    THR A CG2 1 
ATOM   43   N  N   . ASN A 1 7   ? 8.741   3.824   4.312   1.00 17.77 ? 7    ASN A N   1 
ATOM   44   C  CA  . ASN A 1 7   ? 8.509   3.376   5.688   1.00 18.05 ? 7    ASN A CA  1 
ATOM   45   C  C   . ASN A 1 7   ? 9.093   4.337   6.724   1.00 17.68 ? 7    ASN A C   1 
ATOM   46   O  O   . ASN A 1 7   ? 10.321  4.426   6.856   1.00 17.41 ? 7    ASN A O   1 
ATOM   47   C  CB  . ASN A 1 7   ? 9.062   1.962   5.880   1.00 17.99 ? 7    ASN A CB  1 
ATOM   48   C  CG  . ASN A 1 7   ? 8.869   1.453   7.277   1.00 17.26 ? 7    ASN A CG  1 
ATOM   49   O  OD1 . ASN A 1 7   ? 7.915   1.838   7.957   1.00 17.36 ? 7    ASN A OD1 1 
ATOM   50   N  ND2 . ASN A 1 7   ? 9.776   0.579   7.716   1.00 18.80 ? 7    ASN A ND2 1 
ATOM   51   N  N   . ARG A 1 8   ? 8.188   5.077   7.409   1.00 18.25 ? 8    ARG A N   1 
ATOM   52   C  CA  . ARG A 1 8   ? 8.594   6.035   8.459   1.00 19.66 ? 8    ARG A CA  1 
ATOM   53   C  C   . ARG A 1 8   ? 8.346   5.544   9.914   1.00 20.04 ? 8    ARG A C   1 
ATOM   54   O  O   . ARG A 1 8   ? 8.472   6.316   10.876  1.00 20.71 ? 8    ARG A O   1 
ATOM   55   C  CB  . ARG A 1 8   ? 8.037   7.452   8.216   1.00 18.81 ? 8    ARG A CB  1 
ATOM   56   C  CG  . ARG A 1 8   ? 8.925   8.269   7.278   1.00 21.44 ? 8    ARG A CG  1 
ATOM   57   C  CD  . ARG A 1 8   ? 8.628   9.792   7.188   1.00 23.16 ? 8    ARG A CD  1 
ATOM   58   N  NE  . ARG A 1 8   ? 9.715   10.473  6.441   1.00 24.95 ? 8    ARG A NE  1 
ATOM   59   C  CZ  . ARG A 1 8   ? 9.740   10.680  5.109   1.00 25.00 ? 8    ARG A CZ  1 
ATOM   60   N  NH1 . ARG A 1 8   ? 8.713   10.307  4.340   1.00 22.00 ? 8    ARG A NH1 1 
ATOM   61   N  NH2 . ARG A 1 8   ? 10.799  11.283  4.544   1.00 23.69 ? 8    ARG A NH2 1 
ATOM   62   N  N   . CYS A 1 9   ? 8.026   4.259   10.061  1.00 19.92 ? 9    CYS A N   1 
ATOM   63   C  CA  . CYS A 1 9   ? 7.910   3.616   11.360  1.00 19.89 ? 9    CYS A CA  1 
ATOM   64   C  C   . CYS A 1 9   ? 9.282   3.248   11.961  1.00 20.08 ? 9    CYS A C   1 
ATOM   65   O  O   . CYS A 1 9   ? 10.295  3.174   11.249  1.00 20.17 ? 9    CYS A O   1 
ATOM   66   C  CB  . CYS A 1 9   ? 7.054   2.371   11.212  1.00 19.86 ? 9    CYS A CB  1 
ATOM   67   S  SG  . CYS A 1 9   ? 5.623   2.663   10.198  1.00 20.49 ? 9    CYS A SG  1 
ATOM   68   N  N   . HIS A 1 10  ? 9.325   3.029   13.274  1.00 19.76 ? 10   HIS A N   1 
ATOM   69   C  CA  . HIS A 1 10  ? 10.567  2.604   13.926  1.00 19.68 ? 10   HIS A CA  1 
ATOM   70   C  C   . HIS A 1 10  ? 10.809  1.079   13.818  1.00 19.22 ? 10   HIS A C   1 
ATOM   71   O  O   . HIS A 1 10  ? 11.741  0.540   14.411  1.00 19.05 ? 10   HIS A O   1 
ATOM   72   C  CB  . HIS A 1 10  ? 10.529  2.998   15.395  1.00 20.28 ? 10   HIS A CB  1 
ATOM   73   C  CG  . HIS A 1 10  ? 10.416  4.473   15.625  1.00 21.53 ? 10   HIS A CG  1 
ATOM   74   N  ND1 . HIS A 1 10  ? 11.381  5.370   15.187  1.00 22.00 ? 10   HIS A ND1 1 
ATOM   75   C  CD2 . HIS A 1 10  ? 9.474   5.201   16.292  1.00 22.00 ? 10   HIS A CD2 1 
ATOM   76   C  CE1 . HIS A 1 10  ? 11.029  6.592   15.557  1.00 22.00 ? 10   HIS A CE1 1 
ATOM   77   N  NE2 . HIS A 1 10  ? 9.875   6.518   16.225  1.00 22.00 ? 10   HIS A NE2 1 
ATOM   78   N  N   . PHE A 1 11  ? 9.954   0.386   13.084  1.00 19.06 ? 11   PHE A N   1 
ATOM   79   C  CA  . PHE A 1 11  ? 10.071  -1.052  12.899  1.00 19.44 ? 11   PHE A CA  1 
ATOM   80   C  C   . PHE A 1 11  ? 10.009  -1.394  11.421  1.00 19.72 ? 11   PHE A C   1 
ATOM   81   O  O   . PHE A 1 11  ? 9.533   -0.616  10.613  1.00 19.92 ? 11   PHE A O   1 
ATOM   82   C  CB  . PHE A 1 11  ? 8.986   -1.820  13.675  1.00 18.86 ? 11   PHE A CB  1 
ATOM   83   C  CG  . PHE A 1 11  ? 7.635   -1.225  13.545  1.00 19.78 ? 11   PHE A CG  1 
ATOM   84   C  CD1 . PHE A 1 11  ? 7.114   -0.438  14.554  1.00 20.52 ? 11   PHE A CD1 1 
ATOM   85   C  CD2 . PHE A 1 11  ? 6.876   -1.419  12.394  1.00 22.00 ? 11   PHE A CD2 1 
ATOM   86   C  CE1 . PHE A 1 11  ? 5.845   0.143   14.436  1.00 21.88 ? 11   PHE A CE1 1 
ATOM   87   C  CE2 . PHE A 1 11  ? 5.603   -0.837  12.270  1.00 22.00 ? 11   PHE A CE2 1 
ATOM   88   C  CZ  . PHE A 1 11  ? 5.093   -0.055  13.300  1.00 22.00 ? 11   PHE A CZ  1 
ATOM   89   N  N   . THR A 1 12  ? 10.509  -2.567  11.069  1.00 20.18 ? 12   THR A N   1 
ATOM   90   C  CA  . THR A 1 12  ? 10.493  -3.000  9.690   1.00 20.65 ? 12   THR A CA  1 
ATOM   91   C  C   . THR A 1 12  ? 9.053   -3.230  9.228   1.00 20.59 ? 12   THR A C   1 
ATOM   92   O  O   . THR A 1 12  ? 8.286   -3.911  9.913   1.00 21.22 ? 12   THR A O   1 
ATOM   93   C  CB  . THR A 1 12  ? 11.309  -4.297  9.534   1.00 20.69 ? 12   THR A CB  1 
ATOM   94   O  OG1 . THR A 1 12  ? 12.546  -4.174  10.278  1.00 22.00 ? 12   THR A OG1 1 
ATOM   95   C  CG2 . THR A 1 12  ? 11.612  -4.568  8.055   1.00 20.57 ? 12   THR A CG2 1 
ATOM   96   N  N   . VAL A 1 13  ? 8.676   -2.655  8.087   1.00 20.38 ? 13   VAL A N   1 
ATOM   97   C  CA  . VAL A 1 13  ? 7.437   -3.065  7.411   1.00 20.52 ? 13   VAL A CA  1 
ATOM   98   C  C   . VAL A 1 13  ? 7.673   -3.713  6.032   1.00 20.57 ? 13   VAL A C   1 
ATOM   99   O  O   . VAL A 1 13  ? 8.683   -3.421  5.353   1.00 20.78 ? 13   VAL A O   1 
ATOM   100  C  CB  . VAL A 1 13  ? 6.413   -1.934  7.276   1.00 20.05 ? 13   VAL A CB  1 
ATOM   101  C  CG1 . VAL A 1 13  ? 6.305   -1.171  8.558   1.00 19.88 ? 13   VAL A CG1 1 
ATOM   102  C  CG2 . VAL A 1 13  ? 6.764   -1.042  6.171   1.00 22.00 ? 13   VAL A CG2 1 
ATOM   103  N  N   . TRP A 1 14  ? 6.734   -4.589  5.640   1.00 20.33 ? 14   TRP A N   1 
ATOM   104  C  CA  . TRP A 1 14  ? 6.818   -5.365  4.400   1.00 19.78 ? 14   TRP A CA  1 
ATOM   105  C  C   . TRP A 1 14  ? 5.708   -4.955  3.430   1.00 19.20 ? 14   TRP A C   1 
ATOM   106  O  O   . TRP A 1 14  ? 4.628   -5.541  3.444   1.00 19.37 ? 14   TRP A O   1 
ATOM   107  C  CB  . TRP A 1 14  ? 6.728   -6.872  4.723   1.00 20.03 ? 14   TRP A CB  1 
ATOM   108  C  CG  . TRP A 1 14  ? 8.040   -7.505  5.175   1.00 20.73 ? 14   TRP A CG  1 
ATOM   109  C  CD1 . TRP A 1 14  ? 8.971   -8.169  4.385   1.00 21.68 ? 14   TRP A CD1 1 
ATOM   110  C  CD2 . TRP A 1 14  ? 8.564   -7.521  6.493   1.00 19.27 ? 14   TRP A CD2 1 
ATOM   111  N  NE1 . TRP A 1 14  ? 10.024  -8.593  5.148   1.00 19.51 ? 14   TRP A NE1 1 
ATOM   112  C  CE2 . TRP A 1 14  ? 9.804   -8.213  6.446   1.00 19.04 ? 14   TRP A CE2 1 
ATOM   113  C  CE3 . TRP A 1 14  ? 8.109   -7.026  7.715   1.00 20.26 ? 14   TRP A CE3 1 
ATOM   114  C  CZ2 . TRP A 1 14  ? 10.599  -8.417  7.585   1.00 19.44 ? 14   TRP A CZ2 1 
ATOM   115  C  CZ3 . TRP A 1 14  ? 8.898   -7.238  8.862   1.00 21.22 ? 14   TRP A CZ3 1 
ATOM   116  C  CH2 . TRP A 1 14  ? 10.133  -7.928  8.782   1.00 20.56 ? 14   TRP A CH2 1 
ATOM   117  N  N   . PRO A 1 15  ? 5.958   -3.940  2.589   1.00 18.71 ? 15   PRO A N   1 
ATOM   118  C  CA  . PRO A 1 15  ? 4.909   -3.452  1.691   1.00 18.50 ? 15   PRO A CA  1 
ATOM   119  C  C   . PRO A 1 15  ? 4.502   -4.512  0.678   1.00 17.95 ? 15   PRO A C   1 
ATOM   120  O  O   . PRO A 1 15  ? 5.345   -5.293  0.259   1.00 18.14 ? 15   PRO A O   1 
ATOM   121  C  CB  . PRO A 1 15  ? 5.578   -2.267  0.969   1.00 18.37 ? 15   PRO A CB  1 
ATOM   122  C  CG  . PRO A 1 15  ? 6.686   -1.879  1.820   1.00 18.66 ? 15   PRO A CG  1 
ATOM   123  C  CD  . PRO A 1 15  ? 7.183   -3.138  2.462   1.00 18.68 ? 15   PRO A CD  1 
ATOM   124  N  N   . ALA A 1 16  ? 3.223   -4.532  0.295   1.00 17.15 ? 16   ALA A N   1 
ATOM   125  C  CA  . ALA A 1 16  ? 2.739   -5.478  -0.669  1.00 16.08 ? 16   ALA A CA  1 
ATOM   126  C  C   . ALA A 1 16  ? 1.876   -4.755  -1.639  1.00 15.98 ? 16   ALA A C   1 
ATOM   127  O  O   . ALA A 1 16  ? 0.975   -4.013  -1.255  1.00 16.22 ? 16   ALA A O   1 
ATOM   128  C  CB  . ALA A 1 16  ? 1.969   -6.552  0.000   1.00 16.24 ? 16   ALA A CB  1 
ATOM   129  N  N   . VAL A 1 17  ? 2.161   -4.978  -2.911  1.00 15.94 ? 17   VAL A N   1 
ATOM   130  C  CA  . VAL A 1 17  ? 1.373   -4.417  -3.958  1.00 15.88 ? 17   VAL A CA  1 
ATOM   131  C  C   . VAL A 1 17  ? 0.760   -5.584  -4.726  1.00 16.32 ? 17   VAL A C   1 
ATOM   132  O  O   . VAL A 1 17  ? 1.466   -6.495  -5.164  1.00 16.26 ? 17   VAL A O   1 
ATOM   133  C  CB  . VAL A 1 17  ? 2.230   -3.497  -4.868  1.00 15.96 ? 17   VAL A CB  1 
ATOM   134  C  CG1 . VAL A 1 17  ? 1.380   -2.834  -5.974  1.00 16.12 ? 17   VAL A CG1 1 
ATOM   135  C  CG2 . VAL A 1 17  ? 2.933   -2.446  -4.049  1.00 15.12 ? 17   VAL A CG2 1 
ATOM   136  N  N   . ALA A 1 18  ? -0.567  -5.548  -4.872  1.00 17.15 ? 18   ALA A N   1 
ATOM   137  C  CA  . ALA A 1 18  ? -1.315  -6.471  -5.748  1.00 17.37 ? 18   ALA A CA  1 
ATOM   138  C  C   . ALA A 1 18  ? -2.418  -5.742  -6.543  1.00 17.30 ? 18   ALA A C   1 
ATOM   139  O  O   . ALA A 1 18  ? -3.175  -4.994  -5.962  1.00 17.40 ? 18   ALA A O   1 
ATOM   140  C  CB  . ALA A 1 18  ? -1.902  -7.642  -4.932  1.00 16.95 ? 18   ALA A CB  1 
ATOM   141  N  N   . LEU A 1 19  ? -2.497  -5.965  -7.862  1.00 17.77 ? 19   LEU A N   1 
ATOM   142  C  CA  . LEU A 1 19  ? -3.611  -5.476  -8.692  1.00 17.75 ? 19   LEU A CA  1 
ATOM   143  C  C   . LEU A 1 19  ? -4.941  -6.111  -8.276  1.00 18.31 ? 19   LEU A C   1 
ATOM   144  O  O   . LEU A 1 19  ? -4.982  -7.253  -7.809  1.00 19.22 ? 19   LEU A O   1 
ATOM   145  C  CB  . LEU A 1 19  ? -3.342  -5.800  -10.148 1.00 17.61 ? 19   LEU A CB  1 
ATOM   146  C  CG  . LEU A 1 19  ? -2.270  -4.997  -10.913 1.00 17.11 ? 19   LEU A CG  1 
ATOM   147  C  CD1 . LEU A 1 19  ? -0.900  -5.533  -10.631 1.00 15.69 ? 19   LEU A CD1 1 
ATOM   148  C  CD2 . LEU A 1 19  ? -2.496  -5.092  -12.406 1.00 19.05 ? 19   LEU A CD2 1 
ATOM   149  N  N   . VAL A 1 20  ? -6.037  -5.383  -8.457  1.00 18.73 ? 20   VAL A N   1 
ATOM   150  C  CA  . VAL A 1 20  ? -7.322  -5.764  -7.832  1.00 18.92 ? 20   VAL A CA  1 
ATOM   151  C  C   . VAL A 1 20  ? -7.882  -7.080  -8.312  1.00 18.93 ? 20   VAL A C   1 
ATOM   152  O  O   . VAL A 1 20  ? -8.586  -7.768  -7.546  1.00 19.10 ? 20   VAL A O   1 
ATOM   153  C  CB  . VAL A 1 20  ? -8.435  -4.678  -7.957  1.00 18.83 ? 20   VAL A CB  1 
ATOM   154  C  CG1 . VAL A 1 20  ? -8.056  -3.408  -7.193  1.00 18.30 ? 20   VAL A CG1 1 
ATOM   155  C  CG2 . VAL A 1 20  ? -8.742  -4.393  -9.417  1.00 19.63 ? 20   VAL A CG2 1 
ATOM   156  N  N   . LEU A 1 21  ? -7.578  -7.428  -9.563  1.00 18.76 ? 21   LEU A N   1 
ATOM   157  C  CA  . LEU A 1 21  ? -8.207  -8.596  -10.169 1.00 19.01 ? 21   LEU A CA  1 
ATOM   158  C  C   . LEU A 1 21  ? -7.296  -9.794  -10.436 1.00 19.16 ? 21   LEU A C   1 
ATOM   159  O  O   . LEU A 1 21  ? -7.715  -10.775 -11.066 1.00 18.85 ? 21   LEU A O   1 
ATOM   160  C  CB  . LEU A 1 21  ? -8.968  -8.190  -11.430 1.00 18.98 ? 21   LEU A CB  1 
ATOM   161  C  CG  . LEU A 1 21  ? -10.036 -7.106  -11.251 1.00 18.08 ? 21   LEU A CG  1 
ATOM   162  C  CD1 . LEU A 1 21  ? -10.695 -6.856  -12.576 1.00 19.30 ? 21   LEU A CD1 1 
ATOM   163  C  CD2 . LEU A 1 21  ? -11.064 -7.470  -10.191 1.00 16.80 ? 21   LEU A CD2 1 
ATOM   164  N  N   . ALA A 1 22  ? -6.061  -9.711  -9.930  1.00 19.79 ? 22   ALA A N   1 
ATOM   165  C  CA  . ALA A 1 22  ? -5.015  -10.718 -10.184 1.00 19.97 ? 22   ALA A CA  1 
ATOM   166  C  C   . ALA A 1 22  ? -4.854  -11.614 -8.973  1.00 19.98 ? 22   ALA A C   1 
ATOM   167  O  O   . ALA A 1 22  ? -5.047  -11.156 -7.836  1.00 20.06 ? 22   ALA A O   1 
ATOM   168  C  CB  . ALA A 1 22  ? -3.692  -10.029 -10.515 1.00 20.41 ? 22   ALA A CB  1 
ATOM   169  N  N   . GLN A 1 23  ? -4.501  -12.879 -9.209  1.00 19.97 ? 23   GLN A N   1 
ATOM   170  C  CA  . GLN A 1 23  ? -4.356  -13.844 -8.104  1.00 20.65 ? 23   GLN A CA  1 
ATOM   171  C  C   . GLN A 1 23  ? -3.291  -13.436 -7.077  1.00 21.16 ? 23   GLN A C   1 
ATOM   172  O  O   . GLN A 1 23  ? -3.486  -13.669 -5.876  1.00 21.92 ? 23   GLN A O   1 
ATOM   173  C  CB  . GLN A 1 23  ? -4.081  -15.285 -8.592  1.00 20.61 ? 23   GLN A CB  1 
ATOM   174  C  CG  . GLN A 1 23  ? -5.275  -15.989 -9.270  1.00 20.88 ? 23   GLN A CG  1 
ATOM   175  C  CD  . GLN A 1 23  ? -4.844  -17.191 -10.192 1.00 20.55 ? 23   GLN A CD  1 
ATOM   176  O  OE1 . GLN A 1 23  ? -3.768  -17.162 -10.828 0.50 19.52 ? 23   GLN A OE1 1 
ATOM   177  N  NE2 . GLN A 1 23  ? -5.712  -18.237 -10.285 1.00 20.43 ? 23   GLN A NE2 1 
ATOM   178  N  N   . GLY A 1 24  ? -2.182  -12.819 -7.523  1.00 21.07 ? 24   GLY A N   1 
ATOM   179  C  CA  . GLY A 1 24  ? -1.070  -12.527 -6.597  1.00 20.78 ? 24   GLY A CA  1 
ATOM   180  C  C   . GLY A 1 24  ? -0.454  -11.147 -6.731  1.00 20.58 ? 24   GLY A C   1 
ATOM   181  O  O   . GLY A 1 24  ? -0.996  -10.272 -7.424  1.00 20.88 ? 24   GLY A O   1 
ATOM   182  N  N   . GLY A 1 25  ? 0.693   -10.957 -6.084  1.00 20.49 ? 25   GLY A N   1 
ATOM   183  C  CA  . GLY A 1 25  ? 1.350   -9.657  -6.060  1.00 20.35 ? 25   GLY A CA  1 
ATOM   184  C  C   . GLY A 1 25  ? 2.837   -9.689  -5.736  1.00 20.22 ? 25   GLY A C   1 
ATOM   185  O  O   . GLY A 1 25  ? 3.495   -10.744 -5.698  1.00 21.07 ? 25   GLY A O   1 
ATOM   186  N  N   . GLY A 1 26  ? 3.388   -8.516  -5.519  1.00 19.73 ? 26   GLY A N   1 
ATOM   187  C  CA  . GLY A 1 26  ? 4.777   -8.435  -5.134  1.00 19.68 ? 26   GLY A CA  1 
ATOM   188  C  C   . GLY A 1 26  ? 5.003   -7.523  -3.939  1.00 19.54 ? 26   GLY A C   1 
ATOM   189  O  O   . GLY A 1 26  ? 4.115   -6.751  -3.528  1.00 19.60 ? 26   GLY A O   1 
ATOM   190  N  N   . GLY A 1 27  ? 6.230   -7.585  -3.396  1.00 19.28 ? 27   GLY A N   1 
ATOM   191  C  CA  . GLY A 1 27  ? 6.623   -6.633  -2.368  1.00 19.82 ? 27   GLY A CA  1 
ATOM   192  C  C   . GLY A 1 27  ? 8.094   -6.689  -2.024  1.00 20.21 ? 27   GLY A C   1 
ATOM   193  O  O   . GLY A 1 27  ? 8.912   -7.362  -2.695  1.00 21.07 ? 27   GLY A O   1 
ATOM   194  N  N   . THR A 1 28  ? 8.420   -6.007  -0.928  1.00 19.62 ? 28   THR A N   1 
ATOM   195  C  CA  . THR A 1 28  ? 9.777   -5.971  -0.426  1.00 19.02 ? 28   THR A CA  1 
ATOM   196  C  C   . THR A 1 28  ? 9.860   -5.919  1.120   1.00 18.93 ? 28   THR A C   1 
ATOM   197  O  O   . THR A 1 28  ? 8.846   -5.922  1.845   1.00 18.04 ? 28   THR A O   1 
ATOM   198  C  CB  . THR A 1 28  ? 10.543  -4.822  -1.083  1.00 18.63 ? 28   THR A CB  1 
ATOM   199  O  OG1 . THR A 1 28  ? 11.935  -4.986  -0.843  1.00 18.69 ? 28   THR A OG1 1 
ATOM   200  C  CG2 . THR A 1 28  ? 10.095  -3.487  -0.541  1.00 18.51 ? 28   THR A CG2 1 
ATOM   201  N  N   . GLU A 1 29  ? 11.084  -5.914  1.613   1.00 18.86 ? 29   GLU A N   1 
ATOM   202  C  CA  . GLU A 1 29  ? 11.320  -5.678  3.013   1.00 19.22 ? 29   GLU A CA  1 
ATOM   203  C  C   . GLU A 1 29  ? 11.803  -4.219  3.133   1.00 19.58 ? 29   GLU A C   1 
ATOM   204  O  O   . GLU A 1 29  ? 12.785  -3.815  2.466   1.00 20.12 ? 29   GLU A O   1 
ATOM   205  C  CB  . GLU A 1 29  ? 12.356  -6.688  3.534   1.00 19.24 ? 29   GLU A CB  1 
ATOM   206  C  CG  . GLU A 1 29  ? 12.951  -6.385  4.923   1.00 18.95 ? 29   GLU A CG  1 
ATOM   207  C  CD  . GLU A 1 29  ? 13.936  -7.462  5.319   1.00 19.88 ? 29   GLU A CD  1 
ATOM   208  O  OE1 . GLU A 1 29  ? 14.581  -8.042  4.403   1.00 20.23 ? 29   GLU A OE1 1 
ATOM   209  O  OE2 . GLU A 1 29  ? 14.063  -7.734  6.539   1.00 20.81 ? 29   GLU A OE2 1 
ATOM   210  N  N   . LEU A 1 30  ? 11.102  -3.420  3.940   1.00 19.24 ? 30   LEU A N   1 
ATOM   211  C  CA  . LEU A 1 30  ? 11.533  -2.052  4.179   1.00 19.61 ? 30   LEU A CA  1 
ATOM   212  C  C   . LEU A 1 30  ? 11.934  -1.771  5.626   1.00 20.04 ? 30   LEU A C   1 
ATOM   213  O  O   . LEU A 1 30  ? 11.078  -1.674  6.497   1.00 20.85 ? 30   LEU A O   1 
ATOM   214  C  CB  . LEU A 1 30  ? 10.480  -1.048  3.730   1.00 19.23 ? 30   LEU A CB  1 
ATOM   215  C  CG  . LEU A 1 30  ? 10.360  -0.780  2.234   1.00 19.69 ? 30   LEU A CG  1 
ATOM   216  C  CD1 . LEU A 1 30  ? 9.429   0.380   2.026   1.00 19.03 ? 30   LEU A CD1 1 
ATOM   217  C  CD2 . LEU A 1 30  ? 11.699  -0.507  1.557   1.00 20.32 ? 30   LEU A CD2 1 
ATOM   218  N  N   . HIS A 1 31  ? 13.235  -1.628  5.871   1.00 20.00 ? 31   HIS A N   1 
ATOM   219  C  CA  . HIS A 1 31  ? 13.726  -1.196  7.166   1.00 19.94 ? 31   HIS A CA  1 
ATOM   220  C  C   . HIS A 1 31  ? 13.288  0.233   7.448   1.00 19.26 ? 31   HIS A C   1 
ATOM   221  O  O   . HIS A 1 31  ? 13.001  0.985   6.530   1.00 18.59 ? 31   HIS A O   1 
ATOM   222  C  CB  . HIS A 1 31  ? 15.250  -1.325  7.233   1.00 20.26 ? 31   HIS A CB  1 
ATOM   223  C  CG  . HIS A 1 31  ? 15.728  -2.737  7.125   1.00 22.00 ? 31   HIS A CG  1 
ATOM   224  N  ND1 . HIS A 1 31  ? 16.144  -3.291  5.928   1.00 23.62 ? 31   HIS A ND1 1 
ATOM   225  C  CD2 . HIS A 1 31  ? 15.831  -3.720  8.059   1.00 22.34 ? 31   HIS A CD2 1 
ATOM   226  C  CE1 . HIS A 1 31  ? 16.508  -4.548  6.133   1.00 23.13 ? 31   HIS A CE1 1 
ATOM   227  N  NE2 . HIS A 1 31  ? 16.329  -4.832  7.416   1.00 22.97 ? 31   HIS A NE2 1 
ATOM   228  N  N   . PRO A 1 32  ? 13.219  0.606   8.734   1.00 19.16 ? 32   PRO A N   1 
ATOM   229  C  CA  . PRO A 1 32  ? 12.942  1.981   9.078   1.00 18.71 ? 32   PRO A CA  1 
ATOM   230  C  C   . PRO A 1 32  ? 13.802  2.935   8.254   1.00 18.25 ? 32   PRO A C   1 
ATOM   231  O  O   . PRO A 1 32  ? 15.044  2.857   8.280   1.00 17.94 ? 32   PRO A O   1 
ATOM   232  C  CB  . PRO A 1 32  ? 13.323  2.043   10.559  1.00 18.80 ? 32   PRO A CB  1 
ATOM   233  C  CG  . PRO A 1 32  ? 13.037  0.740   11.053  1.00 18.78 ? 32   PRO A CG  1 
ATOM   234  C  CD  . PRO A 1 32  ? 13.367  -0.218  9.944   1.00 19.26 ? 32   PRO A CD  1 
ATOM   235  N  N   . GLY A 1 33  ? 13.105  3.804   7.523   1.00 17.96 ? 33   GLY A N   1 
ATOM   236  C  CA  . GLY A 1 33  ? 13.706  4.873   6.749   1.00 17.64 ? 33   GLY A CA  1 
ATOM   237  C  C   . GLY A 1 33  ? 13.821  4.571   5.275   1.00 17.49 ? 33   GLY A C   1 
ATOM   238  O  O   . GLY A 1 33  ? 14.105  5.456   4.483   1.00 17.87 ? 33   GLY A O   1 
ATOM   239  N  N   . ALA A 1 34  ? 13.591  3.319   4.904   1.00 17.60 ? 34   ALA A N   1 
ATOM   240  C  CA  . ALA A 1 34  ? 13.784  2.880   3.527   1.00 17.50 ? 34   ALA A CA  1 
ATOM   241  C  C   . ALA A 1 34  ? 12.544  3.047   2.664   1.00 17.49 ? 34   ALA A C   1 
ATOM   242  O  O   . ALA A 1 34  ? 11.420  3.003   3.156   1.00 17.60 ? 34   ALA A O   1 
ATOM   243  C  CB  . ALA A 1 34  ? 14.253  1.451   3.498   1.00 17.92 ? 34   ALA A CB  1 
ATOM   244  N  N   . SER A 1 35  ? 12.772  3.241   1.372   1.00 17.41 ? 35   SER A N   1 
ATOM   245  C  CA  . SER A 1 35  ? 11.706  3.438   0.411   1.00 17.05 ? 35   SER A CA  1 
ATOM   246  C  C   . SER A 1 35  ? 11.784  2.395   -0.693  1.00 17.21 ? 35   SER A C   1 
ATOM   247  O  O   . SER A 1 35  ? 12.846  1.797   -0.944  1.00 17.51 ? 35   SER A O   1 
ATOM   248  C  CB  . SER A 1 35  ? 11.824  4.824   -0.205  1.00 17.14 ? 35   SER A CB  1 
ATOM   249  O  OG  . SER A 1 35  ? 11.987  5.815   0.814   1.00 17.86 ? 35   SER A OG  1 
ATOM   250  N  N   . TRP A 1 36  ? 10.660  2.193   -1.372  1.00 17.14 ? 36   TRP A N   1 
ATOM   251  C  CA  . TRP A 1 36  ? 10.603  1.295   -2.515  1.00 17.15 ? 36   TRP A CA  1 
ATOM   252  C  C   . TRP A 1 36  ? 10.107  2.012   -3.769  1.00 17.14 ? 36   TRP A C   1 
ATOM   253  O  O   . TRP A 1 36  ? 8.966   2.396   -3.843  1.00 17.65 ? 36   TRP A O   1 
ATOM   254  C  CB  . TRP A 1 36  ? 9.732   0.096   -2.172  1.00 16.91 ? 36   TRP A CB  1 
ATOM   255  C  CG  . TRP A 1 36  ? 9.717   -0.996  -3.194  1.00 17.30 ? 36   TRP A CG  1 
ATOM   256  C  CD1 . TRP A 1 36  ? 10.687  -1.292  -4.106  1.00 17.40 ? 36   TRP A CD1 1 
ATOM   257  C  CD2 . TRP A 1 36  ? 8.677   -1.963  -3.385  1.00 18.02 ? 36   TRP A CD2 1 
ATOM   258  N  NE1 . TRP A 1 36  ? 10.308  -2.375  -4.869  1.00 17.15 ? 36   TRP A NE1 1 
ATOM   259  C  CE2 . TRP A 1 36  ? 9.082   -2.809  -4.438  1.00 17.26 ? 36   TRP A CE2 1 
ATOM   260  C  CE3 . TRP A 1 36  ? 7.431   -2.191  -2.768  1.00 18.00 ? 36   TRP A CE3 1 
ATOM   261  C  CZ2 . TRP A 1 36  ? 8.298   -3.861  -4.885  1.00 17.44 ? 36   TRP A CZ2 1 
ATOM   262  C  CZ3 . TRP A 1 36  ? 6.651   -3.236  -3.212  1.00 16.95 ? 36   TRP A CZ3 1 
ATOM   263  C  CH2 . TRP A 1 36  ? 7.086   -4.060  -4.261  1.00 18.12 ? 36   TRP A CH2 1 
ATOM   264  N  N   . SER A 1 37  ? 10.979  2.197   -4.757  1.00 17.77 ? 37   SER A N   1 
ATOM   265  C  CA  . SER A 1 37  ? 10.604  2.907   -5.987  1.00 17.43 ? 37   SER A CA  1 
ATOM   266  C  C   . SER A 1 37  ? 9.955   1.954   -6.954  1.00 17.62 ? 37   SER A C   1 
ATOM   267  O  O   . SER A 1 37  ? 10.486  0.902   -7.270  1.00 17.57 ? 37   SER A O   1 
ATOM   268  C  CB  . SER A 1 37  ? 11.823  3.550   -6.628  1.00 17.49 ? 37   SER A CB  1 
ATOM   269  O  OG  . SER A 1 37  ? 12.473  4.422   -5.713  1.00 16.42 ? 37   SER A OG  1 
ATOM   270  N  N   . LEU A 1 38  ? 8.787   2.328   -7.420  1.00 18.60 ? 38   LEU A N   1 
ATOM   271  C  CA  . LEU A 1 38  ? 8.035   1.463   -8.284  1.00 19.78 ? 38   LEU A CA  1 
ATOM   272  C  C   . LEU A 1 38  ? 7.677   2.140   -9.593  1.00 20.41 ? 38   LEU A C   1 
ATOM   273  O  O   . LEU A 1 38  ? 7.539   3.357   -9.671  1.00 19.91 ? 38   LEU A O   1 
ATOM   274  C  CB  . LEU A 1 38  ? 6.793   0.964   -7.551  1.00 19.80 ? 38   LEU A CB  1 
ATOM   275  C  CG  . LEU A 1 38  ? 7.080   -0.227  -6.621  1.00 20.50 ? 38   LEU A CG  1 
ATOM   276  C  CD1 . LEU A 1 38  ? 5.999   -0.371  -5.581  1.00 21.23 ? 38   LEU A CD1 1 
ATOM   277  C  CD2 . LEU A 1 38  ? 7.220   -1.517  -7.455  1.00 21.61 ? 38   LEU A CD2 1 
ATOM   278  N  N   . ASP A 1 39  ? 7.542   1.326   -10.627 1.00 21.82 ? 39   ASP A N   1 
ATOM   279  C  CA  . ASP A 1 39  ? 7.078   1.795   -11.913 1.00 22.05 ? 39   ASP A CA  1 
ATOM   280  C  C   . ASP A 1 39  ? 5.548   1.537   -12.049 1.00 22.34 ? 39   ASP A C   1 
ATOM   281  O  O   . ASP A 1 39  ? 5.051   0.494   -11.573 1.00 22.72 ? 39   ASP A O   1 
ATOM   282  C  CB  . ASP A 1 39  ? 7.889   1.086   -12.979 1.00 22.00 ? 39   ASP A CB  1 
ATOM   283  C  CG  . ASP A 1 39  ? 7.965   1.857   -14.233 1.00 22.18 ? 39   ASP A CG  1 
ATOM   284  O  OD1 . ASP A 1 39  ? 7.015   2.674   -14.465 1.00 22.57 ? 39   ASP A OD1 1 
ATOM   285  O  OD2 . ASP A 1 39  ? 8.916   1.610   -15.017 1.00 22.75 ? 39   ASP A OD2 1 
ATOM   286  N  N   . THR A 1 40  ? 4.801   2.478   -12.659 1.00 22.30 ? 40   THR A N   1 
ATOM   287  C  CA  . THR A 1 40  ? 3.317   2.376   -12.715 1.00 22.31 ? 40   THR A CA  1 
ATOM   288  C  C   . THR A 1 40  ? 2.785   1.983   -14.083 1.00 22.00 ? 40   THR A C   1 
ATOM   289  O  O   . THR A 1 40  ? 3.280   2.469   -15.099 1.00 22.00 ? 40   THR A O   1 
ATOM   290  C  CB  . THR A 1 40  ? 2.629   3.702   -12.410 1.00 22.25 ? 40   THR A CB  1 
ATOM   291  O  OG1 . THR A 1 40  ? 3.178   4.722   -13.259 1.00 23.53 ? 40   THR A OG1 1 
ATOM   292  C  CG2 . THR A 1 40  ? 2.808   4.092   -10.983 1.00 22.62 ? 40   THR A CG2 1 
ATOM   293  N  N   . PRO A 1 41  ? 1.728   1.148   -14.117 1.00 22.00 ? 41   PRO A N   1 
ATOM   294  C  CA  . PRO A 1 41  ? 1.155   0.688   -15.389 1.00 22.00 ? 41   PRO A CA  1 
ATOM   295  C  C   . PRO A 1 41  ? 0.385   1.802   -16.087 1.00 21.96 ? 41   PRO A C   1 
ATOM   296  O  O   . PRO A 1 41  ? 0.055   2.793   -15.463 1.00 21.77 ? 41   PRO A O   1 
ATOM   297  C  CB  . PRO A 1 41  ? 0.194   -0.438  -14.964 1.00 22.00 ? 41   PRO A CB  1 
ATOM   298  C  CG  . PRO A 1 41  ? -0.255  -0.046  -13.602 1.00 22.00 ? 41   PRO A CG  1 
ATOM   299  C  CD  . PRO A 1 41  ? 0.952   0.638   -12.952 1.00 22.00 ? 41   PRO A CD  1 
ATOM   300  N  N   . VAL A 1 42  ? 0.122   1.625   -17.379 1.00 21.40 ? 42   VAL A N   1 
ATOM   301  C  CA  . VAL A 1 42  ? -0.636  2.580   -18.163 1.00 20.85 ? 42   VAL A CA  1 
ATOM   302  C  C   . VAL A 1 42  ? -2.088  2.596   -17.744 1.00 20.52 ? 42   VAL A C   1 
ATOM   303  O  O   . VAL A 1 42  ? -2.753  3.609   -17.922 1.00 20.42 ? 42   VAL A O   1 
ATOM   304  C  CB  . VAL A 1 42  ? -0.554  2.322   -19.715 1.00 21.04 ? 42   VAL A CB  1 
ATOM   305  C  CG1 . VAL A 1 42  ? 0.765   2.867   -20.294 1.00 22.00 ? 42   VAL A CG1 1 
ATOM   306  C  CG2 . VAL A 1 42  ? -0.783  0.832   -20.095 1.00 20.76 ? 42   VAL A CG2 1 
ATOM   307  N  N   . ILE A 1 43  ? -2.569  1.464   -17.212 1.00 20.37 ? 43   ILE A N   1 
ATOM   308  C  CA  . ILE A 1 43  ? -3.981  1.266   -16.826 1.00 20.12 ? 43   ILE A CA  1 
ATOM   309  C  C   . ILE A 1 43  ? -4.106  0.286   -15.658 1.00 19.94 ? 43   ILE A C   1 
ATOM   310  O  O   . ILE A 1 43  ? -3.210  -0.524  -15.408 1.00 20.31 ? 43   ILE A O   1 
ATOM   311  C  CB  . ILE A 1 43  ? -4.855  0.770   -18.050 1.00 20.44 ? 43   ILE A CB  1 
ATOM   312  C  CG1 . ILE A 1 43  ? -6.364  0.936   -17.760 1.00 20.22 ? 43   ILE A CG1 1 
ATOM   313  C  CG2 . ILE A 1 43  ? -4.464  -0.680  -18.505 1.00 20.36 ? 43   ILE A CG2 1 
ATOM   314  C  CD1 . ILE A 1 43  ? -7.299  0.678   -18.967 1.00 20.87 ? 43   ILE A CD1 1 
ATOM   315  N  N   . GLY A 1 44  ? -5.222  0.348   -14.948 1.00 19.76 ? 44   GLY A N   1 
ATOM   316  C  CA  . GLY A 1 44  ? -5.488  -0.610  -13.886 1.00 20.05 ? 44   GLY A CA  1 
ATOM   317  C  C   . GLY A 1 44  ? -5.457  -0.015  -12.493 1.00 20.68 ? 44   GLY A C   1 
ATOM   318  O  O   . GLY A 1 44  ? -5.088  1.151   -12.289 1.00 20.57 ? 44   GLY A O   1 
ATOM   319  N  N   . SER A 1 45  ? -5.844  -0.823  -11.516 1.00 21.03 ? 45   SER A N   1 
ATOM   320  C  CA  . SER A 1 45  ? -5.758  -0.403  -10.119 1.00 21.55 ? 45   SER A CA  1 
ATOM   321  C  C   . SER A 1 45  ? -5.038  -1.456  -9.278  1.00 21.36 ? 45   SER A C   1 
ATOM   322  O  O   . SER A 1 45  ? -5.050  -2.656  -9.612  1.00 21.52 ? 45   SER A O   1 
ATOM   323  C  CB  . SER A 1 45  ? -7.147  -0.050  -9.538  1.00 21.55 ? 45   SER A CB  1 
ATOM   324  O  OG  . SER A 1 45  ? -8.138  -0.983  -9.963  1.00 23.98 ? 45   SER A OG  1 
ATOM   325  N  N   . GLN A 1 46  ? -4.400  -0.993  -8.199  1.00 21.05 ? 46   GLN A N   1 
ATOM   326  C  CA  . GLN A 1 46  ? -3.557  -1.839  -7.378  1.00 20.41 ? 46   GLN A CA  1 
ATOM   327  C  C   . GLN A 1 46  ? -3.916  -1.609  -5.928  1.00 19.65 ? 46   GLN A C   1 
ATOM   328  O  O   . GLN A 1 46  ? -4.249  -0.483  -5.544  1.00 19.19 ? 46   GLN A O   1 
ATOM   329  C  CB  . GLN A 1 46  ? -2.091  -1.474  -7.593  1.00 20.78 ? 46   GLN A CB  1 
ATOM   330  C  CG  . GLN A 1 46  ? -1.618  -1.534  -9.024  1.00 24.34 ? 46   GLN A CG  1 
ATOM   331  C  CD  . GLN A 1 46  ? -0.394  -0.657  -9.269  1.00 29.82 ? 46   GLN A CD  1 
ATOM   332  O  OE1 . GLN A 1 46  ? -0.409  0.543   -8.972  1.00 31.85 ? 46   GLN A OE1 1 
ATOM   333  N  NE2 . GLN A 1 46  ? 0.673   -1.255  -9.824  1.00 30.10 ? 46   GLN A NE2 1 
ATOM   334  N  N   . TYR A 1 47  ? -3.855  -2.675  -5.127  1.00 19.13 ? 47   TYR A N   1 
ATOM   335  C  CA  . TYR A 1 47  ? -3.992  -2.571  -3.680  1.00 18.74 ? 47   TYR A CA  1 
ATOM   336  C  C   . TYR A 1 47  ? -2.587  -2.429  -3.164  1.00 19.06 ? 47   TYR A C   1 
ATOM   337  O  O   . TYR A 1 47  ? -1.662  -3.103  -3.684  1.00 19.83 ? 47   TYR A O   1 
ATOM   338  C  CB  . TYR A 1 47  ? -4.627  -3.831  -3.063  1.00 18.47 ? 47   TYR A CB  1 
ATOM   339  C  CG  . TYR A 1 47  ? -6.126  -3.940  -3.216  1.00 18.29 ? 47   TYR A CG  1 
ATOM   340  C  CD1 . TYR A 1 47  ? -6.949  -2.865  -2.857  1.00 18.43 ? 47   TYR A CD1 1 
ATOM   341  C  CD2 . TYR A 1 47  ? -6.719  -5.128  -3.701  1.00 18.29 ? 47   TYR A CD2 1 
ATOM   342  C  CE1 . TYR A 1 47  ? -8.324  -2.960  -2.986  1.00 20.40 ? 47   TYR A CE1 1 
ATOM   343  C  CE2 . TYR A 1 47  ? -8.099  -5.242  -3.841  1.00 20.28 ? 47   TYR A CE2 1 
ATOM   344  C  CZ  . TYR A 1 47  ? -8.908  -4.158  -3.487  1.00 21.88 ? 47   TYR A CZ  1 
ATOM   345  O  OH  . TYR A 1 47  ? -10.295 -4.265  -3.651  1.00 22.15 ? 47   TYR A OH  1 
ATOM   346  N  N   . ILE A 1 48  ? -2.423  -1.578  -2.135  1.00 18.70 ? 48   ILE A N   1 
ATOM   347  C  CA  . ILE A 1 48  ? -1.121  -1.368  -1.525  1.00 18.26 ? 48   ILE A CA  1 
ATOM   348  C  C   . ILE A 1 48  ? -1.348  -1.402  -0.038  1.00 18.44 ? 48   ILE A C   1 
ATOM   349  O  O   . ILE A 1 48  ? -2.182  -0.657  0.487   1.00 19.08 ? 48   ILE A O   1 
ATOM   350  C  CB  . ILE A 1 48  ? -0.518  0.011   -1.971  1.00 18.34 ? 48   ILE A CB  1 
ATOM   351  C  CG1 . ILE A 1 48  ? -0.240  -0.011  -3.471  1.00 17.76 ? 48   ILE A CG1 1 
ATOM   352  C  CG2 . ILE A 1 48  ? 0.751   0.386   -1.171  1.00 18.18 ? 48   ILE A CG2 1 
ATOM   353  C  CD1 . ILE A 1 48  ? 0.032   1.317   -4.065  1.00 19.66 ? 48   ILE A CD1 1 
ATOM   354  N  N   . TRP A 1 49  ? -0.614  -2.266  0.648   1.00 18.70 ? 49   TRP A N   1 
ATOM   355  C  CA  . TRP A 1 49  ? -0.670  -2.328  2.110   1.00 18.65 ? 49   TRP A CA  1 
ATOM   356  C  C   . TRP A 1 49  ? 0.657   -2.743  2.703   1.00 18.80 ? 49   TRP A C   1 
ATOM   357  O  O   . TRP A 1 49  ? 1.450   -3.385  2.034   1.00 18.95 ? 49   TRP A O   1 
ATOM   358  C  CB  . TRP A 1 49  ? -1.774  -3.302  2.574   1.00 18.90 ? 49   TRP A CB  1 
ATOM   359  C  CG  . TRP A 1 49  ? -1.469  -4.743  2.321   1.00 17.27 ? 49   TRP A CG  1 
ATOM   360  C  CD1 . TRP A 1 49  ? -0.906  -5.611  3.183   1.00 16.52 ? 49   TRP A CD1 1 
ATOM   361  C  CD2 . TRP A 1 49  ? -1.737  -5.476  1.122   1.00 16.91 ? 49   TRP A CD2 1 
ATOM   362  N  NE1 . TRP A 1 49  ? -0.790  -6.851  2.605   1.00 17.21 ? 49   TRP A NE1 1 
ATOM   363  C  CE2 . TRP A 1 49  ? -1.293  -6.799  1.336   1.00 16.23 ? 49   TRP A CE2 1 
ATOM   364  C  CE3 . TRP A 1 49  ? -2.312  -5.144  -0.113  1.00 15.76 ? 49   TRP A CE3 1 
ATOM   365  C  CZ2 . TRP A 1 49  ? -1.386  -7.790  0.363   1.00 13.99 ? 49   TRP A CZ2 1 
ATOM   366  C  CZ3 . TRP A 1 49  ? -2.402  -6.126  -1.081  1.00 14.40 ? 49   TRP A CZ3 1 
ATOM   367  C  CH2 . TRP A 1 49  ? -1.939  -7.434  -0.834  1.00 14.37 ? 49   TRP A CH2 1 
ATOM   368  N  N   . GLY A 1 50  ? 0.871   -2.405  3.971   1.00 18.87 ? 50   GLY A N   1 
ATOM   369  C  CA  . GLY A 1 50  ? 2.057   -2.841  4.696   1.00 19.02 ? 50   GLY A CA  1 
ATOM   370  C  C   . GLY A 1 50  ? 1.814   -4.033  5.606   1.00 19.18 ? 50   GLY A C   1 
ATOM   371  O  O   . GLY A 1 50  ? 0.721   -4.190  6.163   1.00 18.93 ? 50   GLY A O   1 
ATOM   372  N  N   . ARG A 1 51  ? 2.858   -4.858  5.766   1.00 19.45 ? 51   ARG A N   1 
ATOM   373  C  CA  . ARG A 1 51  ? 2.824   -6.021  6.645   1.00 19.37 ? 51   ARG A CA  1 
ATOM   374  C  C   . ARG A 1 51  ? 3.923   -5.923  7.681   1.00 19.69 ? 51   ARG A C   1 
ATOM   375  O  O   . ARG A 1 51  ? 5.050   -5.517  7.366   1.00 19.62 ? 51   ARG A O   1 
ATOM   376  C  CB  . ARG A 1 51  ? 3.019   -7.296  5.845   1.00 19.55 ? 51   ARG A CB  1 
ATOM   377  C  CG  . ARG A 1 51  ? 2.161   -7.410  4.596   1.00 18.61 ? 51   ARG A CG  1 
ATOM   378  C  CD  . ARG A 1 51  ? 2.688   -8.539  3.742   1.00 17.08 ? 51   ARG A CD  1 
ATOM   379  N  NE  . ARG A 1 51  ? 3.840   -8.136  2.954   1.00 14.48 ? 51   ARG A NE  1 
ATOM   380  C  CZ  . ARG A 1 51  ? 4.616   -8.977  2.287   1.00 13.95 ? 51   ARG A CZ  1 
ATOM   381  N  NH1 . ARG A 1 51  ? 4.378   -10.279 2.343   1.00 14.62 ? 51   ARG A NH1 1 
ATOM   382  N  NH2 . ARG A 1 51  ? 5.633   -8.516  1.571   1.00 13.81 ? 51   ARG A NH2 1 
ATOM   383  N  N   . THR A 1 52  ? 3.593   -6.301  8.918   1.00 20.19 ? 52   THR A N   1 
ATOM   384  C  CA  . THR A 1 52  ? 4.555   -6.209  10.009  1.00 20.43 ? 52   THR A CA  1 
ATOM   385  C  C   . THR A 1 52  ? 4.760   -7.574  10.579  1.00 20.68 ? 52   THR A C   1 
ATOM   386  O  O   . THR A 1 52  ? 3.872   -8.403  10.474  1.00 21.01 ? 52   THR A O   1 
ATOM   387  C  CB  . THR A 1 52  ? 4.069   -5.271  11.138  1.00 20.56 ? 52   THR A CB  1 
ATOM   388  O  OG1 . THR A 1 52  ? 2.839   -5.760  11.710  1.00 20.05 ? 52   THR A OG1 1 
ATOM   389  C  CG2 . THR A 1 52  ? 3.881   -3.841  10.618  1.00 21.15 ? 52   THR A CG2 1 
ATOM   390  N  N   . GLY A 1 53  ? 5.928   -7.794  11.187  1.00 21.22 ? 53   GLY A N   1 
ATOM   391  C  CA  . GLY A 1 53  ? 6.236   -9.027  11.914  1.00 21.63 ? 53   GLY A CA  1 
ATOM   392  C  C   . GLY A 1 53  ? 6.343   -10.238 11.009  1.00 22.00 ? 53   GLY A C   1 
ATOM   393  O  O   . GLY A 1 53  ? 5.809   -11.319 11.311  1.00 22.00 ? 53   GLY A O   1 
ATOM   394  N  N   . CYS A 1 54  ? 7.022   -10.053 9.877   1.00 22.00 ? 54   CYS A N   1 
ATOM   395  C  CA  . CYS A 1 54  ? 7.184   -11.127 8.892   1.00 22.00 ? 54   CYS A CA  1 
ATOM   396  C  C   . CYS A 1 54  ? 8.459   -11.869 9.197   1.00 22.00 ? 54   CYS A C   1 
ATOM   397  O  O   . CYS A 1 54  ? 9.524   -11.268 9.273   1.00 22.00 ? 54   CYS A O   1 
ATOM   398  C  CB  . CYS A 1 54  ? 7.216   -10.582 7.461   1.00 22.00 ? 54   CYS A CB  1 
ATOM   399  S  SG  . CYS A 1 54  ? 5.782   -9.560  7.055   1.00 22.74 ? 54   CYS A SG  1 
ATOM   400  N  N   . SER A 1 55  ? 8.334   -13.177 9.392   1.00 22.36 ? 55   SER A N   1 
ATOM   401  C  CA  . SER A 1 55  ? 9.491   -14.008 9.607   1.00 22.78 ? 55   SER A CA  1 
ATOM   402  C  C   . SER A 1 55  ? 9.543   -15.115 8.545   1.00 23.29 ? 55   SER A C   1 
ATOM   403  O  O   . SER A 1 55  ? 8.689   -16.006 8.530   1.00 23.41 ? 55   SER A O   1 
ATOM   404  C  CB  . SER A 1 55  ? 9.458   -14.576 11.020  1.00 22.36 ? 55   SER A CB  1 
ATOM   405  O  OG  . SER A 1 55  ? 10.682  -15.242 11.298  1.00 23.07 ? 55   SER A OG  1 
ATOM   406  N  N   . PHE A 1 56  ? 10.544  -15.034 7.657   1.00 23.74 ? 56   PHE A N   1 
ATOM   407  C  CA  . PHE A 1 56  ? 10.760  -16.029 6.595   1.00 23.94 ? 56   PHE A CA  1 
ATOM   408  C  C   . PHE A 1 56  ? 12.119  -16.722 6.655   1.00 24.57 ? 56   PHE A C   1 
ATOM   409  O  O   . PHE A 1 56  ? 13.111  -16.093 7.035   1.00 24.33 ? 56   PHE A O   1 
ATOM   410  C  CB  . PHE A 1 56  ? 10.594  -15.377 5.232   1.00 23.53 ? 56   PHE A CB  1 
ATOM   411  C  CG  . PHE A 1 56  ? 9.291   -14.673 5.063   1.00 21.64 ? 56   PHE A CG  1 
ATOM   412  C  CD1 . PHE A 1 56  ? 8.092   -15.380 5.092   1.00 20.26 ? 56   PHE A CD1 1 
ATOM   413  C  CD2 . PHE A 1 56  ? 9.262   -13.302 4.861   1.00 20.12 ? 56   PHE A CD2 1 
ATOM   414  C  CE1 . PHE A 1 56  ? 6.868   -14.725 4.933   1.00 19.54 ? 56   PHE A CE1 1 
ATOM   415  C  CE2 . PHE A 1 56  ? 8.057   -12.631 4.696   1.00 18.82 ? 56   PHE A CE2 1 
ATOM   416  C  CZ  . PHE A 1 56  ? 6.854   -13.345 4.742   1.00 19.28 ? 56   PHE A CZ  1 
ATOM   417  N  N   . ASP A 1 57  ? 12.169  -18.008 6.276   1.00 25.44 ? 57   ASP A N   1 
ATOM   418  C  CA  . ASP A 1 57  ? 13.470  -18.700 6.141   1.00 26.96 ? 57   ASP A CA  1 
ATOM   419  C  C   . ASP A 1 57  ? 14.148  -18.506 4.742   1.00 27.77 ? 57   ASP A C   1 
ATOM   420  O  O   . ASP A 1 57  ? 13.726  -17.635 3.942   1.00 27.43 ? 57   ASP A O   1 
ATOM   421  C  CB  . ASP A 1 57  ? 13.381  -20.176 6.572   1.00 26.85 ? 57   ASP A CB  1 
ATOM   422  C  CG  . ASP A 1 57  ? 12.544  -20.993 5.646   1.00 27.58 ? 57   ASP A CG  1 
ATOM   423  O  OD1 . ASP A 1 57  ? 13.091  -21.515 4.653   1.00 26.37 ? 57   ASP A OD1 1 
ATOM   424  O  OD2 . ASP A 1 57  ? 11.335  -21.111 5.915   1.00 29.12 ? 57   ASP A OD2 1 
ATOM   425  N  N   . ARG A 1 58  ? 15.220  -19.282 4.475   1.00 28.77 ? 58   ARG A N   1 
ATOM   426  C  CA  . ARG A 1 58  ? 15.994  -19.116 3.240   1.00 29.38 ? 58   ARG A CA  1 
ATOM   427  C  C   . ARG A 1 58  ? 15.202  -19.506 1.987   1.00 29.80 ? 58   ARG A C   1 
ATOM   428  O  O   . ARG A 1 58  ? 15.502  -19.020 0.893   1.00 30.19 ? 58   ARG A O   1 
ATOM   429  C  CB  . ARG A 1 58  ? 17.317  -19.894 3.295   1.00 29.38 ? 58   ARG A CB  1 
ATOM   430  C  CG  . ARG A 1 58  ? 17.162  -21.409 3.472   1.00 29.61 ? 58   ARG A CG  1 
ATOM   431  C  CD  . ARG A 1 58  ? 18.468  -22.133 3.186   1.00 30.22 ? 58   ARG A CD  1 
ATOM   432  N  NE  . ARG A 1 58  ? 19.600  -21.530 3.917   1.00 30.48 ? 58   ARG A NE  1 
ATOM   433  C  CZ  . ARG A 1 58  ? 20.803  -22.141 4.033   1.00 29.49 ? 58   ARG A CZ  1 
ATOM   434  N  NH1 . ARG A 1 58  ? 21.039  -23.377 3.470   1.00 28.91 ? 58   ARG A NH1 1 
ATOM   435  N  NH2 . ARG A 1 58  ? 21.771  -21.524 4.720   1.00 27.99 ? 58   ARG A NH2 1 
ATOM   436  N  N   . ALA A 1 59  ? 14.207  -20.387 2.138   1.00 30.05 ? 59   ALA A N   1 
ATOM   437  C  CA  . ALA A 1 59  ? 13.336  -20.778 1.008   1.00 30.24 ? 59   ALA A CA  1 
ATOM   438  C  C   . ALA A 1 59  ? 12.409  -19.647 0.437   1.00 30.16 ? 59   ALA A C   1 
ATOM   439  O  O   . ALA A 1 59  ? 12.495  -19.352 -0.772  1.00 29.97 ? 59   ALA A O   1 
ATOM   440  C  CB  . ALA A 1 59  ? 12.544  -22.088 1.322   1.00 30.19 ? 59   ALA A CB  1 
ATOM   441  N  N   . GLY A 1 60  ? 11.543  -19.008 1.252   1.00 30.05 ? 60   GLY A N   1 
ATOM   442  C  CA  . GLY A 1 60  ? 11.349  -19.293 2.685   1.00 30.03 ? 60   GLY A CA  1 
ATOM   443  C  C   . GLY A 1 60  ? 9.902   -19.193 3.150   1.00 29.83 ? 60   GLY A C   1 
ATOM   444  O  O   . GLY A 1 60  ? 9.241   -18.170 2.936   1.00 29.28 ? 60   GLY A O   1 
ATOM   445  N  N   . LYS A 1 61  ? 9.406   -20.248 3.793   1.00 29.54 ? 61   LYS A N   1 
ATOM   446  C  CA  . LYS A 1 61  ? 8.051   -20.194 4.314   1.00 29.67 ? 61   LYS A CA  1 
ATOM   447  C  C   . LYS A 1 61  ? 8.027   -19.381 5.595   1.00 29.06 ? 61   LYS A C   1 
ATOM   448  O  O   . LYS A 1 61  ? 9.059   -19.233 6.270   1.00 29.12 ? 61   LYS A O   1 
ATOM   449  C  CB  . LYS A 1 61  ? 7.463   -21.595 4.548   1.00 30.19 ? 61   LYS A CB  1 
ATOM   450  C  CG  . LYS A 1 61  ? 6.482   -22.051 3.469   1.00 31.82 ? 61   LYS A CG  1 
ATOM   451  C  CD  . LYS A 1 61  ? 7.229   -22.512 2.220   1.00 33.58 ? 61   LYS A CD  1 
ATOM   452  C  CE  . LYS A 1 61  ? 6.282   -23.115 1.198   1.00 34.94 ? 61   LYS A CE  1 
ATOM   453  N  NZ  . LYS A 1 61  ? 7.060   -23.677 0.038   1.00 35.83 ? 61   LYS A NZ  1 
ATOM   454  N  N   . GLY A 1 62  ? 6.834   -18.867 5.907   1.00 28.33 ? 62   GLY A N   1 
ATOM   455  C  CA  . GLY A 1 62  ? 6.603   -18.022 7.076   1.00 27.26 ? 62   GLY A CA  1 
ATOM   456  C  C   . GLY A 1 62  ? 5.345   -17.163 6.897   1.00 26.71 ? 62   GLY A C   1 
ATOM   457  O  O   . GLY A 1 62  ? 4.699   -17.187 5.830   1.00 26.55 ? 62   GLY A O   1 
ATOM   458  N  N   . ARG A 1 63  ? 4.992   -16.423 7.952   1.00 25.84 ? 63   ARG A N   1 
ATOM   459  C  CA  . ARG A 1 63  ? 3.756   -15.658 8.004   1.00 24.97 ? 63   ARG A CA  1 
ATOM   460  C  C   . ARG A 1 63  ? 4.099   -14.274 8.559   1.00 23.95 ? 63   ARG A C   1 
ATOM   461  O  O   . ARG A 1 63  ? 5.090   -14.095 9.310   1.00 23.85 ? 63   ARG A O   1 
ATOM   462  C  CB  . ARG A 1 63  ? 2.734   -16.373 8.916   1.00 25.11 ? 63   ARG A CB  1 
ATOM   463  C  CG  . ARG A 1 63  ? 1.331   -15.735 8.943   1.00 27.79 ? 63   ARG A CG  1 
ATOM   464  C  CD  . ARG A 1 63  ? 0.470   -16.126 10.175  1.00 32.09 ? 63   ARG A CD  1 
ATOM   465  N  NE  . ARG A 1 63  ? -0.101  -17.479 10.059  1.00 35.73 ? 63   ARG A NE  1 
ATOM   466  C  CZ  . ARG A 1 63  ? 0.309   -18.548 10.757  1.00 37.51 ? 63   ARG A CZ  1 
ATOM   467  N  NH1 . ARG A 1 63  ? 1.300   -18.429 11.647  1.00 37.65 ? 63   ARG A NH1 1 
ATOM   468  N  NH2 . ARG A 1 63  ? -0.272  -19.741 10.568  1.00 37.12 ? 63   ARG A NH2 1 
ATOM   469  N  N   . CYS A 1 64  ? 3.275   -13.295 8.208   1.00 22.76 ? 64   CYS A N   1 
ATOM   470  C  CA  . CYS A 1 64  ? 3.355   -11.983 8.829   1.00 22.00 ? 64   CYS A CA  1 
ATOM   471  C  C   . CYS A 1 64  ? 2.302   -11.839 9.943   1.00 22.00 ? 64   CYS A C   1 
ATOM   472  O  O   . CYS A 1 64  ? 1.226   -12.444 9.880   1.00 22.00 ? 64   CYS A O   1 
ATOM   473  C  CB  . CYS A 1 64  ? 3.147   -10.892 7.780   1.00 22.19 ? 64   CYS A CB  1 
ATOM   474  S  SG  . CYS A 1 64  ? 4.351   -10.920 6.471   1.00 22.00 ? 64   CYS A SG  1 
ATOM   475  N  N   . GLN A 1 65  ? 2.629   -11.021 10.946  1.00 22.00 ? 65   GLN A N   1 
ATOM   476  C  CA  . GLN A 1 65  ? 1.800   -10.791 12.127  1.00 21.65 ? 65   GLN A CA  1 
ATOM   477  C  C   . GLN A 1 65  ? 0.527   -10.014 11.739  1.00 21.94 ? 65   GLN A C   1 
ATOM   478  O  O   . GLN A 1 65  ? -0.580  -10.364 12.191  1.00 22.00 ? 65   GLN A O   1 
ATOM   479  C  CB  . GLN A 1 65  ? 2.610   -10.045 13.203  1.00 21.16 ? 65   GLN A CB  1 
ATOM   480  C  CG  . GLN A 1 65  ? 2.142   -10.303 14.656  1.00 20.88 ? 65   GLN A CG  1 
ATOM   481  C  CD  . GLN A 1 65  ? 2.851   -9.403  15.659  1.00 21.18 ? 65   GLN A CD  1 
ATOM   482  O  OE1 . GLN A 1 65  ? 4.076   -9.452  15.815  1.00 19.93 ? 65   GLN A OE1 1 
ATOM   483  N  NE2 . GLN A 1 65  ? 2.069   -8.560  16.350  1.00 22.00 ? 65   GLN A NE2 1 
ATOM   484  N  N   . THR A 1 66  ? 0.676   -8.985  10.898  1.00 21.54 ? 66   THR A N   1 
ATOM   485  C  CA  . THR A 1 66  ? -0.479  -8.288  10.370  1.00 22.00 ? 66   THR A CA  1 
ATOM   486  C  C   . THR A 1 66  ? -0.366  -8.127  8.886   1.00 21.78 ? 66   THR A C   1 
ATOM   487  O  O   . THR A 1 66  ? 0.717   -7.891  8.366   1.00 21.37 ? 66   THR A O   1 
ATOM   488  C  CB  . THR A 1 66  ? -0.645  -6.886  10.935  1.00 21.95 ? 66   THR A CB  1 
ATOM   489  O  OG1 . THR A 1 66  ? 0.544   -6.147  10.683  1.00 21.81 ? 66   THR A OG1 1 
ATOM   490  C  CG2 . THR A 1 66  ? -0.931  -6.930  12.443  1.00 22.00 ? 66   THR A CG2 1 
ATOM   491  N  N   . GLY A 1 67  ? -1.512  -8.241  8.213   1.00 21.86 ? 67   GLY A N   1 
ATOM   492  C  CA  . GLY A 1 67  ? -1.580  -8.022  6.766   1.00 20.93 ? 67   GLY A CA  1 
ATOM   493  C  C   . GLY A 1 67  ? -0.943  -9.107  5.927   1.00 20.21 ? 67   GLY A C   1 
ATOM   494  O  O   . GLY A 1 67  ? -0.577  -8.858  4.793   1.00 19.65 ? 67   GLY A O   1 
ATOM   495  N  N   . ASP A 1 68  ? -0.858  -10.325 6.478   1.00 20.03 ? 68   ASP A N   1 
ATOM   496  C  CA  . ASP A 1 68  ? -0.289  -11.472 5.767   1.00 19.51 ? 68   ASP A CA  1 
ATOM   497  C  C   . ASP A 1 68  ? -1.153  -11.967 4.624   1.00 19.37 ? 68   ASP A C   1 
ATOM   498  O  O   . ASP A 1 68  ? -2.329  -12.311 4.815   1.00 19.92 ? 68   ASP A O   1 
ATOM   499  C  CB  . ASP A 1 68  ? -0.050  -12.637 6.717   1.00 19.64 ? 68   ASP A CB  1 
ATOM   500  C  CG  . ASP A 1 68  ? 0.574   -13.834 6.013   1.00 19.03 ? 68   ASP A CG  1 
ATOM   501  O  OD1 . ASP A 1 68  ? 1.753   -13.752 5.602   1.00 18.34 ? 68   ASP A OD1 1 
ATOM   502  O  OD2 . ASP A 1 68  ? -0.122  -14.858 5.868   1.00 18.10 ? 68   ASP A OD2 1 
ATOM   503  N  N   . CYS A 1 69  ? -0.556  -12.017 3.438   1.00 18.77 ? 69   CYS A N   1 
ATOM   504  C  CA  . CYS A 1 69  ? -1.245  -12.488 2.259   1.00 18.25 ? 69   CYS A CA  1 
ATOM   505  C  C   . CYS A 1 69  ? -0.569  -13.754 1.767   1.00 17.47 ? 69   CYS A C   1 
ATOM   506  O  O   . CYS A 1 69  ? 0.388   -13.711 0.986   1.00 17.71 ? 69   CYS A O   1 
ATOM   507  C  CB  . CYS A 1 69  ? -1.274  -11.383 1.175   1.00 18.53 ? 69   CYS A CB  1 
ATOM   508  S  SG  . CYS A 1 69  ? -2.369  -11.669 -0.292  1.00 20.45 ? 69   CYS A SG  1 
ATOM   509  N  N   . GLY A 1 70  ? -1.066  -14.885 2.247   1.00 17.10 ? 70   GLY A N   1 
ATOM   510  C  CA  . GLY A 1 70  ? -0.579  -16.168 1.795   1.00 17.55 ? 70   GLY A CA  1 
ATOM   511  C  C   . GLY A 1 70  ? 0.904   -16.382 1.994   1.00 18.25 ? 70   GLY A C   1 
ATOM   512  O  O   . GLY A 1 70  ? 1.488   -17.210 1.301   1.00 18.70 ? 70   GLY A O   1 
ATOM   513  N  N   . GLY A 1 71  ? 1.515   -15.647 2.931   1.00 18.59 ? 71   GLY A N   1 
ATOM   514  C  CA  . GLY A 1 71  ? 2.914   -15.852 3.290   1.00 19.00 ? 71   GLY A CA  1 
ATOM   515  C  C   . GLY A 1 71  ? 3.814   -15.220 2.271   1.00 19.21 ? 71   GLY A C   1 
ATOM   516  O  O   . GLY A 1 71  ? 3.495   -14.125 1.806   1.00 19.28 ? 71   GLY A O   1 
ATOM   517  N  N   . SER A 1 72  ? 4.928   -15.922 1.942   1.00 20.01 ? 72   SER A N   1 
ATOM   518  C  CA  . SER A 1 72  ? 5.853   -15.529 0.865   1.00 20.64 ? 72   SER A CA  1 
ATOM   519  C  C   . SER A 1 72  ? 5.126   -15.332 -0.438  1.00 21.16 ? 72   SER A C   1 
ATOM   520  O  O   . SER A 1 72  ? 5.336   -14.334 -1.094  1.00 21.26 ? 72   SER A O   1 
ATOM   521  C  CB  . SER A 1 72  ? 6.908   -16.619 0.615   1.00 20.41 ? 72   SER A CB  1 
ATOM   522  O  OG  . SER A 1 72  ? 7.790   -16.679 1.708   1.00 22.00 ? 72   SER A OG  1 
ATOM   523  N  N   . SER A 1 73  ? 4.303   -16.306 -0.819  1.00 21.94 ? 73   SER A N   1 
ATOM   524  C  CA  . SER A 1 73  ? 3.550   -16.267 -2.066  1.00 22.00 ? 73   SER A CA  1 
ATOM   525  C  C   . SER A 1 73  ? 2.342   -15.415 -1.873  1.00 22.00 ? 73   SER A C   1 
ATOM   526  O  O   . SER A 1 73  ? 1.349   -15.878 -1.256  1.00 22.00 ? 73   SER A O   1 
ATOM   527  C  CB  . SER A 1 73  ? 3.011   -17.647 -2.339  1.00 22.00 ? 73   SER A CB  1 
ATOM   528  O  OG  . SER A 1 73  ? 2.030   -17.931 -1.290  1.00 22.00 ? 73   SER A OG  1 
ATOM   529  N  N   . LEU A 1 74  ? 2.393   -14.203 -2.423  1.00 22.00 ? 74   LEU A N   1 
ATOM   530  C  CA  . LEU A 1 74  ? 1.448   -13.155 -2.083  1.00 22.00 ? 74   LEU A CA  1 
ATOM   531  C  C   . LEU A 1 74  ? 0.122   -13.411 -2.763  1.00 22.00 ? 74   LEU A C   1 
ATOM   532  O  O   . LEU A 1 74  ? -0.485  -12.488 -3.311  1.00 22.00 ? 74   LEU A O   1 
ATOM   533  C  CB  . LEU A 1 74  ? 2.028   -11.784 -2.461  1.00 22.00 ? 74   LEU A CB  1 
ATOM   534  C  CG  . LEU A 1 74  ? 3.118   -11.233 -1.508  1.00 21.47 ? 74   LEU A CG  1 
ATOM   535  C  CD1 . LEU A 1 74  ? 4.279   -10.539 -2.203  1.00 19.73 ? 74   LEU A CD1 1 
ATOM   536  C  CD2 . LEU A 1 74  ? 2.497   -10.277 -0.499  1.00 21.77 ? 74   LEU A CD2 1 
ATOM   537  N  N   . THR A 1 75  ? -0.320  -14.665 -2.738  1.00 22.00 ? 75   THR A N   1 
ATOM   538  C  CA  . THR A 1 75  ? -1.602  -15.026 -3.323  1.00 22.00 ? 75   THR A CA  1 
ATOM   539  C  C   . THR A 1 75  ? -2.694  -15.105 -2.252  1.00 22.00 ? 75   THR A C   1 
ATOM   540  O  O   . THR A 1 75  ? -2.516  -15.804 -1.245  1.00 22.00 ? 75   THR A O   1 
ATOM   541  C  CB  . THR A 1 75  ? -1.550  -16.349 -4.063  1.00 22.00 ? 75   THR A CB  1 
ATOM   542  O  OG1 . THR A 1 75  ? -0.894  -17.285 -3.228  1.00 22.00 ? 75   THR A OG1 1 
ATOM   543  C  CG2 . THR A 1 75  ? -0.772  -16.232 -5.353  1.00 22.00 ? 75   THR A CG2 1 
ATOM   544  N  N   . CYS A 1 76  ? -3.811  -14.387 -2.490  1.00 22.00 ? 76   CYS A N   1 
ATOM   545  C  CA  . CYS A 1 76  ? -4.978  -14.344 -1.585  1.00 22.14 ? 76   CYS A CA  1 
ATOM   546  C  C   . CYS A 1 76  ? -6.343  -14.612 -2.245  1.00 22.90 ? 76   CYS A C   1 
ATOM   547  O  O   . CYS A 1 76  ? -7.027  -15.579 -1.903  1.00 23.38 ? 76   CYS A O   1 
ATOM   548  C  CB  . CYS A 1 76  ? -5.037  -13.005 -0.879  1.00 22.00 ? 76   CYS A CB  1 
ATOM   549  S  SG  . CYS A 1 76  ? -3.857  -12.904 0.404   1.00 22.71 ? 76   CYS A SG  1 
ATOM   550  N  N   . GLY A 1 77  ? -6.744  -13.770 -3.197  1.00 23.39 ? 77   GLY A N   1 
ATOM   551  C  CA  . GLY A 1 77  ? -5.924  -12.673 -3.671  1.00 22.93 ? 77   GLY A CA  1 
ATOM   552  C  C   . GLY A 1 77  ? -6.622  -11.400 -3.325  1.00 22.99 ? 77   GLY A C   1 
ATOM   553  O  O   . GLY A 1 77  ? -7.828  -11.264 -3.517  1.00 23.29 ? 77   GLY A O   1 
ATOM   554  N  N   . GLY A 1 78  ? -5.843  -10.462 -2.815  1.00 22.87 ? 78   GLY A N   1 
ATOM   555  C  CA  . GLY A 1 78  ? -6.338  -9.142  -2.479  1.00 22.11 ? 78   GLY A CA  1 
ATOM   556  C  C   . GLY A 1 78  ? -7.037  -9.175  -1.147  1.00 22.00 ? 78   GLY A C   1 
ATOM   557  O  O   . GLY A 1 78  ? -7.537  -8.121  -0.685  1.00 22.00 ? 78   GLY A O   1 
ATOM   558  N  N   . ASN A 1 79  ? -7.069  -10.379 -0.529  1.00 22.00 ? 79   ASN A N   1 
ATOM   559  C  CA  . ASN A 1 79  ? -7.614  -10.512 0.828   1.00 22.00 ? 79   ASN A CA  1 
ATOM   560  C  C   . ASN A 1 79  ? -6.617  -10.881 1.930   1.00 22.00 ? 79   ASN A C   1 
ATOM   561  O  O   . ASN A 1 79  ? -6.609  -12.036 2.389   1.00 22.00 ? 79   ASN A O   1 
ATOM   562  C  CB  . ASN A 1 79  ? -8.772  -11.491 0.828   1.00 22.00 ? 79   ASN A CB  1 
ATOM   563  C  CG  . ASN A 1 79  ? -9.831  -11.096 -0.165  1.00 22.23 ? 79   ASN A CG  1 
ATOM   564  O  OD1 . ASN A 1 79  ? -10.172 -9.914  -0.285  1.00 22.81 ? 79   ASN A OD1 1 
ATOM   565  N  ND2 . ASN A 1 79  ? -10.361 -12.079 -0.901  1.00 24.25 ? 79   ASN A ND2 1 
ATOM   566  N  N   . PRO A 1 80  ? -5.769  -9.904  2.348   1.00 22.00 ? 80   PRO A N   1 
ATOM   567  C  CA  . PRO A 1 80  ? -4.874  -10.165 3.483   1.00 22.00 ? 80   PRO A CA  1 
ATOM   568  C  C   . PRO A 1 80  ? -5.650  -10.255 4.806   1.00 22.00 ? 80   PRO A C   1 
ATOM   569  O  O   . PRO A 1 80  ? -6.829  -9.848  4.866   1.00 22.00 ? 80   PRO A O   1 
ATOM   570  C  CB  . PRO A 1 80  ? -3.913  -8.957  3.482   1.00 22.00 ? 80   PRO A CB  1 
ATOM   571  C  CG  . PRO A 1 80  ? -4.642  -7.861  2.733   1.00 22.00 ? 80   PRO A CG  1 
ATOM   572  C  CD  . PRO A 1 80  ? -5.535  -8.546  1.711   1.00 22.00 ? 80   PRO A CD  1 
ATOM   573  N  N   . ALA A 1 81  ? -4.990  -10.779 5.850   1.00 22.00 ? 81   ALA A N   1 
ATOM   574  C  CA  . ALA A 1 81  ? -5.631  -10.965 7.146   1.00 22.00 ? 81   ALA A CA  1 
ATOM   575  C  C   . ALA A 1 81  ? -5.960  -9.625  7.853   1.00 22.00 ? 81   ALA A C   1 
ATOM   576  O  O   . ALA A 1 81  ? -5.168  -8.668  7.849   1.00 22.00 ? 81   ALA A O   1 
ATOM   577  C  CB  . ALA A 1 81  ? -4.739  -11.851 8.026   1.00 22.00 ? 81   ALA A CB  1 
ATOM   578  N  N   . VAL A 1 82  ? -7.141  -9.590  8.462   1.00 21.21 ? 82   VAL A N   1 
ATOM   579  C  CA  . VAL A 1 82  ? -7.556  -8.521  9.386   1.00 20.74 ? 82   VAL A CA  1 
ATOM   580  C  C   . VAL A 1 82  ? -6.671  -8.566  10.671  1.00 19.95 ? 82   VAL A C   1 
ATOM   581  O  O   . VAL A 1 82  ? -6.445  -9.640  11.243  1.00 20.24 ? 82   VAL A O   1 
ATOM   582  C  CB  . VAL A 1 82  ? -9.106  -8.700  9.734   1.00 21.27 ? 82   VAL A CB  1 
ATOM   583  C  CG1 . VAL A 1 82  ? -9.646  -7.678  10.763  1.00 20.70 ? 82   VAL A CG1 1 
ATOM   584  C  CG2 . VAL A 1 82  ? -9.960  -8.679  8.458   1.00 22.00 ? 82   VAL A CG2 1 
ATOM   585  N  N   . PRO A 1 83  ? -6.193  -7.405  11.151  1.00 19.11 ? 83   PRO A N   1 
ATOM   586  C  CA  . PRO A 1 83  ? -6.499  -6.120  10.598  1.00 18.89 ? 83   PRO A CA  1 
ATOM   587  C  C   . PRO A 1 83  ? -5.437  -5.717  9.608   1.00 19.24 ? 83   PRO A C   1 
ATOM   588  O  O   . PRO A 1 83  ? -4.290  -6.211  9.678   1.00 19.82 ? 83   PRO A O   1 
ATOM   589  C  CB  . PRO A 1 83  ? -6.445  -5.218  11.825  1.00 18.55 ? 83   PRO A CB  1 
ATOM   590  C  CG  . PRO A 1 83  ? -5.442  -5.861  12.750  1.00 18.13 ? 83   PRO A CG  1 
ATOM   591  C  CD  . PRO A 1 83  ? -5.317  -7.291  12.347  1.00 19.00 ? 83   PRO A CD  1 
ATOM   592  N  N   . THR A 1 84  ? -5.816  -4.832  8.692   1.00 19.08 ? 84   THR A N   1 
ATOM   593  C  CA  . THR A 1 84  ? -4.860  -4.213  7.784   1.00 19.12 ? 84   THR A CA  1 
ATOM   594  C  C   . THR A 1 84  ? -5.395  -2.948  7.128   1.00 19.08 ? 84   THR A C   1 
ATOM   595  O  O   . THR A 1 84  ? -6.570  -2.874  6.764   1.00 19.62 ? 84   THR A O   1 
ATOM   596  C  CB  . THR A 1 84  ? -4.385  -5.176  6.684   1.00 19.49 ? 84   THR A CB  1 
ATOM   597  O  OG1 . THR A 1 84  ? -3.563  -4.445  5.759   1.00 20.07 ? 84   THR A OG1 1 
ATOM   598  C  CG2 . THR A 1 84  ? -5.567  -5.853  5.938   1.00 19.08 ? 84   THR A CG2 1 
ATOM   599  N  N   . THR A 1 85  ? -4.528  -1.956  6.984   1.00 18.89 ? 85   THR A N   1 
ATOM   600  C  CA  . THR A 1 85  ? -4.886  -0.698  6.342   1.00 19.11 ? 85   THR A CA  1 
ATOM   601  C  C   . THR A 1 85  ? -4.732  -0.870  4.842   1.00 19.57 ? 85   THR A C   1 
ATOM   602  O  O   . THR A 1 85  ? -3.684  -1.328  4.398   1.00 19.67 ? 85   THR A O   1 
ATOM   603  C  CB  . THR A 1 85  ? -3.972  0.425   6.807   1.00 18.89 ? 85   THR A CB  1 
ATOM   604  O  OG1 . THR A 1 85  ? -4.075  0.522   8.257   1.00 18.91 ? 85   THR A OG1 1 
ATOM   605  C  CG2 . THR A 1 85  ? -4.388  1.750   6.175   1.00 19.34 ? 85   THR A CG2 1 
ATOM   606  N  N   . MET A 1 86  ? -5.786  -0.540  4.077   1.00 19.85 ? 86   MET A N   1 
ATOM   607  C  CA  . MET A 1 86  ? -5.831  -0.750  2.614   1.00 19.91 ? 86   MET A CA  1 
ATOM   608  C  C   . MET A 1 86  ? -5.832  0.516   1.779   1.00 19.82 ? 86   MET A C   1 
ATOM   609  O  O   . MET A 1 86  ? -6.810  1.316   1.790   1.00 19.33 ? 86   MET A O   1 
ATOM   610  C  CB  . MET A 1 86  ? -7.034  -1.575  2.207   1.00 19.84 ? 86   MET A CB  1 
ATOM   611  C  CG  . MET A 1 86  ? -6.759  -3.031  2.136   1.00 22.63 ? 86   MET A CG  1 
ATOM   612  S  SD  . MET A 1 86  ? -5.662  -3.420  0.775   1.00 26.09 ? 86   MET A SD  1 
ATOM   613  C  CE  . MET A 1 86  ? -6.114  -5.162  0.573   1.00 26.22 ? 86   MET A CE  1 
ATOM   614  N  N   . ALA A 1 87  ? -4.725  0.671   1.036   1.00 19.70 ? 87   ALA A N   1 
ATOM   615  C  CA  . ALA A 1 87  ? -4.607  1.736   0.083   1.00 19.75 ? 87   ALA A CA  1 
ATOM   616  C  C   . ALA A 1 87  ? -4.863  1.207   -1.336  1.00 20.22 ? 87   ALA A C   1 
ATOM   617  O  O   . ALA A 1 87  ? -4.398  0.109   -1.696  1.00 20.32 ? 87   ALA A O   1 
ATOM   618  C  CB  . ALA A 1 87  ? -3.257  2.320   0.177   1.00 19.72 ? 87   ALA A CB  1 
ATOM   619  N  N   . GLU A 1 88  ? -5.614  1.988   -2.127  1.00 20.51 ? 88   GLU A N   1 
ATOM   620  C  CA  . GLU A 1 88  ? -5.946  1.662   -3.533  1.00 20.53 ? 88   GLU A CA  1 
ATOM   621  C  C   . GLU A 1 88  ? -5.457  2.758   -4.479  1.00 20.17 ? 88   GLU A C   1 
ATOM   622  O  O   . GLU A 1 88  ? -5.704  3.938   -4.266  1.00 19.95 ? 88   GLU A O   1 
ATOM   623  C  CB  . GLU A 1 88  ? -7.467  1.485   -3.690  1.00 20.35 ? 88   GLU A CB  1 
ATOM   624  C  CG  . GLU A 1 88  ? -7.916  0.432   -4.683  1.00 21.62 ? 88   GLU A CG  1 
ATOM   625  C  CD  . GLU A 1 88  ? -8.267  0.998   -6.042  1.00 23.48 ? 88   GLU A CD  1 
ATOM   626  O  OE1 . GLU A 1 88  ? -9.252  0.536   -6.656  1.00 23.54 ? 88   GLU A OE1 1 
ATOM   627  O  OE2 . GLU A 1 88  ? -7.516  1.861   -6.541  1.00 25.23 ? 88   GLU A OE2 1 
ATOM   628  N  N   . VAL A 1 89  ? -4.773  2.364   -5.537  1.00 20.56 ? 89   VAL A N   1 
ATOM   629  C  CA  . VAL A 1 89  ? -4.311  3.330   -6.524  1.00 21.21 ? 89   VAL A CA  1 
ATOM   630  C  C   . VAL A 1 89  ? -4.779  2.869   -7.893  1.00 21.64 ? 89   VAL A C   1 
ATOM   631  O  O   . VAL A 1 89  ? -4.404  1.766   -8.309  1.00 22.00 ? 89   VAL A O   1 
ATOM   632  C  CB  . VAL A 1 89  ? -2.743  3.485   -6.493  1.00 21.13 ? 89   VAL A CB  1 
ATOM   633  C  CG1 . VAL A 1 89  ? -2.208  4.286   -7.687  1.00 20.67 ? 89   VAL A CG1 1 
ATOM   634  C  CG2 . VAL A 1 89  ? -2.292  4.111   -5.176  1.00 20.30 ? 89   VAL A CG2 1 
ATOM   635  N  N   . SER A 1 90  ? -5.591  3.700   -8.573  1.00 22.11 ? 90   SER A N   1 
ATOM   636  C  CA  . SER A 1 90  ? -5.996  3.465   -9.973  1.00 22.99 ? 90   SER A CA  1 
ATOM   637  C  C   . SER A 1 90  ? -5.209  4.367   -10.934 1.00 23.53 ? 90   SER A C   1 
ATOM   638  O  O   . SER A 1 90  ? -4.945  5.534   -10.635 1.00 24.01 ? 90   SER A O   1 
ATOM   639  C  CB  . SER A 1 90  ? -7.503  3.659   -10.181 1.00 22.54 ? 90   SER A CB  1 
ATOM   640  O  OG  . SER A 1 90  ? -8.281  2.929   -9.233  1.00 24.03 ? 90   SER A OG  1 
ATOM   641  N  N   . VAL A 1 91  ? -4.827  3.826   -12.088 1.00 23.74 ? 91   VAL A N   1 
ATOM   642  C  CA  . VAL A 1 91  ? -4.105  4.621   -13.072 1.00 24.05 ? 91   VAL A CA  1 
ATOM   643  C  C   . VAL A 1 91  ? -4.828  4.679   -14.428 1.00 24.27 ? 91   VAL A C   1 
ATOM   644  O  O   . VAL A 1 91  ? -5.256  3.649   -14.946 1.00 24.03 ? 91   VAL A O   1 
ATOM   645  C  CB  . VAL A 1 91  ? -2.672  4.066   -13.251 1.00 24.30 ? 91   VAL A CB  1 
ATOM   646  C  CG1 . VAL A 1 91  ? -1.833  4.953   -14.191 1.00 23.81 ? 91   VAL A CG1 1 
ATOM   647  C  CG2 . VAL A 1 91  ? -1.985  3.938   -11.883 1.00 24.24 ? 91   VAL A CG2 1 
ATOM   648  N  N   . LEU A 1 92  ? -4.992  5.893   -14.964 1.00 24.33 ? 92   LEU A N   1 
ATOM   649  C  CA  . LEU A 1 92  ? -5.145  6.120   -16.425 1.00 25.33 ? 92   LEU A CA  1 
ATOM   650  C  C   . LEU A 1 92  ? -3.782  6.539   -17.032 1.00 25.94 ? 92   LEU A C   1 
ATOM   651  O  O   . LEU A 1 92  ? -2.904  7.029   -16.322 1.00 26.59 ? 92   LEU A O   1 
ATOM   652  C  CB  . LEU A 1 92  ? -6.199  7.198   -16.756 1.00 24.97 ? 92   LEU A CB  1 
ATOM   653  C  CG  . LEU A 1 92  ? -6.342  7.529   -18.304 1.00 25.93 ? 92   LEU A CG  1 
ATOM   654  C  CD1 . LEU A 1 92  ? -6.918  6.348   -19.138 1.00 26.64 ? 92   LEU A CD1 1 
ATOM   655  C  CD2 . LEU A 1 92  ? -7.221  8.796   -18.571 1.00 26.55 ? 92   LEU A CD2 1 
ATOM   656  N  N   . GLN A 1 93  ? -3.584  6.338   -18.329 1.00 26.33 ? 93   GLN A N   1 
ATOM   657  C  CA  . GLN A 1 93  ? -2.350  6.788   -18.961 1.00 26.48 ? 93   GLN A CA  1 
ATOM   658  C  C   . GLN A 1 93  ? -2.051  8.219   -18.467 1.00 26.29 ? 93   GLN A C   1 
ATOM   659  O  O   . GLN A 1 93  ? -2.703  9.203   -18.931 1.00 26.27 ? 93   GLN A O   1 
ATOM   660  C  CB  . GLN A 1 93  ? -2.482  6.754   -20.514 1.00 26.75 ? 93   GLN A CB  1 
ATOM   661  C  CG  . GLN A 1 93  ? -2.282  5.353   -21.163 1.00 27.03 ? 93   GLN A CG  1 
ATOM   662  C  CD  . GLN A 1 93  ? -1.733  5.434   -22.616 1.00 27.85 ? 93   GLN A CD  1 
ATOM   663  O  OE1 . GLN A 1 93  ? -0.822  4.686   -22.979 1.00 27.37 ? 93   GLN A OE1 1 
ATOM   664  N  NE2 . GLN A 1 93  ? -2.281  6.344   -23.444 1.00 26.23 ? 93   GLN A NE2 1 
ATOM   665  N  N   . GLY A 1 94  ? -1.093  8.326   -17.527 1.00 25.86 ? 94   GLY A N   1 
ATOM   666  C  CA  . GLY A 1 94  ? -0.702  9.633   -16.948 1.00 25.34 ? 94   GLY A CA  1 
ATOM   667  C  C   . GLY A 1 94  ? -1.366  10.080  -15.636 1.00 24.79 ? 94   GLY A C   1 
ATOM   668  O  O   . GLY A 1 94  ? -0.650  10.536  -14.699 1.00 24.69 ? 94   GLY A O   1 
ATOM   669  N  N   . ASN A 1 95  ? -2.729  9.962   -15.583 1.00 24.44 ? 95   ASN A N   1 
ATOM   670  C  CA  . ASN A 1 95  ? -3.563  10.341  -14.396 1.00 23.37 ? 95   ASN A CA  1 
ATOM   671  C  C   . ASN A 1 95  ? -3.682  9.286   -13.285 1.00 22.82 ? 95   ASN A C   1 
ATOM   672  O  O   . ASN A 1 95  ? -3.815  8.076   -13.561 1.00 23.17 ? 95   ASN A O   1 
ATOM   673  C  CB  . ASN A 1 95  ? -4.967  10.698  -14.841 1.00 23.31 ? 95   ASN A CB  1 
ATOM   674  C  CG  . ASN A 1 95  ? -4.996  11.957  -15.646 1.00 23.97 ? 95   ASN A CG  1 
ATOM   675  O  OD1 . ASN A 1 95  ? -5.838  12.831  -15.412 1.00 25.11 ? 95   ASN A OD1 1 
ATOM   676  N  ND2 . ASN A 1 95  ? -4.074  12.073  -16.603 1.00 22.72 ? 95   ASN A ND2 1 
ATOM   677  N  N   . TYR A 1 96  ? -3.654  9.746   -12.030 1.00 22.00 ? 96   TYR A N   1 
ATOM   678  C  CA  . TYR A 1 96  ? -3.672  8.844   -10.892 1.00 20.79 ? 96   TYR A CA  1 
ATOM   679  C  C   . TYR A 1 96  ? -4.840  9.240   -10.010 1.00 20.38 ? 96   TYR A C   1 
ATOM   680  O  O   . TYR A 1 96  ? -5.167  10.410  -9.911  1.00 20.52 ? 96   TYR A O   1 
ATOM   681  C  CB  . TYR A 1 96  ? -2.357  8.924   -10.067 1.00 20.52 ? 96   TYR A CB  1 
ATOM   682  C  CG  . TYR A 1 96  ? -1.037  8.631   -10.795 1.00 21.14 ? 96   TYR A CG  1 
ATOM   683  C  CD1 . TYR A 1 96  ? -0.746  7.340   -11.267 1.00 20.91 ? 96   TYR A CD1 1 
ATOM   684  C  CD2 . TYR A 1 96  ? -0.054  9.645   -10.982 1.00 22.04 ? 96   TYR A CD2 1 
ATOM   685  C  CE1 . TYR A 1 96  ? 0.468   7.072   -11.941 1.00 20.65 ? 96   TYR A CE1 1 
ATOM   686  C  CE2 . TYR A 1 96  ? 1.160   9.379   -11.653 1.00 21.93 ? 96   TYR A CE2 1 
ATOM   687  C  CZ  . TYR A 1 96  ? 1.412   8.098   -12.121 1.00 21.30 ? 96   TYR A CZ  1 
ATOM   688  O  OH  . TYR A 1 96  ? 2.593   7.858   -12.795 1.00 21.65 ? 96   TYR A OH  1 
ATOM   689  N  N   . THR A 1 97  ? -5.478  8.263   -9.369  1.00 20.14 ? 97   THR A N   1 
ATOM   690  C  CA  . THR A 1 97  ? -6.417  8.502   -8.253  1.00 19.55 ? 97   THR A CA  1 
ATOM   691  C  C   . THR A 1 97  ? -5.969  7.586   -7.164  1.00 19.15 ? 97   THR A C   1 
ATOM   692  O  O   . THR A 1 97  ? -5.575  6.446   -7.436  1.00 19.52 ? 97   THR A O   1 
ATOM   693  C  CB  . THR A 1 97  ? -7.880  8.125   -8.590  1.00 19.40 ? 97   THR A CB  1 
ATOM   694  O  OG1 . THR A 1 97  ? -7.945  6.770   -9.073  1.00 20.14 ? 97   THR A OG1 1 
ATOM   695  C  CG2 . THR A 1 97  ? -8.437  9.034   -9.697  1.00 20.33 ? 97   THR A CG2 1 
ATOM   696  N  N   . TYR A 1 98  ? -6.008  8.070   -5.930  1.00 18.67 ? 98   TYR A N   1 
ATOM   697  C  CA  . TYR A 1 98  ? -5.502  7.281   -4.797  1.00 18.31 ? 98   TYR A CA  1 
ATOM   698  C  C   . TYR A 1 98  ? -6.439  7.351   -3.583  1.00 18.42 ? 98   TYR A C   1 
ATOM   699  O  O   . TYR A 1 98  ? -6.808  8.423   -3.137  1.00 18.59 ? 98   TYR A O   1 
ATOM   700  C  CB  . TYR A 1 98  ? -4.056  7.682   -4.447  1.00 18.00 ? 98   TYR A CB  1 
ATOM   701  C  CG  . TYR A 1 98  ? -3.814  9.184   -4.425  1.00 17.74 ? 98   TYR A CG  1 
ATOM   702  C  CD1 . TYR A 1 98  ? -3.617  9.902   -5.594  1.00 15.24 ? 98   TYR A CD1 1 
ATOM   703  C  CD2 . TYR A 1 98  ? -3.794  9.879   -3.227  1.00 18.76 ? 98   TYR A CD2 1 
ATOM   704  C  CE1 . TYR A 1 98  ? -3.424  11.252  -5.572  1.00 15.87 ? 98   TYR A CE1 1 
ATOM   705  C  CE2 . TYR A 1 98  ? -3.608  11.250  -3.201  1.00 18.29 ? 98   TYR A CE2 1 
ATOM   706  C  CZ  . TYR A 1 98  ? -3.422  11.930  -4.378  1.00 17.56 ? 98   TYR A CZ  1 
ATOM   707  O  OH  . TYR A 1 98  ? -3.224  13.301  -4.359  1.00 19.16 ? 98   TYR A OH  1 
ATOM   708  N  N   . GLY A 1 99  ? -6.854  6.197   -3.077  1.00 18.44 ? 99   GLY A N   1 
ATOM   709  C  CA  . GLY A 1 99  ? -7.819  6.133   -1.980  1.00 18.16 ? 99   GLY A CA  1 
ATOM   710  C  C   . GLY A 1 99  ? -7.360  5.158   -0.926  1.00 18.31 ? 99   GLY A C   1 
ATOM   711  O  O   . GLY A 1 99  ? -6.438  4.379   -1.149  1.00 18.23 ? 99   GLY A O   1 
ATOM   712  N  N   . VAL A 1 100 ? -7.984  5.205   0.241   1.00 18.55 ? 100  VAL A N   1 
ATOM   713  C  CA  . VAL A 1 100 ? -7.487  4.432   1.354   1.00 19.08 ? 100  VAL A CA  1 
ATOM   714  C  C   . VAL A 1 100 ? -8.647  4.195   2.260   1.00 18.77 ? 100  VAL A C   1 
ATOM   715  O  O   . VAL A 1 100 ? -9.570  5.000   2.302   1.00 18.93 ? 100  VAL A O   1 
ATOM   716  C  CB  . VAL A 1 100 ? -6.302  5.199   2.097   1.00 19.87 ? 100  VAL A CB  1 
ATOM   717  C  CG1 . VAL A 1 100 ? -6.783  6.521   2.744   1.00 20.14 ? 100  VAL A CG1 1 
ATOM   718  C  CG2 . VAL A 1 100 ? -5.533  4.286   3.120   1.00 21.12 ? 100  VAL A CG2 1 
ATOM   719  N  N   . THR A 1 101 ? -8.596  3.087   2.988   1.00 19.14 ? 101  THR A N   1 
ATOM   720  C  CA  . THR A 1 101 ? -9.565  2.798   4.061   1.00 18.88 ? 101  THR A CA  1 
ATOM   721  C  C   . THR A 1 101 ? -8.928  2.225   5.319   1.00 18.59 ? 101  THR A C   1 
ATOM   722  O  O   . THR A 1 101 ? -7.913  1.555   5.254   1.00 18.91 ? 101  THR A O   1 
ATOM   723  C  CB  . THR A 1 101 ? -10.637 1.829   3.584   1.00 18.88 ? 101  THR A CB  1 
ATOM   724  O  OG1 . THR A 1 101 ? -11.528 1.542   4.687   1.00 20.19 ? 101  THR A OG1 1 
ATOM   725  C  CG2 . THR A 1 101 ? -10.021 0.535   3.073   1.00 18.12 ? 101  THR A CG2 1 
ATOM   726  N  N   . SER A 1 102 ? -9.530  2.481   6.466   1.00 18.59 ? 102  SER A N   1 
ATOM   727  C  CA  . SER A 1 102 ? -9.118  1.810   7.696   1.00 17.98 ? 102  SER A CA  1 
ATOM   728  C  C   . SER A 1 102 ? -10.389 1.345   8.435   1.00 18.59 ? 102  SER A C   1 
ATOM   729  O  O   . SER A 1 102 ? -10.461 1.312   9.663   1.00 18.86 ? 102  SER A O   1 
ATOM   730  C  CB  . SER A 1 102 ? -8.222  2.721   8.521   1.00 16.81 ? 102  SER A CB  1 
ATOM   731  O  OG  . SER A 1 102 ? -8.958  3.838   8.949   1.00 16.13 ? 102  SER A OG  1 
ATOM   732  N  N   . THR A 1 103 ? -11.397 0.971   7.660   1.00 19.03 ? 103  THR A N   1 
ATOM   733  C  CA  . THR A 1 103 ? -12.620 0.502   8.243   1.00 20.08 ? 103  THR A CA  1 
ATOM   734  C  C   . THR A 1 103 ? -13.001 -0.853  7.676   1.00 20.59 ? 103  THR A C   1 
ATOM   735  O  O   . THR A 1 103 ? -13.594 -1.685  8.387   1.00 21.42 ? 103  THR A O   1 
ATOM   736  C  CB  . THR A 1 103 ? -13.749 1.532   8.076   1.00 20.22 ? 103  THR A CB  1 
ATOM   737  O  OG1 . THR A 1 103 ? -13.206 2.837   8.279   1.00 20.71 ? 103  THR A OG1 1 
ATOM   738  C  CG2 . THR A 1 103 ? -14.892 1.315   9.105   1.00 20.60 ? 103  THR A CG2 1 
ATOM   739  N  N   . LEU A 1 104 ? -12.666 -1.081  6.407   1.00 20.63 ? 104  LEU A N   1 
ATOM   740  C  CA  . LEU A 1 104 ? -13.139 -2.274  5.697   1.00 20.46 ? 104  LEU A CA  1 
ATOM   741  C  C   . LEU A 1 104 ? -12.485 -3.543  6.216   1.00 20.79 ? 104  LEU A C   1 
ATOM   742  O  O   . LEU A 1 104 ? -13.177 -4.565  6.419   1.00 21.22 ? 104  LEU A O   1 
ATOM   743  C  CB  . LEU A 1 104 ? -12.932 -2.129  4.191   1.00 20.04 ? 104  LEU A CB  1 
ATOM   744  C  CG  . LEU A 1 104 ? -13.005 -3.426  3.385   1.00 19.95 ? 104  LEU A CG  1 
ATOM   745  C  CD1 . LEU A 1 104 ? -14.428 -3.953  3.320   1.00 20.13 ? 104  LEU A CD1 1 
ATOM   746  C  CD2 . LEU A 1 104 ? -12.422 -3.242  1.985   1.00 20.26 ? 104  LEU A CD2 1 
ATOM   747  N  N   . LYS A 1 105 ? -11.158 -3.464  6.430   1.00 20.84 ? 105  LYS A N   1 
ATOM   748  C  CA  . LYS A 1 105 ? -10.371 -4.630  6.820   1.00 21.02 ? 105  LYS A CA  1 
ATOM   749  C  C   . LYS A 1 105 ? -9.637  -4.337  8.119   1.00 20.71 ? 105  LYS A C   1 
ATOM   750  O  O   . LYS A 1 105 ? -8.739  -5.101  8.524   1.00 21.10 ? 105  LYS A O   1 
ATOM   751  C  CB  . LYS A 1 105 ? -9.330  -4.998  5.733   1.00 21.90 ? 105  LYS A CB  1 
ATOM   752  C  CG  . LYS A 1 105 ? -9.819  -5.739  4.448   1.00 22.00 ? 105  LYS A CG  1 
ATOM   753  C  CD  . LYS A 1 105 ? -9.983  -7.227  4.683   1.00 22.50 ? 105  LYS A CD  1 
ATOM   754  C  CE  . LYS A 1 105 ? -10.540 -7.933  3.462   1.00 23.45 ? 105  LYS A CE  1 
ATOM   755  N  NZ  . LYS A 1 105 ? -9.511  -7.999  2.406   1.00 23.75 ? 105  LYS A NZ  1 
ATOM   756  N  N   . GLY A 1 106 ? -10.004 -3.229  8.764   1.00 20.25 ? 106  GLY A N   1 
ATOM   757  C  CA  . GLY A 1 106 ? -9.427  -2.850  10.060  1.00 19.35 ? 106  GLY A CA  1 
ATOM   758  C  C   . GLY A 1 106 ? -8.324  -1.822  9.918   1.00 18.99 ? 106  GLY A C   1 
ATOM   759  O  O   . GLY A 1 106 ? -8.282  -1.088  8.928   1.00 19.01 ? 106  GLY A O   1 
ATOM   760  N  N   . PHE A 1 107 ? -7.415  -1.785  10.897  1.00 18.76 ? 107  PHE A N   1 
ATOM   761  C  CA  . PHE A 1 107 ? -6.296  -0.850  10.891  1.00 18.25 ? 107  PHE A CA  1 
ATOM   762  C  C   . PHE A 1 107 ? -5.097  -1.466  11.544  1.00 18.57 ? 107  PHE A C   1 
ATOM   763  O  O   . PHE A 1 107 ? -5.203  -1.983  12.660  1.00 19.18 ? 107  PHE A O   1 
ATOM   764  C  CB  . PHE A 1 107 ? -6.683  0.391   11.665  1.00 18.22 ? 107  PHE A CB  1 
ATOM   765  C  CG  . PHE A 1 107 ? -5.577  1.375   11.838  1.00 17.74 ? 107  PHE A CG  1 
ATOM   766  C  CD1 . PHE A 1 107 ? -4.775  1.354   12.975  1.00 17.63 ? 107  PHE A CD1 1 
ATOM   767  C  CD2 . PHE A 1 107 ? -5.354  2.332   10.881  1.00 17.77 ? 107  PHE A CD2 1 
ATOM   768  C  CE1 . PHE A 1 107 ? -3.758  2.253   13.137  1.00 17.64 ? 107  PHE A CE1 1 
ATOM   769  C  CE2 . PHE A 1 107 ? -4.343  3.240   11.040  1.00 19.02 ? 107  PHE A CE2 1 
ATOM   770  C  CZ  . PHE A 1 107 ? -3.543  3.206   12.170  1.00 18.56 ? 107  PHE A CZ  1 
ATOM   771  N  N   . ASN A 1 108 ? -3.948  -1.398  10.864  1.00 19.39 ? 108  ASN A N   1 
ATOM   772  C  CA  . ASN A 1 108 ? -2.684  -1.906  11.421  1.00 19.89 ? 108  ASN A CA  1 
ATOM   773  C  C   . ASN A 1 108 ? -1.565  -0.907  11.432  1.00 20.10 ? 108  ASN A C   1 
ATOM   774  O  O   . ASN A 1 108 ? -0.871  -0.772  12.419  1.00 20.20 ? 108  ASN A O   1 
ATOM   775  C  CB  . ASN A 1 108 ? -2.221  -3.182  10.709  1.00 20.04 ? 108  ASN A CB  1 
ATOM   776  C  CG  . ASN A 1 108 ? -1.847  -2.954  9.269   1.00 19.53 ? 108  ASN A CG  1 
ATOM   777  O  OD1 . ASN A 1 108 ? -2.374  -2.072  8.612   1.00 20.39 ? 108  ASN A OD1 1 
ATOM   778  N  ND2 . ASN A 1 108 ? -0.933  -3.769  8.765   1.00 20.09 ? 108  ASN A ND2 1 
ATOM   779  N  N   . VAL A 1 109 ? -1.393  -0.215  10.319  1.00 21.02 ? 109  VAL A N   1 
ATOM   780  C  CA  . VAL A 1 109 ? -0.311  0.743   10.164  1.00 22.29 ? 109  VAL A CA  1 
ATOM   781  C  C   . VAL A 1 109 ? -0.966  2.062   9.651   1.00 22.78 ? 109  VAL A C   1 
ATOM   782  O  O   . VAL A 1 109 ? -1.780  2.035   8.722   1.00 22.96 ? 109  VAL A O   1 
ATOM   783  C  CB  . VAL A 1 109 ? 0.894   0.185   9.241   1.00 22.20 ? 109  VAL A CB  1 
ATOM   784  C  CG1 . VAL A 1 109 ? 1.994   1.161   9.160   1.00 23.95 ? 109  VAL A CG1 1 
ATOM   785  C  CG2 . VAL A 1 109 ? 1.519   -1.123  9.756   1.00 21.98 ? 109  VAL A CG2 1 
ATOM   786  N  N   . PRO A 1 110 ? -0.655  3.223   10.290  1.00 23.73 ? 110  PRO A N   1 
ATOM   787  C  CA  . PRO A 1 110 ? -1.152  4.539   9.763   1.00 23.80 ? 110  PRO A CA  1 
ATOM   788  C  C   . PRO A 1 110 ? -0.570  4.891   8.390   1.00 23.78 ? 110  PRO A C   1 
ATOM   789  O  O   . PRO A 1 110 ? 0.624   4.681   8.138   1.00 24.26 ? 110  PRO A O   1 
ATOM   790  C  CB  . PRO A 1 110 ? -0.681  5.545   10.818  1.00 23.75 ? 110  PRO A CB  1 
ATOM   791  C  CG  . PRO A 1 110 ? 0.413   4.799   11.613  1.00 23.79 ? 110  PRO A CG  1 
ATOM   792  C  CD  . PRO A 1 110 ? 0.033   3.371   11.594  1.00 23.35 ? 110  PRO A CD  1 
ATOM   793  N  N   . MET A 1 111 ? -1.398  5.416   7.503   1.00 23.59 ? 111  MET A N   1 
ATOM   794  C  CA  . MET A 1 111 ? -0.914  5.711   6.171   1.00 23.79 ? 111  MET A CA  1 
ATOM   795  C  C   . MET A 1 111 ? -1.102  7.156   5.755   1.00 24.06 ? 111  MET A C   1 
ATOM   796  O  O   . MET A 1 111 ? -1.994  7.841   6.230   1.00 23.72 ? 111  MET A O   1 
ATOM   797  C  CB  . MET A 1 111 ? -1.605  4.815   5.161   1.00 24.13 ? 111  MET A CB  1 
ATOM   798  C  CG  . MET A 1 111 ? -1.074  3.421   5.063   1.00 24.83 ? 111  MET A CG  1 
ATOM   799  S  SD  . MET A 1 111 ? -1.917  2.573   3.714   1.00 25.38 ? 111  MET A SD  1 
ATOM   800  C  CE  . MET A 1 111 ? -1.283  0.927   4.035   1.00 26.37 ? 111  MET A CE  1 
ATOM   801  N  N   . ASN A 1 112 ? -0.249  7.603   4.840   1.00 24.75 ? 112  ASN A N   1 
ATOM   802  C  CA  . ASN A 1 112 ? -0.435  8.872   4.141   1.00 24.77 ? 112  ASN A CA  1 
ATOM   803  C  C   . ASN A 1 112 ? -0.180  8.694   2.633   1.00 24.93 ? 112  ASN A C   1 
ATOM   804  O  O   . ASN A 1 112 ? 0.962   8.387   2.222   1.00 25.32 ? 112  ASN A O   1 
ATOM   805  C  CB  . ASN A 1 112 ? 0.511   9.934   4.700   1.00 24.70 ? 112  ASN A CB  1 
ATOM   806  C  CG  . ASN A 1 112 ? -0.173  10.901  5.596   1.00 25.22 ? 112  ASN A CG  1 
ATOM   807  O  OD1 . ASN A 1 112 ? 0.168   12.083  5.619   1.00 23.61 ? 112  ASN A OD1 1 
ATOM   808  N  ND2 . ASN A 1 112 ? -1.145  10.413  6.359   1.00 26.40 ? 112  ASN A ND2 1 
ATOM   809  N  N   . LEU A 1 113 ? -1.226  8.883   1.814   1.00 24.12 ? 113  LEU A N   1 
ATOM   810  C  CA  . LEU A 1 113 ? -1.082  8.837   0.357   1.00 22.41 ? 113  LEU A CA  1 
ATOM   811  C  C   . LEU A 1 113 ? -1.007  10.259  -0.137  1.00 22.21 ? 113  LEU A C   1 
ATOM   812  O  O   . LEU A 1 113 ? -1.885  11.087  0.184   1.00 22.26 ? 113  LEU A O   1 
ATOM   813  C  CB  . LEU A 1 113 ? -2.267  8.127   -0.283  1.00 22.30 ? 113  LEU A CB  1 
ATOM   814  C  CG  . LEU A 1 113 ? -2.338  6.603   -0.068  1.00 22.53 ? 113  LEU A CG  1 
ATOM   815  C  CD1 . LEU A 1 113 ? -2.765  6.227   1.372   1.00 22.99 ? 113  LEU A CD1 1 
ATOM   816  C  CD2 . LEU A 1 113 ? -3.301  5.969   -1.057  1.00 22.00 ? 113  LEU A CD2 1 
ATOM   817  N  N   . LYS A 1 114 ? 0.050   10.560  -0.887  1.00 22.00 ? 114  LYS A N   1 
ATOM   818  C  CA  . LYS A 1 114 ? 0.189   11.894  -1.473  1.00 22.00 ? 114  LYS A CA  1 
ATOM   819  C  C   . LYS A 1 114 ? 0.751   11.942  -2.908  1.00 22.00 ? 114  LYS A C   1 
ATOM   820  O  O   . LYS A 1 114 ? 1.520   11.078  -3.328  1.00 22.00 ? 114  LYS A O   1 
ATOM   821  C  CB  . LYS A 1 114 ? 0.956   12.854  -0.532  1.00 22.00 ? 114  LYS A CB  1 
ATOM   822  C  CG  . LYS A 1 114 ? 2.325   12.371  -0.091  1.00 22.85 ? 114  LYS A CG  1 
ATOM   823  C  CD  . LYS A 1 114 ? 2.952   13.293  0.954   1.00 24.80 ? 114  LYS A CD  1 
ATOM   824  C  CE  . LYS A 1 114 ? 2.361   13.004  2.331   1.00 26.36 ? 114  LYS A CE  1 
ATOM   825  N  NZ  . LYS A 1 114 ? 3.051   13.791  3.364   1.00 27.72 ? 114  LYS A NZ  1 
ATOM   826  N  N   . CYS A 1 115 ? 0.340   12.974  -3.645  1.00 22.00 ? 115  CYS A N   1 
ATOM   827  C  CA  . CYS A 1 115 ? 0.825   13.215  -4.980  1.00 22.00 ? 115  CYS A CA  1 
ATOM   828  C  C   . CYS A 1 115 ? 1.477   14.585  -5.072  1.00 22.00 ? 115  CYS A C   1 
ATOM   829  O  O   . CYS A 1 115 ? 1.026   15.538  -4.418  1.00 22.00 ? 115  CYS A O   1 
ATOM   830  C  CB  . CYS A 1 115 ? -0.320  13.126  -5.973  1.00 22.00 ? 115  CYS A CB  1 
ATOM   831  S  SG  . CYS A 1 115 ? 0.263   12.778  -7.625  1.00 22.92 ? 115  CYS A SG  1 
ATOM   832  N  N   . SER A 1 116 ? 2.526   14.678  -5.899  1.00 22.00 ? 116  SER A N   1 
ATOM   833  C  CA  . SER A 1 116 ? 3.250   15.926  -6.101  1.00 21.89 ? 116  SER A CA  1 
ATOM   834  C  C   . SER A 1 116 ? 2.392   16.981  -6.821  1.00 21.57 ? 116  SER A C   1 
ATOM   835  O  O   . SER A 1 116 ? 2.716   18.172  -6.823  1.00 21.18 ? 116  SER A O   1 
ATOM   836  C  CB  . SER A 1 116 ? 4.554   15.658  -6.859  1.00 22.00 ? 116  SER A CB  1 
ATOM   837  O  OG  . SER A 1 116 ? 4.315   15.056  -8.121  1.00 22.00 ? 116  SER A OG  1 
ATOM   838  N  N   . SER A 1 117 ? 1.292   16.514  -7.411  1.00 21.62 ? 117  SER A N   1 
ATOM   839  C  CA  . SER A 1 117 ? 0.323   17.354  -8.103  1.00 22.00 ? 117  SER A CA  1 
ATOM   840  C  C   . SER A 1 117 ? -1.025  17.404  -7.383  1.00 22.00 ? 117  SER A C   1 
ATOM   841  O  O   . SER A 1 117 ? -1.875  18.277  -7.656  1.00 22.00 ? 117  SER A O   1 
ATOM   842  C  CB  . SER A 1 117 ? 0.126   16.842  -9.540  1.00 22.00 ? 117  SER A CB  1 
ATOM   843  O  OG  . SER A 1 117 ? 1.365   16.936  -10.207 1.00 22.00 ? 117  SER A OG  1 
ATOM   844  N  N   . GLY A 1 118 ? -1.209  16.474  -6.446  1.00 21.48 ? 118  GLY A N   1 
ATOM   845  C  CA  . GLY A 1 118 ? -2.466  16.390  -5.767  1.00 21.56 ? 118  GLY A CA  1 
ATOM   846  C  C   . GLY A 1 118 ? -2.363  16.796  -4.328  1.00 21.49 ? 118  GLY A C   1 
ATOM   847  O  O   . GLY A 1 118 ? -1.292  17.193  -3.866  1.00 21.82 ? 118  GLY A O   1 
ATOM   848  N  N   . ASP A 1 119 ? -3.486  16.682  -3.628  1.00 21.00 ? 119  ASP A N   1 
ATOM   849  C  CA  . ASP A 1 119 ? -3.547  17.005  -2.232  1.00 20.76 ? 119  ASP A CA  1 
ATOM   850  C  C   . ASP A 1 119 ? -3.338  15.767  -1.406  1.00 20.50 ? 119  ASP A C   1 
ATOM   851  O  O   . ASP A 1 119 ? -3.597  14.662  -1.846  1.00 20.35 ? 119  ASP A O   1 
ATOM   852  C  CB  . ASP A 1 119 ? -4.900  17.599  -1.899  1.00 21.28 ? 119  ASP A CB  1 
ATOM   853  C  CG  . ASP A 1 119 ? -5.124  18.907  -2.574  1.00 22.00 ? 119  ASP A CG  1 
ATOM   854  O  OD1 . ASP A 1 119 ? -4.158  19.679  -2.675  1.00 23.22 ? 119  ASP A OD1 1 
ATOM   855  O  OD2 . ASP A 1 119 ? -6.261  19.166  -3.009  1.00 22.43 ? 119  ASP A OD2 1 
ATOM   856  N  N   . ALA A 1 120 ? -2.884  15.978  -0.183  1.00 20.41 ? 120  ALA A N   1 
ATOM   857  C  CA  . ALA A 1 120 ? -2.585  14.900  0.729   1.00 20.33 ? 120  ALA A CA  1 
ATOM   858  C  C   . ALA A 1 120 ? -3.872  14.178  1.205   1.00 19.99 ? 120  ALA A C   1 
ATOM   859  O  O   . ALA A 1 120 ? -4.887  14.830  1.470   1.00 19.88 ? 120  ALA A O   1 
ATOM   860  C  CB  . ALA A 1 120 ? -1.784  15.466  1.918   1.00 20.41 ? 120  ALA A CB  1 
ATOM   861  N  N   . LEU A 1 121 ? -3.806  12.842  1.303   1.00 19.48 ? 121  LEU A N   1 
ATOM   862  C  CA  . LEU A 1 121 ? -4.883  12.016  1.857   1.00 19.08 ? 121  LEU A CA  1 
ATOM   863  C  C   . LEU A 1 121 ? -4.427  11.237  3.106   1.00 19.04 ? 121  LEU A C   1 
ATOM   864  O  O   . LEU A 1 121 ? -3.795  10.206  2.965   1.00 18.89 ? 121  LEU A O   1 
ATOM   865  C  CB  . LEU A 1 121 ? -5.387  11.040  0.794   1.00 18.72 ? 121  LEU A CB  1 
ATOM   866  C  CG  . LEU A 1 121 ? -6.680  10.274  1.090   1.00 18.91 ? 121  LEU A CG  1 
ATOM   867  C  CD1 . LEU A 1 121 ? -7.900  11.179  1.035   1.00 18.97 ? 121  LEU A CD1 1 
ATOM   868  C  CD2 . LEU A 1 121 ? -6.849  9.141   0.123   1.00 18.80 ? 121  LEU A CD2 1 
ATOM   869  N  N   . PRO A 1 122 ? -4.735  11.737  4.330   1.00 19.16 ? 122  PRO A N   1 
ATOM   870  C  CA  . PRO A 1 122 ? -4.270  11.087  5.552   1.00 19.49 ? 122  PRO A CA  1 
ATOM   871  C  C   . PRO A 1 122 ? -5.165  9.933   6.008   1.00 20.26 ? 122  PRO A C   1 
ATOM   872  O  O   . PRO A 1 122 ? -6.381  9.941   5.763   1.00 20.07 ? 122  PRO A O   1 
ATOM   873  C  CB  . PRO A 1 122 ? -4.324  12.206  6.595   1.00 19.21 ? 122  PRO A CB  1 
ATOM   874  C  CG  . PRO A 1 122 ? -5.415  13.087  6.143   1.00 19.27 ? 122  PRO A CG  1 
ATOM   875  C  CD  . PRO A 1 122 ? -5.539  12.938  4.629   1.00 19.23 ? 122  PRO A CD  1 
ATOM   876  N  N   . CYS A 1 123 ? -4.534  8.962   6.677   1.00 20.79 ? 123  CYS A N   1 
ATOM   877  C  CA  . CYS A 1 123 ? -5.198  7.863   7.365   1.00 21.18 ? 123  CYS A CA  1 
ATOM   878  C  C   . CYS A 1 123 ? -4.350  7.369   8.550   1.00 21.33 ? 123  CYS A C   1 
ATOM   879  O  O   . CYS A 1 123 ? -3.597  6.394   8.425   1.00 21.31 ? 123  CYS A O   1 
ATOM   880  C  CB  . CYS A 1 123 ? -5.460  6.723   6.392   1.00 20.98 ? 123  CYS A CB  1 
ATOM   881  S  SG  . CYS A 1 123 ? -6.555  5.456   7.111   1.00 23.63 ? 123  CYS A SG  1 
ATOM   882  N  N   . ARG A 1 124 ? -4.476  8.043   9.695   1.00 21.91 ? 124  ARG A N   1 
ATOM   883  C  CA  . ARG A 1 124 ? -3.530  7.858   10.815  1.00 22.41 ? 124  ARG A CA  1 
ATOM   884  C  C   . ARG A 1 124 ? -4.005  6.997   11.983  1.00 22.60 ? 124  ARG A C   1 
ATOM   885  O  O   . ARG A 1 124 ? -3.186  6.472   12.742  1.00 22.55 ? 124  ARG A O   1 
ATOM   886  C  CB  . ARG A 1 124 ? -2.995  9.209   11.274  1.00 22.65 ? 124  ARG A CB  1 
ATOM   887  C  CG  . ARG A 1 124 ? -2.180  9.880   10.147  1.00 22.31 ? 124  ARG A CG  1 
ATOM   888  C  CD  . ARG A 1 124 ? -1.715  11.250  10.524  1.00 22.12 ? 124  ARG A CD  1 
ATOM   889  N  NE  . ARG A 1 124 ? -0.953  11.828  9.412   1.00 23.81 ? 124  ARG A NE  1 
ATOM   890  C  CZ  . ARG A 1 124 ? -0.313  13.002  9.444   1.00 24.44 ? 124  ARG A CZ  1 
ATOM   891  N  NH1 . ARG A 1 124 ? -0.330  13.779  10.544  1.00 24.74 ? 124  ARG A NH1 1 
ATOM   892  N  NH2 . ARG A 1 124 ? 0.340   13.411  8.361   1.00 24.30 ? 124  ARG A NH2 1 
ATOM   893  N  N   . LYS A 1 125 ? -5.329  6.836   12.092  1.00 22.75 ? 125  LYS A N   1 
ATOM   894  C  CA  . LYS A 1 125 ? -5.930  5.849   12.967  1.00 22.79 ? 125  LYS A CA  1 
ATOM   895  C  C   . LYS A 1 125 ? -7.120  5.151   12.266  1.00 22.34 ? 125  LYS A C   1 
ATOM   896  O  O   . LYS A 1 125 ? -7.450  5.459   11.129  1.00 22.20 ? 125  LYS A O   1 
ATOM   897  C  CB  . LYS A 1 125 ? -6.330  6.516   14.273  1.00 23.13 ? 125  LYS A CB  1 
ATOM   898  C  CG  . LYS A 1 125 ? -6.247  5.545   15.475  1.00 26.08 ? 125  LYS A CG  1 
ATOM   899  C  CD  . LYS A 1 125 ? -7.280  5.916   16.563  1.00 27.44 ? 125  LYS A CD  1 
ATOM   900  C  CE  . LYS A 1 125 ? -7.255  4.980   17.804  1.00 28.90 ? 125  LYS A CE  1 
ATOM   901  N  NZ  . LYS A 1 125 ? -8.227  5.447   18.919  1.00 27.82 ? 125  LYS A NZ  1 
ATOM   902  N  N   . ALA A 1 126 ? -7.754  4.198   12.937  1.00 22.08 ? 126  ALA A N   1 
ATOM   903  C  CA  . ALA A 1 126 ? -8.883  3.482   12.362  1.00 21.33 ? 126  ALA A CA  1 
ATOM   904  C  C   . ALA A 1 126 ? -10.086 4.416   12.196  1.00 21.23 ? 126  ALA A C   1 
ATOM   905  O  O   . ALA A 1 126 ? -10.420 5.218   13.095  1.00 22.00 ? 126  ALA A O   1 
ATOM   906  C  CB  . ALA A 1 126 ? -9.242  2.271   13.240  1.00 21.61 ? 126  ALA A CB  1 
ATOM   907  N  N   . GLY A 1 127 ? -10.750 4.299   11.049  1.00 20.55 ? 127  GLY A N   1 
ATOM   908  C  CA  . GLY A 1 127 ? -11.944 5.094   10.764  1.00 19.81 ? 127  GLY A CA  1 
ATOM   909  C  C   . GLY A 1 127 ? -11.631 6.416   10.093  1.00 19.31 ? 127  GLY A C   1 
ATOM   910  O  O   . GLY A 1 127 ? -12.315 7.405   10.308  1.00 19.34 ? 127  GLY A O   1 
ATOM   911  N  N   . CYS A 1 128 ? -10.591 6.429   9.274   1.00 18.95 ? 128  CYS A N   1 
ATOM   912  C  CA  . CYS A 1 128 ? -10.124 7.640   8.618   1.00 18.72 ? 128  CYS A CA  1 
ATOM   913  C  C   . CYS A 1 128 ? -11.039 8.007   7.473   1.00 18.45 ? 128  CYS A C   1 
ATOM   914  O  O   . CYS A 1 128 ? -11.251 9.183   7.167   1.00 18.27 ? 128  CYS A O   1 
ATOM   915  C  CB  . CYS A 1 128 ? -8.690  7.447   8.120   1.00 18.89 ? 128  CYS A CB  1 
ATOM   916  S  SG  . CYS A 1 128 ? -8.466  6.205   6.824   1.00 19.90 ? 128  CYS A SG  1 
ATOM   917  N  N   . ASP A 1 129 ? -11.580 6.972   6.842   1.00 18.79 ? 129  ASP A N   1 
ATOM   918  C  CA  . ASP A 1 129 ? -12.588 7.102   5.784   1.00 18.38 ? 129  ASP A CA  1 
ATOM   919  C  C   . ASP A 1 129 ? -14.025 7.128   6.350   1.00 18.29 ? 129  ASP A C   1 
ATOM   920  O  O   . ASP A 1 129 ? -14.540 6.112   6.829   1.00 18.45 ? 129  ASP A O   1 
ATOM   921  C  CB  . ASP A 1 129 ? -12.401 5.992   4.736   1.00 18.29 ? 129  ASP A CB  1 
ATOM   922  C  CG  . ASP A 1 129 ? -12.336 4.572   5.344   1.00 18.72 ? 129  ASP A CG  1 
ATOM   923  O  OD1 . ASP A 1 129 ? -11.486 4.289   6.205   1.00 16.61 ? 129  ASP A OD1 1 
ATOM   924  O  OD2 . ASP A 1 129 ? -13.152 3.712   4.928   1.00 21.79 ? 129  ASP A OD2 1 
ATOM   925  N  N   . VAL A 1 130 ? -14.644 8.309   6.340   1.00 18.05 ? 130  VAL A N   1 
ATOM   926  C  CA  . VAL A 1 130 ? -16.009 8.453   6.800   1.00 17.91 ? 130  VAL A CA  1 
ATOM   927  C  C   . VAL A 1 130 ? -16.938 7.677   5.861   1.00 17.90 ? 130  VAL A C   1 
ATOM   928  O  O   . VAL A 1 130 ? -17.850 6.986   6.314   1.00 18.15 ? 130  VAL A O   1 
ATOM   929  C  CB  . VAL A 1 130 ? -16.396 9.941   6.862   1.00 18.18 ? 130  VAL A CB  1 
ATOM   930  C  CG1 . VAL A 1 130 ? -17.865 10.107  7.179   1.00 18.35 ? 130  VAL A CG1 1 
ATOM   931  C  CG2 . VAL A 1 130 ? -15.560 10.649  7.918   1.00 18.28 ? 130  VAL A CG2 1 
ATOM   932  N  N   . VAL A 1 131 ? -16.684 7.792   4.554   1.00 17.94 ? 131  VAL A N   1 
ATOM   933  C  CA  . VAL A 1 131 ? -17.445 7.085   3.527   1.00 17.56 ? 131  VAL A CA  1 
ATOM   934  C  C   . VAL A 1 131 ? -16.555 7.005   2.303   1.00 17.71 ? 131  VAL A C   1 
ATOM   935  O  O   . VAL A 1 131 ? -15.784 7.910   2.049   1.00 18.57 ? 131  VAL A O   1 
ATOM   936  C  CB  . VAL A 1 131 ? -18.790 7.833   3.166   1.00 17.50 ? 131  VAL A CB  1 
ATOM   937  C  CG1 . VAL A 1 131 ? -18.541 9.138   2.371   1.00 15.73 ? 131  VAL A CG1 1 
ATOM   938  C  CG2 . VAL A 1 131 ? -19.762 6.894   2.425   1.00 17.72 ? 131  VAL A CG2 1 
ATOM   939  N  N   . GLN A 1 132 ? -16.655 5.926   1.543   1.00 17.31 ? 132  GLN A N   1 
ATOM   940  C  CA  . GLN A 1 132 ? -15.966 5.842   0.273   1.00 16.68 ? 132  GLN A CA  1 
ATOM   941  C  C   . GLN A 1 132 ? -16.803 6.517   -0.815  1.00 16.90 ? 132  GLN A C   1 
ATOM   942  O  O   . GLN A 1 132 ? -18.033 6.458   -0.769  1.00 17.07 ? 132  GLN A O   1 
ATOM   943  C  CB  . GLN A 1 132 ? -15.716 4.385   -0.073  1.00 16.59 ? 132  GLN A CB  1 
ATOM   944  C  CG  . GLN A 1 132 ? -14.753 3.749   0.859   1.00 16.32 ? 132  GLN A CG  1 
ATOM   945  C  CD  . GLN A 1 132 ? -13.391 4.350   0.741   1.00 16.78 ? 132  GLN A CD  1 
ATOM   946  O  OE1 . GLN A 1 132 ? -12.938 4.672   -0.347  1.00 19.04 ? 132  GLN A OE1 1 
ATOM   947  N  NE2 . GLN A 1 132 ? -12.710 4.481   1.854   1.00 17.89 ? 132  GLN A NE2 1 
ATOM   948  N  N   . PRO A 1 133 ? -16.145 7.109   -1.833  1.00 17.07 ? 133  PRO A N   1 
ATOM   949  C  CA  . PRO A 1 133 ? -14.707 6.994   -2.037  1.00 17.16 ? 133  PRO A CA  1 
ATOM   950  C  C   . PRO A 1 133 ? -13.956 8.050   -1.285  1.00 17.26 ? 133  PRO A C   1 
ATOM   951  O  O   . PRO A 1 133 ? -14.144 9.243   -1.522  1.00 17.81 ? 133  PRO A O   1 
ATOM   952  C  CB  . PRO A 1 133 ? -14.548 7.169   -3.542  1.00 16.84 ? 133  PRO A CB  1 
ATOM   953  C  CG  . PRO A 1 133 ? -15.757 7.964   -3.972  1.00 16.70 ? 133  PRO A CG  1 
ATOM   954  C  CD  . PRO A 1 133 ? -16.781 7.920   -2.885  1.00 16.78 ? 133  PRO A CD  1 
ATOM   955  N  N   . TYR A 1 134 ? -13.116 7.601   -0.370  1.00 17.61 ? 134  TYR A N   1 
ATOM   956  C  CA  . TYR A 1 134 ? -12.230 8.498   0.327   1.00 18.69 ? 134  TYR A CA  1 
ATOM   957  C  C   . TYR A 1 134 ? -10.945 8.518   -0.490  1.00 19.69 ? 134  TYR A C   1 
ATOM   958  O  O   . TYR A 1 134 ? -9.995  7.761   -0.212  1.00 20.43 ? 134  TYR A O   1 
ATOM   959  C  CB  . TYR A 1 134 ? -12.000 8.020   1.773   1.00 18.54 ? 134  TYR A CB  1 
ATOM   960  C  CG  . TYR A 1 134 ? -11.105 8.881   2.628   1.00 18.13 ? 134  TYR A CG  1 
ATOM   961  C  CD1 . TYR A 1 134 ? -11.459 10.198  2.954   1.00 18.49 ? 134  TYR A CD1 1 
ATOM   962  C  CD2 . TYR A 1 134 ? -9.909  8.371   3.135   1.00 17.87 ? 134  TYR A CD2 1 
ATOM   963  C  CE1 . TYR A 1 134 ? -10.628 10.981  3.764   1.00 18.41 ? 134  TYR A CE1 1 
ATOM   964  C  CE2 . TYR A 1 134 ? -9.069  9.151   3.936   1.00 18.12 ? 134  TYR A CE2 1 
ATOM   965  C  CZ  . TYR A 1 134 ? -9.431  10.446  4.254   1.00 17.53 ? 134  TYR A CZ  1 
ATOM   966  O  OH  . TYR A 1 134 ? -8.583  11.184  5.056   1.00 16.53 ? 134  TYR A OH  1 
ATOM   967  N  N   . ALA A 1 135 ? -10.913 9.385   -1.509  1.00 20.13 ? 135  ALA A N   1 
ATOM   968  C  CA  . ALA A 1 135 ? -9.814  9.385   -2.463  1.00 20.27 ? 135  ALA A CA  1 
ATOM   969  C  C   . ALA A 1 135 ? -9.575  10.768  -2.977  1.00 20.76 ? 135  ALA A C   1 
ATOM   970  O  O   . ALA A 1 135 ? -10.460 11.599  -2.916  1.00 21.86 ? 135  ALA A O   1 
ATOM   971  C  CB  . ALA A 1 135 ? -10.133 8.456   -3.625  1.00 20.22 ? 135  ALA A CB  1 
ATOM   972  N  N   . LYS A 1 136 ? -8.377  11.006  -3.498  1.00 21.20 ? 136  LYS A N   1 
ATOM   973  C  CA  . LYS A 1 136 ? -8.048  12.257  -4.151  1.00 21.52 ? 136  LYS A CA  1 
ATOM   974  C  C   . LYS A 1 136 ? -7.542  11.939  -5.552  1.00 22.00 ? 136  LYS A C   1 
ATOM   975  O  O   . LYS A 1 136 ? -7.137  10.790  -5.821  1.00 22.00 ? 136  LYS A O   1 
ATOM   976  C  CB  . LYS A 1 136 ? -7.000  13.021  -3.331  1.00 21.53 ? 136  LYS A CB  1 
ATOM   977  C  CG  . LYS A 1 136 ? -7.531  13.650  -2.033  1.00 21.61 ? 136  LYS A CG  1 
ATOM   978  C  CD  . LYS A 1 136 ? -8.391  14.886  -2.279  1.00 22.00 ? 136  LYS A CD  1 
ATOM   979  C  CE  . LYS A 1 136 ? -9.001  15.439  -0.979  1.00 23.29 ? 136  LYS A CE  1 
ATOM   980  N  NZ  . LYS A 1 136 ? -9.487  16.881  -1.195  1.00 22.71 ? 136  LYS A NZ  1 
ATOM   981  N  N   . SER A 1 137 ? -7.564  12.937  -6.442  1.00 22.00 ? 137  SER A N   1 
ATOM   982  C  CA  . SER A 1 137 ? -7.088  12.750  -7.813  1.00 22.00 ? 137  SER A CA  1 
ATOM   983  C  C   . SER A 1 137 ? -5.796  13.544  -8.061  1.00 22.00 ? 137  SER A C   1 
ATOM   984  O  O   . SER A 1 137 ? -5.576  14.605  -7.475  1.00 22.00 ? 137  SER A O   1 
ATOM   985  C  CB  . SER A 1 137 ? -8.190  13.123  -8.831  1.00 22.00 ? 137  SER A CB  1 
ATOM   986  O  OG  . SER A 1 137 ? -8.755  14.422  -8.577  1.00 22.00 ? 137  SER A OG  1 
ATOM   987  N  N   . CYS A 1 138 ? -4.945  13.008  -8.930  1.00 22.00 ? 138  CYS A N   1 
ATOM   988  C  CA  . CYS A 1 138 ? -3.678  13.620  -9.302  1.00 22.00 ? 138  CYS A CA  1 
ATOM   989  C  C   . CYS A 1 138 ? -3.537  13.554  -10.806 1.00 22.00 ? 138  CYS A C   1 
ATOM   990  O  O   . CYS A 1 138 ? -3.694  12.483  -11.390 1.00 22.00 ? 138  CYS A O   1 
ATOM   991  C  CB  . CYS A 1 138 ? -2.538  12.827  -8.694  1.00 22.00 ? 138  CYS A CB  1 
ATOM   992  S  SG  . CYS A 1 138 ? -1.069  13.745  -8.843  1.00 24.43 ? 138  CYS A SG  1 
ATOM   993  N  N   . SER A 1 139 ? -3.207  14.689  -11.434 1.00 22.00 ? 139  SER A N   1 
ATOM   994  C  CA  . SER A 1 139 ? -3.277  14.782  -12.900 1.00 22.21 ? 139  SER A CA  1 
ATOM   995  C  C   . SER A 1 139 ? -2.127  15.657  -13.417 1.00 22.89 ? 139  SER A C   1 
ATOM   996  O  O   . SER A 1 139 ? -2.317  16.862  -13.677 1.00 23.14 ? 139  SER A O   1 
ATOM   997  C  CB  . SER A 1 139 ? -4.695  15.306  -13.357 1.00 22.15 ? 139  SER A CB  1 
ATOM   998  O  OG  . SER A 1 139 ? -4.908  15.332  -14.783 1.00 22.00 ? 139  SER A OG  1 
ATOM   999  N  N   . ALA A 1 140 ? -0.922  15.067  -13.536 1.00 23.61 ? 140  ALA A N   1 
ATOM   1000 C  CA  . ALA A 1 140 ? 0.140   15.811  -14.274 1.00 24.67 ? 140  ALA A CA  1 
ATOM   1001 C  C   . ALA A 1 140 ? 0.983   14.927  -15.215 1.00 25.15 ? 140  ALA A C   1 
ATOM   1002 O  O   . ALA A 1 140 ? 0.986   13.675  -15.095 1.00 25.37 ? 140  ALA A O   1 
ATOM   1003 C  CB  . ALA A 1 140 ? 1.066   16.603  -13.306 1.00 24.51 ? 140  ALA A CB  1 
ATOM   1004 N  N   . ALA A 1 141 ? 1.682   15.591  -16.151 1.00 25.27 ? 141  ALA A N   1 
ATOM   1005 C  CA  . ALA A 1 141 ? 2.546   14.897  -17.107 1.00 25.51 ? 141  ALA A CA  1 
ATOM   1006 C  C   . ALA A 1 141 ? 3.691   14.134  -16.409 1.00 25.56 ? 141  ALA A C   1 
ATOM   1007 O  O   . ALA A 1 141 ? 3.991   12.994  -16.803 1.00 25.77 ? 141  ALA A O   1 
ATOM   1008 C  CB  . ALA A 1 141 ? 3.101   15.878  -18.198 1.00 25.36 ? 141  ALA A CB  1 
ATOM   1009 N  N   . GLY A 1 142 ? 4.309   14.749  -15.390 1.00 24.89 ? 142  GLY A N   1 
ATOM   1010 C  CA  . GLY A 1 142 ? 5.463   14.133  -14.728 1.00 24.08 ? 142  GLY A CA  1 
ATOM   1011 C  C   . GLY A 1 142 ? 5.302   13.999  -13.217 1.00 23.81 ? 142  GLY A C   1 
ATOM   1012 O  O   . GLY A 1 142 ? 6.276   14.195  -12.466 1.00 23.38 ? 142  GLY A O   1 
ATOM   1013 N  N   . SER A 1 143 ? 4.084   13.654  -12.772 1.00 23.72 ? 143  SER A N   1 
ATOM   1014 C  CA  . SER A 1 143 ? 3.733   13.654  -11.336 1.00 23.93 ? 143  SER A CA  1 
ATOM   1015 C  C   . SER A 1 143 ? 4.314   12.468  -10.546 1.00 23.84 ? 143  SER A C   1 
ATOM   1016 O  O   . SER A 1 143 ? 4.792   11.493  -11.137 1.00 24.06 ? 143  SER A O   1 
ATOM   1017 C  CB  . SER A 1 143 ? 2.209   13.791  -11.125 1.00 23.75 ? 143  SER A CB  1 
ATOM   1018 O  OG  . SER A 1 143 ? 1.498   12.788  -11.832 1.00 25.29 ? 143  SER A OG  1 
ATOM   1019 N  N   . ARG A 1 144 ? 4.270   12.558  -9.210  1.00 23.49 ? 144  ARG A N   1 
ATOM   1020 C  CA  . ARG A 1 144 ? 4.943   11.570  -8.386  1.00 23.31 ? 144  ARG A CA  1 
ATOM   1021 C  C   . ARG A 1 144 ? 4.101   11.146  -7.185  1.00 23.15 ? 144  ARG A C   1 
ATOM   1022 O  O   . ARG A 1 144 ? 3.793   11.978  -6.338  1.00 23.31 ? 144  ARG A O   1 
ATOM   1023 C  CB  . ARG A 1 144 ? 6.305   12.141  -7.945  1.00 23.20 ? 144  ARG A CB  1 
ATOM   1024 C  CG  . ARG A 1 144 ? 7.341   11.956  -9.024  1.00 24.10 ? 144  ARG A CG  1 
ATOM   1025 C  CD  . ARG A 1 144 ? 8.417   13.012  -9.005  1.00 25.80 ? 144  ARG A CD  1 
ATOM   1026 N  NE  . ARG A 1 144 ? 9.112   13.002  -10.299 1.00 28.62 ? 144  ARG A NE  1 
ATOM   1027 C  CZ  . ARG A 1 144 ? 9.905   13.978  -10.746 1.00 29.76 ? 144  ARG A CZ  1 
ATOM   1028 N  NH1 . ARG A 1 144 ? 10.130  15.064  -10.001 1.00 30.54 ? 144  ARG A NH1 1 
ATOM   1029 N  NH2 . ARG A 1 144 ? 10.476  13.873  -11.946 1.00 29.45 ? 144  ARG A NH2 1 
ATOM   1030 N  N   . LEU A 1 145 ? 3.739   9.858   -7.125  1.00 22.65 ? 145  LEU A N   1 
ATOM   1031 C  CA  . LEU A 1 145 ? 2.952   9.299   -6.025  1.00 22.96 ? 145  LEU A CA  1 
ATOM   1032 C  C   . LEU A 1 145 ? 3.808   8.793   -4.860  1.00 23.07 ? 145  LEU A C   1 
ATOM   1033 O  O   . LEU A 1 145 ? 4.856   8.131   -5.085  1.00 23.13 ? 145  LEU A O   1 
ATOM   1034 C  CB  . LEU A 1 145 ? 2.118   8.128   -6.523  1.00 22.96 ? 145  LEU A CB  1 
ATOM   1035 C  CG  . LEU A 1 145 ? 0.842   8.427   -7.312  1.00 23.46 ? 145  LEU A CG  1 
ATOM   1036 C  CD1 . LEU A 1 145 ? 0.254   7.138   -7.801  1.00 23.25 ? 145  LEU A CD1 1 
ATOM   1037 C  CD2 . LEU A 1 145 ? -0.174  9.139   -6.418  1.00 23.40 ? 145  LEU A CD2 1 
ATOM   1038 N  N   . GLN A 1 146 ? 3.340   9.080   -3.629  1.00 22.31 ? 146  GLN A N   1 
ATOM   1039 C  CA  . GLN A 1 146 ? 4.011   8.631   -2.409  1.00 22.00 ? 146  GLN A CA  1 
ATOM   1040 C  C   . GLN A 1 146 ? 3.050   8.034   -1.370  1.00 21.77 ? 146  GLN A C   1 
ATOM   1041 O  O   . GLN A 1 146 ? 2.074   8.664   -0.966  1.00 21.79 ? 146  GLN A O   1 
ATOM   1042 C  CB  . GLN A 1 146 ? 4.824   9.764   -1.799  1.00 22.00 ? 146  GLN A CB  1 
ATOM   1043 C  CG  . GLN A 1 146 ? 5.865   9.289   -0.796  1.00 23.88 ? 146  GLN A CG  1 
ATOM   1044 C  CD  . GLN A 1 146 ? 6.835   10.392  -0.386  1.00 25.48 ? 146  GLN A CD  1 
ATOM   1045 O  OE1 . GLN A 1 146 ? 6.605   11.588  -0.672  1.00 27.31 ? 146  GLN A OE1 1 
ATOM   1046 N  NE2 . GLN A 1 146 ? 7.931   9.996   0.285   1.00 23.08 ? 146  GLN A NE2 1 
ATOM   1047 N  N   . ILE A 1 147 ? 3.344   6.807   -0.950  1.00 20.81 ? 147  ILE A N   1 
ATOM   1048 C  CA  . ILE A 1 147 ? 2.669   6.188   0.170   1.00 19.60 ? 147  ILE A CA  1 
ATOM   1049 C  C   . ILE A 1 147 ? 3.636   6.175   1.352   1.00 19.15 ? 147  ILE A C   1 
ATOM   1050 O  O   . ILE A 1 147 ? 4.742   5.656   1.262   1.00 19.34 ? 147  ILE A O   1 
ATOM   1051 C  CB  . ILE A 1 147 ? 2.270   4.767   -0.151  1.00 19.45 ? 147  ILE A CB  1 
ATOM   1052 C  CG1 . ILE A 1 147 ? 1.706   4.655   -1.568  1.00 20.89 ? 147  ILE A CG1 1 
ATOM   1053 C  CG2 . ILE A 1 147 ? 1.315   4.249   0.865   1.00 18.41 ? 147  ILE A CG2 1 
ATOM   1054 C  CD1 . ILE A 1 147 ? 0.371   5.321   -1.792  1.00 22.00 ? 147  ILE A CD1 1 
ATOM   1055 N  N   . VAL A 1 148 ? 3.232   6.768   2.465   1.00 18.67 ? 148  VAL A N   1 
ATOM   1056 C  CA  . VAL A 1 148 ? 4.074   6.760   3.657   1.00 18.02 ? 148  VAL A CA  1 
ATOM   1057 C  C   . VAL A 1 148 ? 3.389   5.901   4.743   1.00 18.16 ? 148  VAL A C   1 
ATOM   1058 O  O   . VAL A 1 148 ? 2.165   6.003   5.000   1.00 17.71 ? 148  VAL A O   1 
ATOM   1059 C  CB  . VAL A 1 148 ? 4.422   8.229   4.160   1.00 17.70 ? 148  VAL A CB  1 
ATOM   1060 C  CG1 . VAL A 1 148 ? 5.462   8.217   5.273   1.00 15.28 ? 148  VAL A CG1 1 
ATOM   1061 C  CG2 . VAL A 1 148 ? 4.911   9.100   3.018   1.00 17.96 ? 148  VAL A CG2 1 
ATOM   1062 N  N   . PHE A 1 149 ? 4.198   5.049   5.369   1.00 18.57 ? 149  PHE A N   1 
ATOM   1063 C  CA  . PHE A 1 149 ? 3.822   4.406   6.633   1.00 19.03 ? 149  PHE A CA  1 
ATOM   1064 C  C   . PHE A 1 149 ? 4.387   5.191   7.803   1.00 19.34 ? 149  PHE A C   1 
ATOM   1065 O  O   . PHE A 1 149 ? 5.564   5.563   7.793   1.00 19.17 ? 149  PHE A O   1 
ATOM   1066 C  CB  . PHE A 1 149 ? 4.300   2.944   6.702   1.00 19.01 ? 149  PHE A CB  1 
ATOM   1067 C  CG  . PHE A 1 149 ? 3.759   2.077   5.578   1.00 18.05 ? 149  PHE A CG  1 
ATOM   1068 C  CD1 . PHE A 1 149 ? 2.469   1.603   5.623   1.00 14.13 ? 149  PHE A CD1 1 
ATOM   1069 C  CD2 . PHE A 1 149 ? 4.546   1.764   4.470   1.00 17.09 ? 149  PHE A CD2 1 
ATOM   1070 C  CE1 . PHE A 1 149 ? 1.988   0.849   4.617   1.00 12.71 ? 149  PHE A CE1 1 
ATOM   1071 C  CE2 . PHE A 1 149 ? 4.041   0.997   3.463   1.00 14.85 ? 149  PHE A CE2 1 
ATOM   1072 C  CZ  . PHE A 1 149 ? 2.762   0.541   3.547   1.00 13.56 ? 149  PHE A CZ  1 
ATOM   1073 N  N   . CYS A 1 150 ? 3.526   5.411   8.802   1.00 19.92 ? 150  CYS A N   1 
ATOM   1074 C  CA  . CYS A 1 150 ? 3.808   6.221   9.990   1.00 20.66 ? 150  CYS A CA  1 
ATOM   1075 C  C   . CYS A 1 150 ? 4.268   7.623   9.559   1.00 21.14 ? 150  CYS A C   1 
ATOM   1076 O  O   . CYS A 1 150 ? 5.427   8.002   9.775   1.00 21.38 ? 150  CYS A O   1 
ATOM   1077 C  CB  . CYS A 1 150 ? 4.792   5.536   10.967  1.00 20.19 ? 150  CYS A CB  1 
ATOM   1078 S  SG  . CYS A 1 150 ? 4.405   3.788   11.409  1.00 22.00 ? 150  CYS A SG  1 
ATOM   1079 N  N   . PRO A 1 151 ? 3.357   8.397   8.931   1.00 21.38 ? 151  PRO A N   1 
ATOM   1080 C  CA  . PRO A 1 151 ? 3.678   9.743   8.522   1.00 21.63 ? 151  PRO A CA  1 
ATOM   1081 C  C   . PRO A 1 151 ? 3.831   10.697  9.716   1.00 22.00 ? 151  PRO A C   1 
ATOM   1082 O  O   . PRO A 1 151 ? 4.574   11.677  9.582   1.00 22.00 ? 151  PRO A O   1 
ATOM   1083 C  CB  . PRO A 1 151 ? 2.446   10.145  7.713   1.00 21.85 ? 151  PRO A CB  1 
ATOM   1084 C  CG  . PRO A 1 151 ? 1.344   9.371   8.295   1.00 21.90 ? 151  PRO A CG  1 
ATOM   1085 C  CD  . PRO A 1 151 ? 1.946   8.066   8.649   1.00 21.65 ? 151  PRO A CD  1 
ATOM   1086 O  OXT . PRO A 1 151 ? 3.242   10.510  10.808  1.00 22.00 ? 151  PRO A OXT 1 
HETATM 1087 NA NA  . NA  B 2 .   ? 7.365   -11.631 0.213   1.00 28.06 ? 152  NA  A NA  1 
HETATM 1088 C  C1  A GOL C 3 .   ? -6.716  -4.015  -12.657 0.50 41.75 ? 2690 GOL A C1  1 
HETATM 1089 C  C1  B GOL C 3 .   ? -8.921  -2.897  -12.533 0.50 42.98 ? 2690 GOL A C1  1 
HETATM 1090 O  O1  A GOL C 3 .   ? -6.532  -5.432  -12.468 0.50 40.78 ? 2690 GOL A O1  1 
HETATM 1091 O  O1  B GOL C 3 .   ? -7.478  -3.282  -12.625 0.50 42.47 ? 2690 GOL A O1  1 
HETATM 1092 C  C2  A GOL C 3 .   ? -7.941  -3.686  -13.523 0.50 41.79 ? 2690 GOL A C2  1 
HETATM 1093 C  C2  B GOL C 3 .   ? -8.959  -1.531  -13.360 0.50 43.37 ? 2690 GOL A C2  1 
HETATM 1094 O  O2  A GOL C 3 .   ? -8.627  -4.858  -14.007 0.50 41.84 ? 2690 GOL A O2  1 
HETATM 1095 O  O2  B GOL C 3 .   ? -8.273  -1.751  -14.686 0.50 44.09 ? 2690 GOL A O2  1 
HETATM 1096 C  C3  A GOL C 3 .   ? -8.920  -2.807  -12.746 0.50 42.24 ? 2690 GOL A C3  1 
HETATM 1097 C  C3  B GOL C 3 .   ? -10.417 -1.054  -13.567 0.50 42.81 ? 2690 GOL A C3  1 
HETATM 1098 O  O3  A GOL C 3 .   ? -9.989  -2.458  -13.678 0.50 42.80 ? 2690 GOL A O3  1 
HETATM 1099 O  O3  B GOL C 3 .   ? -10.381 0.372   -14.153 0.50 41.89 ? 2690 GOL A O3  1 
HETATM 1100 O  O   . HOH D 4 .   ? -3.297  -15.506 5.215   1.00 15.25 ? 153  HOH A O   1 
HETATM 1101 O  O   . HOH D 4 .   ? -11.967 12.861  -0.450  1.00 15.92 ? 154  HOH A O   1 
HETATM 1102 O  O   . HOH D 4 .   ? 0.574   19.074  -3.980  1.00 19.25 ? 155  HOH A O   1 
HETATM 1103 O  O   . HOH D 4 .   ? 7.019   -23.660 -3.004  1.00 3.43  ? 156  HOH A O   1 
HETATM 1104 O  O   . HOH D 4 .   ? -6.154  13.106  -18.781 1.00 9.02  ? 157  HOH A O   1 
HETATM 1105 O  O   . HOH D 4 .   ? -16.633 3.865   6.318   1.00 18.61 ? 158  HOH A O   1 
HETATM 1106 O  O   . HOH D 4 .   ? 17.973  -7.681  6.712   1.00 22.85 ? 159  HOH A O   1 
HETATM 1107 O  O   . HOH D 4 .   ? 3.269   -0.471  -9.823  1.00 31.20 ? 160  HOH A O   1 
HETATM 1108 O  O   . HOH D 4 .   ? -11.232 -8.180  -2.171  0.50 21.67 ? 161  HOH A O   1 
HETATM 1109 O  O   . HOH D 4 .   ? 0.346   16.036  -1.811  1.00 25.32 ? 162  HOH A O   1 
HETATM 1110 O  O   . HOH D 4 .   ? -2.518  -10.739 -3.637  1.00 37.12 ? 163  HOH A O   1 
HETATM 1111 O  O   . HOH D 4 .   ? 1.752   -5.407  14.549  1.00 13.65 ? 164  HOH A O   1 
HETATM 1112 O  O   . HOH D 4 .   ? -2.670  15.452  10.277  1.00 27.35 ? 165  HOH A O   1 
HETATM 1113 O  O   . HOH D 4 .   ? 7.211   9.326   -5.698  1.00 9.99  ? 166  HOH A O   1 
HETATM 1114 O  O   . HOH D 4 .   ? -8.900  -1.642  6.409   1.00 22.34 ? 167  HOH A O   1 
HETATM 1115 O  O   . HOH D 4 .   ? 24.250  -19.559 5.175   1.00 28.78 ? 168  HOH A O   1 
HETATM 1116 O  O   . HOH D 4 .   ? -6.512  -9.099  -6.088  1.00 18.61 ? 169  HOH A O   1 
HETATM 1117 O  O   . HOH D 4 .   ? 4.014   -18.981 12.172  1.00 7.42  ? 170  HOH A O   1 
HETATM 1118 O  O   . HOH D 4 .   ? -1.133  8.800   -25.479 1.00 17.77 ? 171  HOH A O   1 
HETATM 1119 O  O   . HOH D 4 .   ? -14.810 -1.896  10.869  1.00 19.56 ? 172  HOH A O   1 
HETATM 1120 O  O   . HOH D 4 .   ? 0.822   1.129   14.273  1.00 26.80 ? 173  HOH A O   1 
HETATM 1121 O  O   . HOH D 4 .   ? -6.484  16.446  -5.423  1.00 30.69 ? 174  HOH A O   1 
HETATM 1122 O  O   . HOH D 4 .   ? -1.221  -1.975  6.121   1.00 29.96 ? 175  HOH A O   1 
HETATM 1123 O  O   . HOH D 4 .   ? 7.156   11.816  -4.148  1.00 40.73 ? 176  HOH A O   1 
HETATM 1124 O  O   . HOH D 4 .   ? 2.550   -13.902 -5.214  1.00 28.52 ? 177  HOH A O   1 
HETATM 1125 O  O   . HOH D 4 .   ? -8.411  17.617  -5.016  1.00 14.44 ? 178  HOH A O   1 
HETATM 1126 O  O   . HOH D 4 .   ? 22.741  -16.783 4.733   1.00 13.37 ? 179  HOH A O   1 
# 
